data_8FR6
#
_entry.id   8FR6
#
_cell.length_a   1.00
_cell.length_b   1.00
_cell.length_c   1.00
_cell.angle_alpha   90.00
_cell.angle_beta   90.00
_cell.angle_gamma   90.00
#
_symmetry.space_group_name_H-M   'P 1'
#
loop_
_entity.id
_entity.type
_entity.pdbx_description
1 polymer 'Envelope glycoprotein gp41'
2 polymer 'Envelope glycoprotein gp120'
3 polymer 'vFP53.02 Fab heavy chain'
4 polymer 'vFP53.02 Fab light chain'
5 branched 2-acetamido-2-deoxy-beta-D-glucopyranose-(1-4)-2-acetamido-2-deoxy-beta-D-glucopyranose
6 branched alpha-D-mannopyranose-(1-3)-[alpha-D-mannopyranose-(1-6)]beta-D-mannopyranose-(1-4)-2-acetamido-2-deoxy-beta-D-glucopyranose-(1-4)-2-acetamido-2-deoxy-beta-D-glucopyranose
7 branched beta-D-mannopyranose-(1-4)-2-acetamido-2-deoxy-beta-D-glucopyranose-(1-4)-2-acetamido-2-deoxy-beta-D-glucopyranose
8 branched alpha-D-mannopyranose-(1-2)-alpha-D-mannopyranose-(1-3)-[alpha-D-mannopyranose-(1-6)]beta-D-mannopyranose-(1-4)-2-acetamido-2-deoxy-beta-D-glucopyranose-(1-4)-2-acetamido-2-deoxy-beta-D-glucopyranose
9 non-polymer 2-acetamido-2-deoxy-beta-D-glucopyranose
#
loop_
_entity_poly.entity_id
_entity_poly.type
_entity_poly.pdbx_seq_one_letter_code
_entity_poly.pdbx_strand_id
1 'polypeptide(L)'
;AVGIGAVFLGFLGAAGSTMGAASMTLTVQARNLLSGIVQQQSNLLRAIEAQQHLLKLTVWGIKQLQARVLAVERYLRDQQ
LLGIWGCSGKLICCTNVPWNSSWSNRNLSEIWDNMTWLQWDKEISNYTQIIYGLLEESQNQQEKNEQDLLALD
;
A,B,F
2 'polypeptide(L)'
;AENLWVTVYYGVPVWKDAETTLFCASDAKAYETEKHNVWATHACVPTDPNPQEIHLENVTEEFNMWKNNMVEQMHTDIIS
LWDQSLKPCVKLTPLCVTLQCTNVTNNITDDMRGELKNCSFNMTTELRDKKQKVYSLFYRLDVVQINENQGNRSNNSNKE
YRLINCNTSACTQACPKVSFEPIPIHYCAPAGFAILKCKDKKFNGTGPCPSVSTVQCTHGIKPVVSTQLLLNGSLAEEEV
MIRSENITNNAKNILVQFNTPVQINCTRPNNNTRKSIRIGPGQAFYATGDIIGDIRQAHCNVSKATWNETLGKVVKQLRK
HFGNNTIIRFANSSGGDLEVTTHSFNCGGEFFYCNTSGLFNSTWISNTSVQGSNSTGSNDSITLPCRIKQIINMWQRIGQ
CMYAPPIQGVIRCVSNITGLILTRDGGSTNSTTETFRPGGGDMRDNWRSELYKYKVVKIEPLGVAPTRCKRRV
;
C,G,I
3 'polypeptide(L)'
;QAQLQQSGTELVRPGASVTLSCKASGYKFNDYEIHWVKQTPVHGLEWIGAIVPETGFTAYSQKFRGKALLTADKSSSTVY
MDLRSLTSADSAVFYCSRLQLFGYFDVWGTGTTVIVSSASTKGPSVFPLAPSSKSTSGGTAALGCLVKDYFPEPVTVSWN
SGALTSGVHTFPAVLQSSGLYSLSSVVTVPSSSLGTQTYICNVNHKPSNTKVDKKVEPKSCDKGLEVLFQ
;
D,H,J
4 'polypeptide(L)'
;DVLMTQNPLSLPVSLGDQASISCRSSQSVVYSDGNAYLEWYLQKPGQSPKLLIYKASNRFSGVPDRFSASGSGTDFTLRI
SRVETEDLGLYYCFQGTHIPYTFGGGTKLEMKRTVAAPSVFIFPPSDEQLKSGTASVVCLLNNFYPREAKVQWKVDNALQ
SGNSQESVTEQDSKDSTYSLSSTLTLSKADYEKHKVYACEVTHQGLSSPVTKSFNRGEC
;
E,L,K
#
# COMPACT_ATOMS: atom_id res chain seq x y z
N ALA A 1 -40.95 -3.74 17.42
CA ALA A 1 -39.53 -3.77 17.89
C ALA A 1 -38.69 -4.66 16.98
N VAL A 2 -37.42 -4.30 16.82
CA VAL A 2 -36.53 -5.11 15.98
C VAL A 2 -36.36 -6.50 16.57
N GLY A 3 -36.21 -6.60 17.87
CA GLY A 3 -35.99 -7.87 18.53
C GLY A 3 -34.53 -8.10 18.85
N ILE A 4 -34.29 -8.93 19.87
CA ILE A 4 -32.93 -9.20 20.33
C ILE A 4 -32.18 -10.14 19.40
N GLY A 5 -32.86 -10.74 18.41
CA GLY A 5 -32.16 -11.59 17.46
C GLY A 5 -31.19 -10.83 16.58
N ALA A 6 -31.52 -9.59 16.22
CA ALA A 6 -30.59 -8.78 15.43
C ALA A 6 -29.27 -8.59 16.17
N VAL A 7 -29.32 -8.51 17.50
CA VAL A 7 -28.08 -8.46 18.27
C VAL A 7 -27.29 -9.75 18.09
N PHE A 8 -27.98 -10.90 18.15
CA PHE A 8 -27.31 -12.17 17.89
C PHE A 8 -26.69 -12.20 16.52
N LEU A 9 -27.29 -11.51 15.55
CA LEU A 9 -26.76 -11.47 14.19
C LEU A 9 -25.71 -10.38 13.99
N GLY A 10 -25.36 -9.64 15.04
CA GLY A 10 -24.34 -8.62 14.93
C GLY A 10 -22.93 -9.18 15.07
N PHE A 11 -21.96 -8.33 14.78
CA PHE A 11 -20.56 -8.73 14.87
C PHE A 11 -20.23 -9.14 16.30
N LEU A 12 -19.72 -10.35 16.47
CA LEU A 12 -19.36 -10.92 17.76
C LEU A 12 -20.57 -11.05 18.69
N GLY A 13 -21.78 -10.96 18.16
CA GLY A 13 -22.97 -11.05 19.00
C GLY A 13 -23.11 -12.38 19.70
N ALA A 14 -22.55 -13.44 19.12
CA ALA A 14 -22.63 -14.78 19.68
C ALA A 14 -21.39 -15.17 20.46
N ALA A 15 -20.51 -14.21 20.75
CA ALA A 15 -19.27 -14.53 21.47
C ALA A 15 -19.57 -15.15 22.83
N GLY A 16 -20.69 -14.81 23.44
CA GLY A 16 -21.04 -15.34 24.75
C GLY A 16 -21.98 -16.53 24.67
N SER A 17 -22.54 -16.78 23.49
CA SER A 17 -23.45 -17.90 23.31
C SER A 17 -22.68 -19.21 23.17
N THR A 18 -23.40 -20.31 23.31
CA THR A 18 -22.79 -21.62 23.16
C THR A 18 -22.25 -21.78 21.74
N MET A 19 -21.11 -22.44 21.63
CA MET A 19 -20.48 -22.63 20.32
C MET A 19 -21.42 -23.29 19.33
N GLY A 20 -22.29 -24.19 19.80
CA GLY A 20 -23.29 -24.75 18.90
C GLY A 20 -24.19 -23.70 18.30
N ALA A 21 -24.62 -22.73 19.12
CA ALA A 21 -25.42 -21.63 18.61
C ALA A 21 -24.58 -20.62 17.86
N ALA A 22 -23.34 -20.39 18.29
CA ALA A 22 -22.47 -19.45 17.60
C ALA A 22 -22.06 -19.94 16.21
N SER A 23 -22.19 -21.25 15.95
CA SER A 23 -21.85 -21.79 14.64
C SER A 23 -22.78 -21.31 13.54
N MET A 24 -23.89 -20.69 13.89
CA MET A 24 -24.86 -20.20 12.91
C MET A 24 -24.65 -18.75 12.53
N THR A 25 -23.58 -18.11 13.01
CA THR A 25 -23.28 -16.72 12.69
C THR A 25 -21.83 -16.55 12.27
N LEU A 26 -21.26 -17.58 11.64
CA LEU A 26 -19.87 -17.51 11.20
C LEU A 26 -19.68 -16.45 10.13
N THR A 27 -20.63 -16.34 9.21
CA THR A 27 -20.51 -15.43 8.09
C THR A 27 -20.31 -13.99 8.53
N VAL A 28 -20.84 -13.61 9.69
CA VAL A 28 -20.69 -12.23 10.15
C VAL A 28 -19.22 -11.90 10.37
N GLN A 29 -18.52 -12.74 11.13
CA GLN A 29 -17.10 -12.52 11.36
C GLN A 29 -16.31 -12.68 10.07
N ALA A 30 -16.65 -13.70 9.28
CA ALA A 30 -15.94 -13.92 8.02
C ALA A 30 -15.99 -12.70 7.13
N ARG A 31 -17.16 -12.05 7.05
CA ARG A 31 -17.29 -10.84 6.25
C ARG A 31 -16.61 -9.66 6.90
N ASN A 32 -16.68 -9.54 8.23
CA ASN A 32 -16.00 -8.44 8.90
C ASN A 32 -14.51 -8.47 8.63
N LEU A 33 -13.93 -9.66 8.44
CA LEU A 33 -12.50 -9.73 8.14
C LEU A 33 -12.11 -8.92 6.90
N LEU A 34 -13.04 -8.73 5.96
CA LEU A 34 -12.76 -7.99 4.73
C LEU A 34 -13.55 -6.68 4.65
N SER A 35 -14.01 -6.16 5.78
CA SER A 35 -14.86 -4.97 5.76
C SER A 35 -14.12 -3.78 5.14
N GLY A 36 -14.88 -2.97 4.42
CA GLY A 36 -14.32 -1.78 3.80
C GLY A 36 -15.38 -0.96 3.07
N THR A 58 0.45 12.22 5.36
CA THR A 58 1.09 11.20 4.55
C THR A 58 1.42 9.97 5.39
N VAL A 59 1.98 10.20 6.58
CA VAL A 59 2.29 9.10 7.48
C VAL A 59 1.01 8.38 7.90
N TRP A 60 -0.06 9.13 8.13
CA TRP A 60 -1.34 8.50 8.46
C TRP A 60 -1.81 7.61 7.32
N GLY A 61 -1.72 8.10 6.09
CA GLY A 61 -2.10 7.28 4.95
C GLY A 61 -1.23 6.05 4.82
N ILE A 62 0.08 6.19 5.06
CA ILE A 62 0.98 5.06 4.99
C ILE A 62 0.59 4.01 6.02
N LYS A 63 0.29 4.44 7.25
CA LYS A 63 -0.09 3.49 8.29
C LYS A 63 -1.41 2.81 7.97
N GLN A 64 -2.39 3.57 7.49
CA GLN A 64 -3.67 2.96 7.11
C GLN A 64 -3.49 1.93 6.00
N LEU A 65 -2.68 2.28 4.99
CA LEU A 65 -2.43 1.36 3.89
C LEU A 65 -1.72 0.10 4.37
N GLN A 66 -0.75 0.26 5.26
CA GLN A 66 -0.06 -0.90 5.82
C GLN A 66 -1.03 -1.80 6.57
N ALA A 67 -1.93 -1.20 7.36
CA ALA A 67 -2.92 -2.00 8.07
C ALA A 67 -3.83 -2.75 7.11
N ARG A 68 -4.28 -2.09 6.05
CA ARG A 68 -5.14 -2.75 5.07
C ARG A 68 -4.42 -3.90 4.39
N VAL A 69 -3.16 -3.68 3.99
CA VAL A 69 -2.39 -4.73 3.33
C VAL A 69 -2.18 -5.91 4.27
N LEU A 70 -1.89 -5.62 5.54
CA LEU A 70 -1.70 -6.69 6.50
C LEU A 70 -2.98 -7.49 6.71
N ALA A 71 -4.12 -6.81 6.77
CA ALA A 71 -5.39 -7.52 6.89
C ALA A 71 -5.62 -8.43 5.68
N VAL A 72 -5.36 -7.91 4.47
CA VAL A 72 -5.52 -8.72 3.27
C VAL A 72 -4.61 -9.94 3.32
N GLU A 73 -3.36 -9.74 3.74
CA GLU A 73 -2.42 -10.85 3.81
C GLU A 73 -2.86 -11.90 4.81
N ARG A 74 -3.37 -11.47 5.97
CA ARG A 74 -3.85 -12.42 6.97
C ARG A 74 -5.04 -13.22 6.43
N TYR A 75 -5.98 -12.54 5.78
CA TYR A 75 -7.12 -13.24 5.21
C TYR A 75 -6.68 -14.26 4.16
N LEU A 76 -5.73 -13.86 3.31
CA LEU A 76 -5.25 -14.77 2.27
C LEU A 76 -4.53 -15.96 2.87
N ARG A 77 -3.76 -15.74 3.94
CA ARG A 77 -3.10 -16.86 4.60
C ARG A 77 -4.12 -17.83 5.17
N ASP A 78 -5.16 -17.31 5.80
CA ASP A 78 -6.20 -18.18 6.34
C ASP A 78 -6.88 -18.98 5.23
N GLN A 79 -7.20 -18.32 4.12
CA GLN A 79 -7.84 -19.01 3.00
C GLN A 79 -6.92 -20.08 2.41
N GLN A 80 -5.62 -19.77 2.30
CA GLN A 80 -4.67 -20.75 1.79
C GLN A 80 -4.60 -21.96 2.71
N LEU A 81 -4.61 -21.72 4.02
CA LEU A 81 -4.63 -22.84 4.98
C LEU A 81 -5.88 -23.70 4.77
N LEU A 82 -7.05 -23.05 4.69
CA LEU A 82 -8.29 -23.80 4.48
C LEU A 82 -8.22 -24.64 3.21
N GLY A 83 -7.73 -24.05 2.13
CA GLY A 83 -7.58 -24.81 0.89
C GLY A 83 -6.61 -25.96 1.04
N ILE A 84 -5.51 -25.74 1.76
CA ILE A 84 -4.53 -26.79 1.99
C ILE A 84 -5.13 -27.94 2.78
N TRP A 85 -6.18 -27.68 3.57
CA TRP A 85 -6.91 -28.73 4.24
C TRP A 85 -8.06 -29.30 3.42
N GLY A 86 -8.23 -28.84 2.18
CA GLY A 86 -9.36 -29.28 1.39
C GLY A 86 -10.68 -28.65 1.78
N CYS A 87 -10.63 -27.53 2.52
CA CYS A 87 -11.82 -26.85 3.01
C CYS A 87 -12.05 -25.51 2.32
N SER A 88 -11.57 -25.38 1.08
CA SER A 88 -11.67 -24.11 0.37
C SER A 88 -13.13 -23.78 0.06
N GLY A 89 -13.51 -22.54 0.34
CA GLY A 89 -14.84 -22.05 0.04
C GLY A 89 -15.91 -22.42 1.05
N LYS A 90 -15.57 -23.15 2.10
CA LYS A 90 -16.52 -23.58 3.11
C LYS A 90 -16.23 -22.92 4.44
N LEU A 91 -17.30 -22.56 5.15
CA LEU A 91 -17.18 -22.05 6.51
C LEU A 91 -17.22 -23.16 7.54
N ILE A 92 -17.94 -24.24 7.25
CA ILE A 92 -17.93 -25.46 8.05
C ILE A 92 -17.47 -26.59 7.14
N CYS A 93 -16.40 -27.27 7.53
CA CYS A 93 -15.79 -28.29 6.69
C CYS A 93 -15.54 -29.54 7.53
N CYS A 94 -16.24 -30.62 7.20
CA CYS A 94 -16.01 -31.91 7.85
C CYS A 94 -14.82 -32.61 7.22
N THR A 95 -14.00 -33.23 8.07
CA THR A 95 -12.71 -33.79 7.68
C THR A 95 -12.66 -35.28 8.00
N ASN A 96 -11.54 -35.90 7.67
CA ASN A 96 -11.31 -37.33 7.90
C ASN A 96 -10.44 -37.60 9.13
N VAL A 97 -10.00 -36.56 9.82
CA VAL A 97 -9.10 -36.71 10.97
C VAL A 97 -9.95 -37.08 12.18
N PRO A 98 -9.75 -38.25 12.78
CA PRO A 98 -10.51 -38.58 13.99
C PRO A 98 -10.07 -37.74 15.17
N TRP A 99 -11.00 -37.50 16.09
CA TRP A 99 -10.72 -36.68 17.26
C TRP A 99 -10.03 -37.52 18.33
N ASN A 100 -8.91 -37.02 18.82
CA ASN A 100 -8.18 -37.67 19.90
C ASN A 100 -8.77 -37.31 21.25
N SER A 101 -8.95 -38.33 22.10
CA SER A 101 -9.39 -38.07 23.47
C SER A 101 -8.34 -37.34 24.27
N SER A 102 -7.08 -37.41 23.87
CA SER A 102 -6.03 -36.68 24.58
C SER A 102 -6.26 -35.18 24.48
N TRP A 103 -6.64 -34.69 23.30
CA TRP A 103 -6.90 -33.27 23.13
C TRP A 103 -8.02 -32.80 24.04
N SER A 104 -9.11 -33.57 24.11
CA SER A 104 -10.22 -33.23 25.00
C SER A 104 -11.09 -34.47 25.16
N ASN A 105 -11.18 -34.98 26.39
CA ASN A 105 -12.06 -36.10 26.69
C ASN A 105 -13.50 -35.66 26.91
N ARG A 106 -13.79 -34.37 26.74
CA ARG A 106 -15.13 -33.85 27.00
C ARG A 106 -16.14 -34.43 26.01
N ASN A 107 -17.39 -34.49 26.45
CA ASN A 107 -18.46 -35.05 25.64
C ASN A 107 -18.82 -34.10 24.50
N LEU A 108 -19.72 -34.55 23.63
CA LEU A 108 -20.20 -33.71 22.54
C LEU A 108 -21.26 -32.72 23.02
N SER A 109 -22.21 -33.19 23.83
CA SER A 109 -23.23 -32.29 24.36
C SER A 109 -22.60 -31.17 25.19
N GLU A 110 -21.64 -31.51 26.04
CA GLU A 110 -20.95 -30.50 26.82
C GLU A 110 -20.37 -29.42 25.89
N ILE A 111 -19.59 -29.85 24.90
CA ILE A 111 -18.89 -28.89 24.05
C ILE A 111 -19.89 -28.01 23.29
N TRP A 112 -20.90 -28.62 22.70
CA TRP A 112 -21.76 -27.90 21.76
C TRP A 112 -23.02 -27.33 22.40
N ASP A 113 -23.20 -27.47 23.72
CA ASP A 113 -24.36 -26.87 24.38
C ASP A 113 -24.04 -26.17 25.69
N ASN A 114 -22.81 -26.26 26.20
CA ASN A 114 -22.43 -25.59 27.43
C ASN A 114 -21.34 -24.56 27.23
N MET A 115 -20.24 -24.93 26.57
CA MET A 115 -19.11 -24.04 26.41
C MET A 115 -19.34 -23.04 25.29
N THR A 116 -18.48 -22.02 25.25
CA THR A 116 -18.41 -21.05 24.17
C THR A 116 -17.08 -21.18 23.45
N TRP A 117 -16.99 -20.54 22.30
CA TRP A 117 -15.80 -20.71 21.46
C TRP A 117 -14.55 -20.16 22.15
N LEU A 118 -14.70 -19.12 22.96
CA LEU A 118 -13.55 -18.59 23.69
C LEU A 118 -13.02 -19.61 24.70
N GLN A 119 -13.92 -20.21 25.49
CA GLN A 119 -13.52 -21.22 26.45
C GLN A 119 -12.88 -22.41 25.74
N TRP A 120 -13.50 -22.85 24.65
CA TRP A 120 -12.98 -23.99 23.91
C TRP A 120 -11.61 -23.71 23.33
N ASP A 121 -11.42 -22.49 22.80
CA ASP A 121 -10.10 -22.11 22.29
C ASP A 121 -9.06 -22.13 23.41
N LYS A 122 -9.42 -21.62 24.59
CA LYS A 122 -8.51 -21.69 25.72
C LYS A 122 -8.15 -23.14 26.04
N GLU A 123 -9.14 -24.03 26.02
CA GLU A 123 -8.87 -25.43 26.36
C GLU A 123 -7.94 -26.08 25.34
N ILE A 124 -8.23 -25.94 24.05
CA ILE A 124 -7.50 -26.70 23.04
C ILE A 124 -6.38 -25.90 22.39
N SER A 125 -6.00 -24.76 22.96
CA SER A 125 -4.92 -23.98 22.36
C SER A 125 -3.62 -24.76 22.29
N ASN A 126 -3.43 -25.74 23.18
CA ASN A 126 -2.18 -26.47 23.23
C ASN A 126 -2.00 -27.38 22.02
N TYR A 127 -3.07 -28.01 21.56
CA TYR A 127 -3.01 -29.03 20.53
C TYR A 127 -3.30 -28.50 19.13
N THR A 128 -3.42 -27.18 18.98
CA THR A 128 -3.87 -26.61 17.71
C THR A 128 -2.91 -26.95 16.58
N GLN A 129 -1.60 -26.82 16.82
CA GLN A 129 -0.63 -27.11 15.78
C GLN A 129 -0.64 -28.59 15.41
N ILE A 130 -0.82 -29.46 16.39
CA ILE A 130 -0.91 -30.90 16.10
C ILE A 130 -2.10 -31.17 15.20
N ILE A 131 -3.25 -30.56 15.52
CA ILE A 131 -4.44 -30.77 14.70
C ILE A 131 -4.22 -30.22 13.28
N TYR A 132 -3.55 -29.07 13.17
CA TYR A 132 -3.28 -28.50 11.86
C TYR A 132 -2.40 -29.42 11.03
N GLY A 133 -1.34 -29.96 11.63
CA GLY A 133 -0.49 -30.88 10.92
C GLY A 133 -1.23 -32.15 10.51
N LEU A 134 -2.07 -32.67 11.39
CA LEU A 134 -2.86 -33.85 11.04
C LEU A 134 -3.81 -33.56 9.89
N LEU A 135 -4.42 -32.37 9.88
CA LEU A 135 -5.29 -32.00 8.78
C LEU A 135 -4.52 -31.93 7.47
N GLU A 136 -3.32 -31.33 7.50
CA GLU A 136 -2.51 -31.26 6.30
C GLU A 136 -2.15 -32.65 5.80
N GLU A 137 -1.73 -33.53 6.71
CA GLU A 137 -1.38 -34.89 6.30
C GLU A 137 -2.59 -35.63 5.74
N SER A 138 -3.75 -35.46 6.36
CA SER A 138 -4.95 -36.11 5.87
C SER A 138 -5.31 -35.62 4.47
N GLN A 139 -5.22 -34.30 4.24
CA GLN A 139 -5.53 -33.79 2.92
C GLN A 139 -4.53 -34.28 1.89
N ASN A 140 -3.24 -34.34 2.24
CA ASN A 140 -2.26 -34.87 1.30
C ASN A 140 -2.55 -36.34 0.97
N GLN A 141 -2.85 -37.13 2.00
CA GLN A 141 -3.17 -38.53 1.78
C GLN A 141 -4.42 -38.68 0.91
N GLN A 142 -5.45 -37.86 1.16
CA GLN A 142 -6.66 -37.94 0.35
C GLN A 142 -6.38 -37.50 -1.09
N GLU A 143 -5.55 -36.48 -1.27
CA GLU A 143 -5.23 -36.04 -2.62
C GLU A 143 -4.48 -37.12 -3.39
N LYS A 144 -3.52 -37.77 -2.74
CA LYS A 144 -2.76 -38.80 -3.44
C LYS A 144 -3.60 -40.06 -3.64
N ASN A 145 -4.51 -40.36 -2.72
CA ASN A 145 -5.44 -41.47 -2.94
C ASN A 145 -6.38 -41.18 -4.08
N GLU A 146 -6.86 -39.94 -4.19
CA GLU A 146 -7.66 -39.55 -5.34
C GLU A 146 -6.85 -39.71 -6.61
N GLN A 147 -5.59 -39.27 -6.59
CA GLN A 147 -4.75 -39.39 -7.77
C GLN A 147 -4.42 -40.84 -8.09
N ASP A 148 -4.42 -41.72 -7.09
CA ASP A 148 -4.07 -43.11 -7.35
C ASP A 148 -5.28 -43.90 -7.86
N LEU A 149 -6.44 -43.70 -7.23
CA LEU A 149 -7.69 -44.18 -7.82
C LEU A 149 -7.88 -43.62 -9.22
N LEU A 150 -7.35 -42.43 -9.49
CA LEU A 150 -7.34 -41.89 -10.83
C LEU A 150 -6.17 -42.44 -11.64
N ALA A 151 -5.23 -43.13 -10.98
CA ALA A 151 -4.27 -43.98 -11.66
C ALA A 151 -4.86 -45.33 -12.02
N LEU A 152 -6.06 -45.63 -11.52
CA LEU A 152 -6.67 -46.94 -11.74
C LEU A 152 -7.86 -46.88 -12.71
N ASP A 153 -8.74 -45.89 -12.56
CA ASP A 153 -9.90 -45.75 -13.45
C ASP A 153 -9.49 -45.70 -14.93
N ALA B 1 19.88 -36.69 15.97
CA ALA B 1 20.02 -35.75 14.83
C ALA B 1 18.67 -35.49 14.17
N VAL B 2 18.50 -34.28 13.64
CA VAL B 2 17.24 -33.94 12.97
C VAL B 2 17.05 -34.83 11.74
N GLY B 3 18.11 -35.04 10.98
CA GLY B 3 18.02 -35.82 9.76
C GLY B 3 17.95 -34.95 8.53
N ILE B 4 18.38 -35.50 7.39
CA ILE B 4 18.42 -34.75 6.14
C ILE B 4 17.05 -34.57 5.52
N GLY B 5 16.02 -35.25 6.05
CA GLY B 5 14.67 -35.06 5.53
C GLY B 5 14.12 -33.67 5.77
N ALA B 6 14.46 -33.06 6.91
CA ALA B 6 14.04 -31.70 7.17
C ALA B 6 14.54 -30.75 6.10
N VAL B 7 15.74 -31.01 5.55
CA VAL B 7 16.22 -30.21 4.43
C VAL B 7 15.30 -30.40 3.22
N PHE B 8 14.91 -31.64 2.94
CA PHE B 8 13.98 -31.89 1.86
C PHE B 8 12.67 -31.14 2.07
N LEU B 9 12.28 -30.96 3.33
CA LEU B 9 11.04 -30.26 3.65
C LEU B 9 11.22 -28.75 3.74
N GLY B 10 12.43 -28.24 3.46
CA GLY B 10 12.67 -26.80 3.48
C GLY B 10 12.28 -26.14 2.17
N PHE B 11 12.28 -24.81 2.19
CA PHE B 11 11.94 -24.04 1.01
C PHE B 11 12.93 -24.34 -0.11
N LEU B 12 12.40 -24.75 -1.26
CA LEU B 12 13.18 -25.13 -2.43
C LEU B 12 14.11 -26.31 -2.17
N GLY B 13 13.89 -27.05 -1.08
CA GLY B 13 14.76 -28.16 -0.77
C GLY B 13 14.74 -29.26 -1.82
N ALA B 14 13.64 -29.38 -2.56
CA ALA B 14 13.48 -30.41 -3.57
C ALA B 14 13.77 -29.89 -4.97
N ALA B 15 14.33 -28.68 -5.09
CA ALA B 15 14.59 -28.12 -6.41
C ALA B 15 15.51 -29.02 -7.23
N GLY B 16 16.40 -29.77 -6.59
CA GLY B 16 17.30 -30.64 -7.29
C GLY B 16 16.81 -32.08 -7.38
N SER B 17 15.77 -32.40 -6.63
CA SER B 17 15.23 -33.75 -6.64
C SER B 17 14.35 -33.97 -7.86
N THR B 18 14.06 -35.24 -8.13
CA THR B 18 13.19 -35.57 -9.25
C THR B 18 11.81 -34.97 -9.04
N MET B 19 11.20 -34.50 -10.13
CA MET B 19 9.89 -33.87 -10.03
C MET B 19 8.87 -34.78 -9.37
N GLY B 20 8.97 -36.09 -9.58
CA GLY B 20 8.10 -37.01 -8.87
C GLY B 20 8.24 -36.88 -7.36
N ALA B 21 9.48 -36.78 -6.88
CA ALA B 21 9.70 -36.57 -5.45
C ALA B 21 9.41 -35.14 -5.02
N ALA B 22 9.69 -34.16 -5.88
CA ALA B 22 9.40 -32.77 -5.55
C ALA B 22 7.91 -32.49 -5.47
N SER B 23 7.08 -33.35 -6.06
CA SER B 23 5.64 -33.16 -6.02
C SER B 23 5.07 -33.32 -4.61
N MET B 24 5.86 -33.83 -3.67
CA MET B 24 5.40 -34.06 -2.30
C MET B 24 5.74 -32.89 -1.37
N THR B 25 6.29 -31.80 -1.90
CA THR B 25 6.64 -30.63 -1.09
C THR B 25 6.12 -29.35 -1.72
N LEU B 26 4.99 -29.43 -2.43
CA LEU B 26 4.43 -28.26 -3.08
C LEU B 26 3.98 -27.22 -2.06
N THR B 27 3.40 -27.68 -0.94
CA THR B 27 2.85 -26.76 0.05
C THR B 27 3.91 -25.81 0.60
N VAL B 28 5.17 -26.21 0.63
CA VAL B 28 6.21 -25.33 1.16
C VAL B 28 6.32 -24.07 0.32
N GLN B 29 6.45 -24.23 -1.01
CA GLN B 29 6.52 -23.08 -1.89
C GLN B 29 5.20 -22.32 -1.90
N ALA B 30 4.09 -23.05 -1.92
CA ALA B 30 2.79 -22.39 -1.94
C ALA B 30 2.62 -21.48 -0.74
N ARG B 31 3.06 -21.92 0.44
CA ARG B 31 2.97 -21.09 1.63
C ARG B 31 3.99 -19.97 1.62
N ASN B 32 5.20 -20.24 1.12
CA ASN B 32 6.21 -19.18 1.03
C ASN B 32 5.71 -18.02 0.18
N LEU B 33 4.87 -18.30 -0.82
CA LEU B 33 4.35 -17.21 -1.65
C LEU B 33 3.62 -16.15 -0.84
N LEU B 34 3.05 -16.51 0.32
CA LEU B 34 2.31 -15.58 1.16
C LEU B 34 3.00 -15.34 2.50
N SER B 35 4.30 -15.59 2.59
CA SER B 35 4.99 -15.47 3.86
C SER B 35 4.92 -14.06 4.41
N GLY B 36 4.81 -13.94 5.72
CA GLY B 36 4.77 -12.65 6.39
C GLY B 36 4.71 -12.76 7.89
N THR B 58 10.48 6.87 4.68
CA THR B 58 9.18 6.88 4.02
C THR B 58 9.26 6.17 2.67
N VAL B 59 10.30 6.49 1.90
CA VAL B 59 10.49 5.84 0.61
C VAL B 59 10.71 4.34 0.80
N TRP B 60 11.45 3.96 1.84
CA TRP B 60 11.63 2.54 2.13
C TRP B 60 10.30 1.87 2.41
N GLY B 61 9.46 2.51 3.23
CA GLY B 61 8.15 1.95 3.50
C GLY B 61 7.30 1.85 2.25
N ILE B 62 7.36 2.88 1.39
CA ILE B 62 6.61 2.84 0.14
C ILE B 62 7.05 1.67 -0.72
N LYS B 63 8.36 1.46 -0.83
CA LYS B 63 8.86 0.36 -1.66
C LYS B 63 8.47 -0.99 -1.07
N GLN B 64 8.58 -1.14 0.25
CA GLN B 64 8.17 -2.40 0.88
C GLN B 64 6.69 -2.67 0.65
N LEU B 65 5.86 -1.64 0.81
CA LEU B 65 4.42 -1.80 0.61
C LEU B 65 4.11 -2.15 -0.84
N GLN B 66 4.80 -1.52 -1.79
CA GLN B 66 4.61 -1.86 -3.19
C GLN B 66 4.98 -3.31 -3.46
N ALA B 67 6.08 -3.77 -2.89
CA ALA B 67 6.48 -5.17 -3.07
C ALA B 67 5.43 -6.11 -2.51
N ARG B 68 4.91 -5.81 -1.31
CA ARG B 68 3.90 -6.67 -0.71
C ARG B 68 2.63 -6.70 -1.55
N VAL B 69 2.19 -5.54 -2.04
CA VAL B 69 1.00 -5.48 -2.87
C VAL B 69 1.20 -6.26 -4.15
N LEU B 70 2.38 -6.13 -4.76
CA LEU B 70 2.65 -6.87 -5.99
C LEU B 70 2.65 -8.37 -5.75
N ALA B 71 3.21 -8.81 -4.62
CA ALA B 71 3.18 -10.23 -4.29
C ALA B 71 1.75 -10.72 -4.14
N VAL B 72 0.92 -9.94 -3.44
CA VAL B 72 -0.48 -10.32 -3.26
C VAL B 72 -1.18 -10.40 -4.61
N GLU B 73 -0.92 -9.43 -5.50
CA GLU B 73 -1.55 -9.45 -6.80
C GLU B 73 -1.13 -10.65 -7.62
N ARG B 74 0.16 -11.01 -7.57
CA ARG B 74 0.64 -12.17 -8.29
C ARG B 74 -0.02 -13.45 -7.78
N TYR B 75 -0.10 -13.60 -6.45
CA TYR B 75 -0.74 -14.77 -5.88
C TYR B 75 -2.20 -14.85 -6.30
N LEU B 76 -2.90 -13.71 -6.27
CA LEU B 76 -4.31 -13.71 -6.65
C LEU B 76 -4.49 -14.04 -8.12
N ARG B 77 -3.60 -13.55 -8.98
CA ARG B 77 -3.67 -13.90 -10.39
C ARG B 77 -3.48 -15.39 -10.60
N ASP B 78 -2.51 -15.98 -9.90
CA ASP B 78 -2.30 -17.43 -10.01
C ASP B 78 -3.54 -18.20 -9.55
N GLN B 79 -4.13 -17.78 -8.42
CA GLN B 79 -5.32 -18.46 -7.91
C GLN B 79 -6.49 -18.32 -8.87
N GLN B 80 -6.65 -17.14 -9.47
CA GLN B 80 -7.72 -16.93 -10.45
C GLN B 80 -7.52 -17.83 -11.66
N LEU B 81 -6.28 -17.97 -12.12
CA LEU B 81 -6.00 -18.88 -13.22
C LEU B 81 -6.38 -20.32 -12.85
N LEU B 82 -5.95 -20.76 -11.66
CA LEU B 82 -6.28 -22.11 -11.23
C LEU B 82 -7.79 -22.32 -11.19
N GLY B 83 -8.53 -21.36 -10.65
CA GLY B 83 -9.97 -21.47 -10.63
C GLY B 83 -10.57 -21.50 -12.02
N ILE B 84 -10.02 -20.68 -12.93
CA ILE B 84 -10.49 -20.66 -14.31
C ILE B 84 -10.26 -22.00 -14.97
N TRP B 85 -9.29 -22.78 -14.51
CA TRP B 85 -9.10 -24.14 -15.00
C TRP B 85 -9.90 -25.18 -14.22
N GLY B 86 -10.71 -24.77 -13.26
CA GLY B 86 -11.42 -25.71 -12.44
C GLY B 86 -10.56 -26.37 -11.38
N CYS B 87 -9.40 -25.80 -11.08
CA CYS B 87 -8.45 -26.37 -10.13
C CYS B 87 -8.37 -25.56 -8.85
N SER B 88 -9.44 -24.85 -8.49
CA SER B 88 -9.42 -23.99 -7.33
C SER B 88 -9.28 -24.80 -6.06
N GLY B 89 -8.38 -24.36 -5.17
CA GLY B 89 -8.19 -24.98 -3.89
C GLY B 89 -7.33 -26.22 -3.90
N LYS B 90 -6.84 -26.66 -5.05
CA LYS B 90 -6.03 -27.85 -5.16
C LYS B 90 -4.61 -27.50 -5.56
N LEU B 91 -3.65 -28.23 -4.99
CA LEU B 91 -2.25 -28.10 -5.38
C LEU B 91 -1.90 -29.06 -6.52
N ILE B 92 -2.55 -30.21 -6.57
CA ILE B 92 -2.45 -31.13 -7.69
C ILE B 92 -3.86 -31.30 -8.26
N CYS B 93 -4.02 -31.01 -9.54
CA CYS B 93 -5.34 -31.01 -10.17
C CYS B 93 -5.27 -31.79 -11.48
N CYS B 94 -5.96 -32.93 -11.53
CA CYS B 94 -6.06 -33.71 -12.75
C CYS B 94 -7.14 -33.13 -13.67
N THR B 95 -6.84 -33.08 -14.96
CA THR B 95 -7.66 -32.39 -15.95
C THR B 95 -8.10 -33.36 -17.04
N ASN B 96 -8.88 -32.83 -17.99
CA ASN B 96 -9.40 -33.60 -19.11
C ASN B 96 -8.62 -33.39 -20.40
N VAL B 97 -7.59 -32.55 -20.38
CA VAL B 97 -6.82 -32.21 -21.57
C VAL B 97 -5.82 -33.34 -21.82
N PRO B 98 -5.91 -34.06 -22.94
CA PRO B 98 -4.91 -35.09 -23.21
C PRO B 98 -3.55 -34.47 -23.53
N TRP B 99 -2.50 -35.23 -23.22
CA TRP B 99 -1.14 -34.75 -23.45
C TRP B 99 -0.74 -34.98 -24.90
N ASN B 100 -0.25 -33.93 -25.53
CA ASN B 100 0.24 -34.03 -26.91
C ASN B 100 1.67 -34.53 -26.93
N SER B 101 1.94 -35.48 -27.83
CA SER B 101 3.30 -35.94 -28.02
C SER B 101 4.19 -34.87 -28.63
N SER B 102 3.60 -33.88 -29.31
CA SER B 102 4.39 -32.78 -29.86
C SER B 102 5.07 -31.99 -28.74
N TRP B 103 4.35 -31.73 -27.65
CA TRP B 103 4.94 -30.98 -26.55
C TRP B 103 6.14 -31.72 -25.97
N SER B 104 6.00 -33.03 -25.76
CA SER B 104 7.10 -33.84 -25.26
C SER B 104 6.78 -35.31 -25.54
N ASN B 105 7.61 -35.96 -26.35
CA ASN B 105 7.47 -37.38 -26.61
C ASN B 105 8.11 -38.23 -25.51
N ARG B 106 8.63 -37.61 -24.47
CA ARG B 106 9.32 -38.33 -23.41
C ARG B 106 8.36 -39.24 -22.65
N ASN B 107 8.91 -40.31 -22.09
CA ASN B 107 8.11 -41.29 -21.37
C ASN B 107 7.65 -40.71 -20.03
N LEU B 108 6.84 -41.49 -19.32
CA LEU B 108 6.38 -41.10 -17.99
C LEU B 108 7.45 -41.36 -16.94
N SER B 109 8.08 -42.54 -16.98
CA SER B 109 9.13 -42.85 -16.03
C SER B 109 10.28 -41.86 -16.13
N GLU B 110 10.69 -41.53 -17.37
CA GLU B 110 11.73 -40.54 -17.54
C GLU B 110 11.37 -39.24 -16.83
N ILE B 111 10.18 -38.71 -17.12
CA ILE B 111 9.80 -37.41 -16.61
C ILE B 111 9.74 -37.44 -15.08
N TRP B 112 9.10 -38.44 -14.51
CA TRP B 112 8.78 -38.44 -13.09
C TRP B 112 9.81 -39.16 -12.23
N ASP B 113 10.90 -39.66 -12.80
CA ASP B 113 11.95 -40.30 -12.02
C ASP B 113 13.36 -39.88 -12.39
N ASN B 114 13.56 -39.13 -13.48
CA ASN B 114 14.88 -38.69 -13.89
C ASN B 114 15.03 -37.18 -13.87
N MET B 115 14.11 -36.45 -14.49
CA MET B 115 14.21 -35.01 -14.61
C MET B 115 13.77 -34.32 -13.32
N THR B 116 14.09 -33.03 -13.24
CA THR B 116 13.63 -32.15 -12.19
C THR B 116 12.72 -31.08 -12.80
N TRP B 117 12.02 -30.36 -11.93
CA TRP B 117 11.02 -29.40 -12.40
C TRP B 117 11.68 -28.27 -13.19
N LEU B 118 12.91 -27.90 -12.84
CA LEU B 118 13.61 -26.87 -13.60
C LEU B 118 13.89 -27.32 -15.02
N GLN B 119 14.44 -28.53 -15.17
CA GLN B 119 14.70 -29.07 -16.50
C GLN B 119 13.42 -29.19 -17.30
N TRP B 120 12.37 -29.70 -16.66
CA TRP B 120 11.09 -29.88 -17.34
C TRP B 120 10.52 -28.54 -17.79
N ASP B 121 10.61 -27.52 -16.94
CA ASP B 121 10.14 -26.19 -17.31
C ASP B 121 10.92 -25.67 -18.51
N LYS B 122 12.24 -25.87 -18.51
CA LYS B 122 13.03 -25.46 -19.67
C LYS B 122 12.55 -26.18 -20.93
N GLU B 123 12.26 -27.47 -20.83
CA GLU B 123 11.83 -28.22 -22.01
C GLU B 123 10.48 -27.72 -22.54
N ILE B 124 9.49 -27.56 -21.65
CA ILE B 124 8.13 -27.28 -22.11
C ILE B 124 7.78 -25.81 -22.06
N SER B 125 8.76 -24.93 -21.86
CA SER B 125 8.46 -23.50 -21.81
C SER B 125 7.80 -23.00 -23.09
N ASN B 126 8.07 -23.66 -24.21
CA ASN B 126 7.55 -23.19 -25.50
C ASN B 126 6.04 -23.38 -25.60
N TYR B 127 5.52 -24.49 -25.08
CA TYR B 127 4.11 -24.86 -25.27
C TYR B 127 3.22 -24.44 -24.11
N THR B 128 3.75 -23.68 -23.14
CA THR B 128 3.00 -23.38 -21.92
C THR B 128 1.71 -22.64 -22.22
N GLN B 129 1.77 -21.63 -23.10
CA GLN B 129 0.57 -20.86 -23.41
C GLN B 129 -0.45 -21.72 -24.13
N ILE B 130 0.00 -22.62 -25.02
CA ILE B 130 -0.93 -23.52 -25.69
C ILE B 130 -1.65 -24.40 -24.67
N ILE B 131 -0.89 -24.93 -23.71
CA ILE B 131 -1.50 -25.78 -22.69
C ILE B 131 -2.49 -24.98 -21.85
N TYR B 132 -2.14 -23.73 -21.52
CA TYR B 132 -3.04 -22.89 -20.73
C TYR B 132 -4.34 -22.64 -21.48
N GLY B 133 -4.25 -22.31 -22.77
CA GLY B 133 -5.45 -22.10 -23.55
C GLY B 133 -6.29 -23.36 -23.65
N LEU B 134 -5.65 -24.51 -23.83
CA LEU B 134 -6.39 -25.76 -23.89
C LEU B 134 -7.09 -26.04 -22.56
N LEU B 135 -6.42 -25.76 -21.44
CA LEU B 135 -7.05 -25.95 -20.14
C LEU B 135 -8.26 -25.04 -19.98
N GLU B 136 -8.14 -23.78 -20.41
CA GLU B 136 -9.27 -22.87 -20.33
C GLU B 136 -10.44 -23.38 -21.17
N GLU B 137 -10.15 -23.81 -22.40
CA GLU B 137 -11.21 -24.30 -23.27
C GLU B 137 -11.86 -25.55 -22.68
N SER B 138 -11.05 -26.45 -22.11
CA SER B 138 -11.60 -27.66 -21.51
C SER B 138 -12.50 -27.32 -20.33
N GLN B 139 -12.07 -26.37 -19.49
CA GLN B 139 -12.91 -25.99 -18.36
C GLN B 139 -14.21 -25.34 -18.82
N ASN B 140 -14.14 -24.49 -19.85
CA ASN B 140 -15.37 -23.89 -20.36
C ASN B 140 -16.31 -24.96 -20.92
N GLN B 141 -15.75 -25.91 -21.69
CA GLN B 141 -16.57 -26.98 -22.23
C GLN B 141 -17.20 -27.82 -21.11
N GLN B 142 -16.41 -28.13 -20.08
CA GLN B 142 -16.95 -28.91 -18.96
C GLN B 142 -18.01 -28.13 -18.21
N GLU B 143 -17.81 -26.82 -18.03
CA GLU B 143 -18.81 -26.02 -17.34
C GLU B 143 -20.11 -25.98 -18.12
N LYS B 144 -20.03 -25.80 -19.44
CA LYS B 144 -21.25 -25.73 -20.23
C LYS B 144 -21.90 -27.11 -20.37
N ASN B 145 -21.10 -28.18 -20.39
CA ASN B 145 -21.68 -29.52 -20.38
C ASN B 145 -22.37 -29.80 -19.06
N GLU B 146 -21.78 -29.35 -17.95
CA GLU B 146 -22.46 -29.46 -16.66
C GLU B 146 -23.76 -28.69 -16.69
N GLN B 147 -23.73 -27.48 -17.24
CA GLN B 147 -24.95 -26.67 -17.30
C GLN B 147 -25.98 -27.27 -18.25
N ASP B 148 -25.54 -28.03 -19.24
CA ASP B 148 -26.50 -28.60 -20.20
C ASP B 148 -27.11 -29.89 -19.67
N LEU B 149 -26.29 -30.76 -19.09
CA LEU B 149 -26.82 -31.88 -18.30
C LEU B 149 -27.73 -31.37 -17.19
N LEU B 150 -27.46 -30.16 -16.69
CA LEU B 150 -28.36 -29.53 -15.73
C LEU B 150 -29.51 -28.83 -16.45
N ALA B 151 -29.43 -28.72 -17.78
CA ALA B 151 -30.59 -28.37 -18.59
C ALA B 151 -31.46 -29.59 -18.87
N LEU B 152 -30.97 -30.79 -18.51
CA LEU B 152 -31.70 -32.01 -18.83
C LEU B 152 -32.31 -32.66 -17.57
N ASP B 153 -31.56 -32.73 -16.46
CA ASP B 153 -32.07 -33.32 -15.22
C ASP B 153 -33.37 -32.66 -14.77
N ALA C 1 -20.33 -43.87 16.09
CA ALA C 1 -20.83 -42.71 16.88
C ALA C 1 -19.75 -42.19 17.82
N GLU C 2 -19.17 -43.09 18.62
CA GLU C 2 -18.09 -42.70 19.51
C GLU C 2 -16.91 -42.14 18.74
N ASN C 3 -16.73 -42.56 17.49
CA ASN C 3 -15.65 -42.02 16.66
C ASN C 3 -15.99 -40.59 16.28
N LEU C 4 -15.34 -39.63 16.92
CA LEU C 4 -15.50 -38.22 16.61
C LEU C 4 -14.35 -37.78 15.71
N TRP C 5 -14.61 -36.75 14.92
CA TRP C 5 -13.68 -36.28 13.90
C TRP C 5 -13.55 -34.77 13.95
N VAL C 6 -12.42 -34.28 13.43
CA VAL C 6 -12.14 -32.86 13.45
C VAL C 6 -12.99 -32.15 12.40
N THR C 7 -13.68 -31.09 12.82
CA THR C 7 -14.40 -30.22 11.92
C THR C 7 -13.83 -28.80 12.01
N VAL C 8 -13.68 -28.17 10.86
CA VAL C 8 -13.05 -26.85 10.77
C VAL C 8 -14.13 -25.79 10.62
N TYR C 9 -14.03 -24.73 11.41
CA TYR C 9 -14.98 -23.62 11.38
C TYR C 9 -14.22 -22.33 11.10
N TYR C 10 -14.70 -21.56 10.14
CA TYR C 10 -14.16 -20.24 9.83
C TYR C 10 -15.21 -19.19 10.15
N GLY C 11 -14.78 -18.13 10.85
CA GLY C 11 -15.70 -17.14 11.36
C GLY C 11 -16.07 -17.29 12.81
N VAL C 12 -15.32 -18.11 13.56
CA VAL C 12 -15.65 -18.36 14.96
C VAL C 12 -15.50 -17.07 15.75
N PRO C 13 -16.40 -16.79 16.71
CA PRO C 13 -16.26 -15.55 17.51
C PRO C 13 -15.28 -15.70 18.68
N VAL C 14 -13.99 -15.70 18.35
CA VAL C 14 -12.92 -15.75 19.32
C VAL C 14 -11.91 -14.68 18.96
N TRP C 15 -11.22 -14.15 19.98
CA TRP C 15 -10.31 -13.04 19.78
C TRP C 15 -9.12 -13.18 20.72
N LYS C 16 -8.17 -12.25 20.59
CA LYS C 16 -7.01 -12.18 21.47
C LYS C 16 -6.56 -10.74 21.56
N ASP C 17 -5.82 -10.43 22.62
CA ASP C 17 -5.27 -9.10 22.77
C ASP C 17 -4.29 -8.80 21.64
N ALA C 18 -4.39 -7.59 21.09
CA ALA C 18 -3.56 -7.22 19.95
C ALA C 18 -3.41 -5.71 19.89
N GLU C 19 -2.44 -5.27 19.10
CA GLU C 19 -2.19 -3.85 18.84
C GLU C 19 -2.29 -3.60 17.34
N THR C 20 -2.93 -2.50 16.98
CA THR C 20 -3.14 -2.16 15.58
C THR C 20 -3.14 -0.65 15.43
N THR C 21 -3.52 -0.17 14.24
CA THR C 21 -3.59 1.25 13.94
C THR C 21 -5.06 1.62 13.73
N LEU C 22 -5.69 2.15 14.77
CA LEU C 22 -7.07 2.61 14.65
C LEU C 22 -7.15 3.86 13.79
N PHE C 23 -8.28 4.03 13.11
CA PHE C 23 -8.52 5.19 12.27
C PHE C 23 -9.53 6.11 12.94
N CYS C 24 -9.24 7.40 12.93
CA CYS C 24 -10.04 8.37 13.65
C CYS C 24 -11.30 8.72 12.86
N ALA C 25 -12.32 9.15 13.60
CA ALA C 25 -13.57 9.64 13.01
C ALA C 25 -13.97 10.92 13.74
N SER C 26 -14.53 11.87 12.99
CA SER C 26 -14.93 13.15 13.53
C SER C 26 -16.38 13.41 13.18
N ASP C 27 -17.06 14.16 14.05
CA ASP C 27 -18.47 14.45 13.84
C ASP C 27 -18.68 15.21 12.54
N ALA C 28 -19.75 14.86 11.84
CA ALA C 28 -20.03 15.50 10.55
C ALA C 28 -20.18 17.01 10.69
N LYS C 29 -20.75 17.47 11.81
CA LYS C 29 -20.95 18.90 12.00
C LYS C 29 -19.63 19.66 11.97
N ALA C 30 -18.53 19.01 12.35
CA ALA C 30 -17.22 19.66 12.32
C ALA C 30 -16.81 20.06 10.90
N TYR C 31 -17.38 19.42 9.88
CA TYR C 31 -17.05 19.73 8.50
C TYR C 31 -17.74 20.99 8.00
N GLU C 32 -18.68 21.54 8.76
CA GLU C 32 -19.30 22.82 8.40
C GLU C 32 -18.28 23.93 8.66
N THR C 33 -17.60 24.35 7.59
CA THR C 33 -16.50 25.32 7.68
C THR C 33 -15.63 25.01 8.89
N GLU C 34 -15.14 26.04 9.57
CA GLU C 34 -14.31 25.88 10.76
C GLU C 34 -13.15 24.92 10.50
N LYS C 35 -12.66 24.87 9.27
CA LYS C 35 -11.51 24.04 8.96
C LYS C 35 -10.25 24.51 9.66
N HIS C 36 -10.26 25.74 10.19
CA HIS C 36 -9.10 26.31 10.88
C HIS C 36 -9.16 25.86 12.34
N ASN C 37 -8.65 24.65 12.58
CA ASN C 37 -8.59 24.09 13.92
C ASN C 37 -7.41 23.13 13.98
N VAL C 38 -6.68 23.16 15.09
CA VAL C 38 -5.49 22.31 15.23
C VAL C 38 -5.88 20.84 15.06
N TRP C 39 -7.00 20.43 15.64
CA TRP C 39 -7.40 19.04 15.67
C TRP C 39 -8.32 18.66 14.51
N ALA C 40 -8.70 19.61 13.67
CA ALA C 40 -9.51 19.30 12.49
C ALA C 40 -8.67 18.50 11.52
N THR C 41 -9.06 17.25 11.28
CA THR C 41 -8.30 16.33 10.43
C THR C 41 -9.13 15.96 9.21
N HIS C 42 -8.52 16.06 8.03
CA HIS C 42 -9.16 15.58 6.82
C HIS C 42 -9.17 14.06 6.77
N ALA C 43 -8.18 13.43 7.41
CA ALA C 43 -8.14 11.97 7.48
C ALA C 43 -9.33 11.42 8.24
N CYS C 44 -9.70 12.07 9.34
CA CYS C 44 -10.83 11.63 10.15
C CYS C 44 -12.09 11.55 9.28
N VAL C 45 -12.60 10.34 9.11
CA VAL C 45 -13.79 10.12 8.29
C VAL C 45 -15.03 10.59 9.04
N PRO C 46 -16.13 10.89 8.37
CA PRO C 46 -17.35 11.29 9.09
C PRO C 46 -17.82 10.19 10.03
N THR C 47 -18.34 10.61 11.18
CA THR C 47 -18.83 9.66 12.17
C THR C 47 -20.08 8.96 11.66
N ASP C 48 -20.06 7.63 11.71
CA ASP C 48 -21.23 6.85 11.38
C ASP C 48 -22.32 7.16 12.41
N PRO C 49 -23.50 7.63 11.99
CA PRO C 49 -24.52 8.01 12.98
C PRO C 49 -25.24 6.78 13.53
N ASN C 50 -26.09 7.02 14.52
CA ASN C 50 -26.77 5.98 15.29
C ASN C 50 -25.81 4.81 15.55
N PRO C 51 -24.71 5.05 16.26
CA PRO C 51 -23.72 3.98 16.46
C PRO C 51 -24.34 2.79 17.18
N GLN C 52 -23.91 1.60 16.77
CA GLN C 52 -24.43 0.35 17.31
C GLN C 52 -23.42 -0.24 18.28
N GLU C 53 -23.91 -0.63 19.47
CA GLU C 53 -23.07 -1.21 20.52
C GLU C 53 -23.70 -2.53 20.93
N ILE C 54 -23.00 -3.62 20.67
CA ILE C 54 -23.50 -4.97 20.94
C ILE C 54 -22.98 -5.42 22.29
N HIS C 55 -23.89 -5.80 23.18
CA HIS C 55 -23.51 -6.30 24.50
C HIS C 55 -23.20 -7.79 24.42
N LEU C 56 -22.04 -8.16 24.93
CA LEU C 56 -21.58 -9.55 24.91
C LEU C 56 -21.96 -10.19 26.24
N GLU C 57 -23.04 -10.97 26.21
CA GLU C 57 -23.54 -11.60 27.43
C GLU C 57 -22.56 -12.66 27.92
N ASN C 58 -22.42 -12.77 29.24
CA ASN C 58 -21.65 -13.81 29.90
C ASN C 58 -20.17 -13.77 29.57
N VAL C 59 -19.69 -12.68 28.97
CA VAL C 59 -18.29 -12.56 28.58
C VAL C 59 -17.56 -11.75 29.65
N THR C 60 -16.43 -12.29 30.12
CA THR C 60 -15.56 -11.60 31.07
C THR C 60 -14.21 -11.39 30.41
N GLU C 61 -13.73 -10.15 30.44
CA GLU C 61 -12.48 -9.77 29.79
C GLU C 61 -11.54 -9.11 30.79
N GLU C 62 -10.24 -9.24 30.52
CA GLU C 62 -9.21 -8.65 31.35
C GLU C 62 -8.76 -7.34 30.70
N PHE C 63 -8.90 -6.24 31.45
CA PHE C 63 -8.50 -4.92 30.98
C PHE C 63 -7.30 -4.43 31.78
N ASN C 64 -6.53 -3.55 31.16
CA ASN C 64 -5.38 -2.93 31.84
C ASN C 64 -5.18 -1.55 31.22
N MET C 65 -5.68 -0.51 31.90
CA MET C 65 -5.56 0.85 31.40
C MET C 65 -4.13 1.36 31.42
N TRP C 66 -3.23 0.70 32.15
CA TRP C 66 -1.88 1.20 32.32
C TRP C 66 -0.91 0.63 31.28
N LYS C 67 -1.08 -0.64 30.90
CA LYS C 67 -0.33 -1.22 29.78
C LYS C 67 -1.10 -1.12 28.48
N ASN C 68 -2.25 -0.45 28.48
CA ASN C 68 -3.08 -0.36 27.29
C ASN C 68 -2.33 0.32 26.17
N ASN C 69 -2.45 -0.24 24.97
CA ASN C 69 -2.10 0.48 23.76
C ASN C 69 -3.26 1.42 23.45
N MET C 70 -3.29 1.98 22.25
CA MET C 70 -4.37 2.88 21.83
C MET C 70 -4.42 4.13 22.71
N VAL C 71 -3.49 4.24 23.65
CA VAL C 71 -3.19 5.49 24.33
C VAL C 71 -1.90 6.10 23.82
N GLU C 72 -0.89 5.26 23.59
CA GLU C 72 0.32 5.70 22.91
C GLU C 72 0.00 6.16 21.49
N GLN C 73 -0.87 5.43 20.80
CA GLN C 73 -1.30 5.83 19.47
C GLN C 73 -2.00 7.19 19.52
N MET C 74 -2.86 7.39 20.51
CA MET C 74 -3.54 8.67 20.65
C MET C 74 -2.55 9.79 20.91
N HIS C 75 -1.59 9.57 21.79
CA HIS C 75 -0.56 10.56 22.05
C HIS C 75 0.20 10.92 20.77
N THR C 76 0.63 9.89 20.02
CA THR C 76 1.38 10.13 18.79
C THR C 76 0.53 10.88 17.77
N ASP C 77 -0.74 10.49 17.62
CA ASP C 77 -1.60 11.16 16.66
C ASP C 77 -1.82 12.62 17.03
N ILE C 78 -2.04 12.89 18.31
CA ILE C 78 -2.24 14.28 18.75
C ILE C 78 -0.99 15.10 18.49
N ILE C 79 0.18 14.55 18.81
CA ILE C 79 1.42 15.29 18.59
C ILE C 79 1.62 15.56 17.10
N SER C 80 1.36 14.56 16.26
CA SER C 80 1.52 14.72 14.82
C SER C 80 0.55 15.78 14.29
N LEU C 81 -0.69 15.77 14.77
CA LEU C 81 -1.64 16.79 14.36
C LEU C 81 -1.16 18.17 14.77
N TRP C 82 -0.64 18.30 15.98
CA TRP C 82 -0.12 19.58 16.46
C TRP C 82 0.99 20.08 15.55
N ASP C 83 1.93 19.21 15.20
CA ASP C 83 3.03 19.61 14.32
C ASP C 83 2.51 19.98 12.93
N GLN C 84 1.59 19.18 12.39
CA GLN C 84 1.07 19.43 11.05
C GLN C 84 0.39 20.79 10.98
N SER C 85 -0.37 21.14 12.02
CA SER C 85 -1.04 22.44 12.05
C SER C 85 -0.06 23.60 12.16
N LEU C 86 1.21 23.33 12.47
CA LEU C 86 2.22 24.37 12.64
C LEU C 86 3.18 24.48 11.48
N LYS C 87 3.18 23.51 10.57
CA LYS C 87 4.13 23.56 9.45
C LYS C 87 3.95 24.81 8.59
N PRO C 88 2.72 25.15 8.19
CA PRO C 88 2.55 26.29 7.25
C PRO C 88 2.79 27.65 7.87
N CYS C 89 2.91 27.75 9.19
CA CYS C 89 2.91 29.03 9.86
C CYS C 89 4.31 29.67 9.83
N VAL C 90 4.37 30.90 10.33
CA VAL C 90 5.58 31.71 10.22
C VAL C 90 6.62 31.24 11.24
N LYS C 91 7.86 31.10 10.79
CA LYS C 91 8.99 30.81 11.67
C LYS C 91 9.58 32.14 12.14
N LEU C 92 9.69 32.31 13.44
CA LEU C 92 10.14 33.58 14.03
C LEU C 92 11.64 33.54 14.29
N THR C 93 12.39 33.47 13.20
CA THR C 93 13.85 33.54 13.28
C THR C 93 14.30 34.99 13.49
N PRO C 94 13.74 35.95 12.77
CA PRO C 94 14.14 37.35 12.97
C PRO C 94 13.85 37.87 14.37
N LEU C 95 12.91 37.26 15.09
CA LEU C 95 12.57 37.75 16.42
C LEU C 95 13.69 37.53 17.43
N CYS C 96 14.70 36.73 17.10
CA CYS C 96 15.83 36.51 18.01
C CYS C 96 16.82 37.65 17.81
N VAL C 97 16.52 38.76 18.48
CA VAL C 97 17.28 40.00 18.37
C VAL C 97 17.28 40.67 19.73
N THR C 98 18.22 41.60 19.93
CA THR C 98 18.29 42.34 21.17
C THR C 98 17.05 43.21 21.34
N LEU C 99 16.52 43.23 22.57
CA LEU C 99 15.36 44.03 22.91
C LEU C 99 15.72 45.02 24.01
N GLN C 100 15.25 46.25 23.85
CA GLN C 100 15.38 47.29 24.87
C GLN C 100 14.04 47.38 25.59
N CYS C 101 13.97 46.75 26.76
CA CYS C 101 12.72 46.59 27.48
C CYS C 101 12.65 47.52 28.68
N THR C 102 11.42 47.85 29.07
CA THR C 102 11.16 48.67 30.25
C THR C 102 9.83 48.26 30.83
N ASN C 103 9.64 48.55 32.12
CA ASN C 103 8.44 48.13 32.82
C ASN C 103 7.22 48.87 32.28
N VAL C 104 6.06 48.23 32.40
CA VAL C 104 4.79 48.81 32.02
C VAL C 104 4.11 49.27 33.32
N THR C 105 4.35 50.52 33.70
CA THR C 105 3.67 51.14 34.82
C THR C 105 2.60 52.06 34.24
N ASN C 106 1.48 51.45 33.85
CA ASN C 106 0.44 52.11 33.06
C ASN C 106 -0.93 51.75 33.64
N ASN C 107 -1.10 52.01 34.94
CA ASN C 107 -2.27 51.54 35.70
C ASN C 107 -2.22 50.03 35.90
N ILE C 108 -1.09 49.55 36.43
CA ILE C 108 -0.96 48.17 36.82
C ILE C 108 -1.33 48.03 38.29
N THR C 109 -1.67 46.82 38.70
CA THR C 109 -1.91 46.52 40.10
C THR C 109 -0.63 46.00 40.76
N ASP C 110 -0.64 45.95 42.08
CA ASP C 110 0.55 45.55 42.82
C ASP C 110 0.98 44.14 42.46
N ASP C 111 0.03 43.28 42.10
CA ASP C 111 0.36 41.89 41.77
C ASP C 111 0.84 41.72 40.34
N MET C 112 0.78 42.76 39.51
CA MET C 112 1.23 42.70 38.12
C MET C 112 2.42 43.64 37.90
N ARG C 113 3.23 43.85 38.93
CA ARG C 113 4.40 44.71 38.81
C ARG C 113 5.55 43.91 38.22
N GLY C 114 6.02 44.32 37.04
CA GLY C 114 7.11 43.64 36.37
C GLY C 114 6.70 42.43 35.56
N GLU C 115 5.41 42.09 35.52
CA GLU C 115 4.96 40.95 34.73
C GLU C 115 4.98 41.24 33.23
N LEU C 116 4.81 42.49 32.85
CA LEU C 116 4.79 42.91 31.46
C LEU C 116 5.96 43.85 31.19
N LYS C 117 6.62 43.64 30.06
CA LYS C 117 7.74 44.48 29.64
C LYS C 117 7.43 45.11 28.29
N ASN C 118 7.74 46.40 28.18
CA ASN C 118 7.56 47.16 26.94
C ASN C 118 8.89 47.17 26.22
N CYS C 119 9.01 46.33 25.20
CA CYS C 119 10.28 46.08 24.52
C CYS C 119 10.26 46.67 23.12
N SER C 120 11.32 47.40 22.78
CA SER C 120 11.51 47.95 21.45
C SER C 120 12.72 47.29 20.81
N PHE C 121 12.60 46.97 19.51
CA PHE C 121 13.65 46.25 18.82
C PHE C 121 13.60 46.60 17.34
N ASN C 122 14.72 46.36 16.66
CA ASN C 122 14.80 46.50 15.22
C ASN C 122 14.36 45.21 14.55
N MET C 123 13.57 45.33 13.50
CA MET C 123 12.99 44.17 12.82
C MET C 123 13.16 44.30 11.32
N THR C 124 13.24 43.16 10.65
CA THR C 124 13.33 43.14 9.21
C THR C 124 11.97 43.48 8.59
N THR C 125 12.02 44.18 7.46
CA THR C 125 10.83 44.52 6.71
C THR C 125 10.68 43.58 5.53
N GLU C 126 9.69 43.85 4.67
CA GLU C 126 9.52 43.05 3.47
C GLU C 126 10.65 43.25 2.48
N LEU C 127 11.41 44.33 2.61
CA LEU C 127 12.57 44.59 1.78
C LEU C 127 13.84 44.19 2.53
N ARG C 128 14.71 43.44 1.88
CA ARG C 128 15.88 42.87 2.55
C ARG C 128 16.86 43.94 3.02
N ASP C 129 16.82 45.14 2.44
CA ASP C 129 17.78 46.19 2.77
C ASP C 129 17.19 47.26 3.67
N LYS C 130 16.01 47.05 4.23
CA LYS C 130 15.36 48.01 5.09
C LYS C 130 15.00 47.36 6.43
N LYS C 131 15.05 48.16 7.49
CA LYS C 131 14.72 47.71 8.83
C LYS C 131 13.75 48.69 9.47
N GLN C 132 12.92 48.18 10.36
CA GLN C 132 11.91 48.96 11.05
C GLN C 132 12.09 48.86 12.56
N LYS C 133 11.93 49.99 13.24
CA LYS C 133 11.95 50.02 14.70
C LYS C 133 10.54 49.83 15.21
N VAL C 134 10.32 48.74 15.94
CA VAL C 134 9.00 48.37 16.43
C VAL C 134 9.09 48.04 17.90
N TYR C 135 7.94 48.04 18.57
CA TYR C 135 7.85 47.70 19.97
C TYR C 135 6.71 46.73 20.20
N SER C 136 6.83 45.95 21.26
CA SER C 136 5.81 44.97 21.62
C SER C 136 5.84 44.75 23.13
N LEU C 137 4.73 44.25 23.66
CA LEU C 137 4.64 43.90 25.06
C LEU C 137 4.93 42.41 25.23
N PHE C 138 5.87 42.10 26.13
CA PHE C 138 6.29 40.74 26.37
C PHE C 138 6.10 40.41 27.84
N TYR C 139 5.57 39.22 28.12
CA TYR C 139 5.46 38.74 29.49
C TYR C 139 6.84 38.42 30.04
N ARG C 140 7.04 38.71 31.32
CA ARG C 140 8.36 38.52 31.92
C ARG C 140 8.84 37.09 31.83
N LEU C 141 7.93 36.12 31.70
CA LEU C 141 8.31 34.72 31.59
C LEU C 141 8.88 34.39 30.21
N ASP C 142 8.76 35.29 29.24
CA ASP C 142 9.20 35.03 27.88
C ASP C 142 10.52 35.70 27.53
N VAL C 143 11.01 36.62 28.36
CA VAL C 143 12.22 37.37 28.09
C VAL C 143 13.20 37.17 29.23
N VAL C 144 14.48 37.05 28.90
CA VAL C 144 15.55 36.90 29.88
C VAL C 144 16.57 37.99 29.63
N GLN C 145 16.98 38.67 30.71
CA GLN C 145 17.95 39.75 30.60
C GLN C 145 19.31 39.21 30.19
N ILE C 146 20.03 40.01 29.41
CA ILE C 146 21.39 39.70 28.99
C ILE C 146 22.30 40.83 29.45
N ASN C 147 23.37 40.47 30.16
CA ASN C 147 24.27 41.45 30.73
C ASN C 147 25.73 41.04 30.52
N SER C 157 22.74 51.29 34.07
CA SER C 157 22.99 51.38 32.64
C SER C 157 21.77 50.89 31.86
N ASN C 158 21.98 50.53 30.60
CA ASN C 158 20.89 50.04 29.77
C ASN C 158 20.43 48.67 30.23
N LYS C 159 19.22 48.29 29.82
CA LYS C 159 18.63 47.00 30.15
C LYS C 159 18.21 46.33 28.86
N GLU C 160 18.95 45.29 28.46
CA GLU C 160 18.71 44.56 27.23
C GLU C 160 18.21 43.16 27.56
N TYR C 161 17.27 42.67 26.75
CA TYR C 161 16.65 41.37 26.94
C TYR C 161 16.67 40.59 25.64
N ARG C 162 16.27 39.32 25.75
CA ARG C 162 16.09 38.46 24.58
C ARG C 162 15.01 37.45 24.92
N LEU C 163 14.41 36.89 23.87
CA LEU C 163 13.41 35.85 24.07
C LEU C 163 14.05 34.61 24.69
N ILE C 164 13.29 33.94 25.55
CA ILE C 164 13.83 32.85 26.35
C ILE C 164 14.34 31.72 25.46
N ASN C 165 13.77 31.57 24.27
CA ASN C 165 14.05 30.43 23.41
C ASN C 165 15.25 30.65 22.48
N CYS C 166 15.88 31.82 22.52
CA CYS C 166 16.85 32.16 21.48
C CYS C 166 18.15 31.38 21.58
N ASN C 167 18.44 30.74 22.71
CA ASN C 167 19.61 29.91 22.84
C ASN C 167 19.30 28.43 22.69
N THR C 168 18.07 28.08 22.32
CA THR C 168 17.66 26.70 22.12
C THR C 168 17.13 26.43 20.73
N SER C 169 16.30 27.32 20.19
CA SER C 169 15.70 27.14 18.87
C SER C 169 14.89 28.38 18.54
N ALA C 170 14.38 28.42 17.31
CA ALA C 170 13.51 29.48 16.85
C ALA C 170 12.06 29.03 16.93
N CYS C 171 11.20 29.89 17.47
CA CYS C 171 9.81 29.53 17.69
C CYS C 171 9.00 29.74 16.42
N THR C 172 8.02 28.85 16.22
CA THR C 172 7.09 28.95 15.10
C THR C 172 5.81 29.60 15.59
N GLN C 173 5.48 30.75 15.00
CA GLN C 173 4.26 31.45 15.38
C GLN C 173 3.05 30.64 14.95
N ALA C 174 2.10 30.47 15.88
CA ALA C 174 0.88 29.77 15.54
C ALA C 174 0.04 30.60 14.58
N CYS C 175 -0.53 29.94 13.58
CA CYS C 175 -1.33 30.64 12.60
C CYS C 175 -2.55 31.25 13.30
N PRO C 176 -2.79 32.56 13.14
CA PRO C 176 -3.85 33.20 13.94
C PRO C 176 -5.24 32.64 13.70
N LYS C 177 -5.50 32.08 12.52
CA LYS C 177 -6.84 31.58 12.22
C LYS C 177 -7.09 30.20 12.80
N VAL C 178 -6.02 29.41 13.01
CA VAL C 178 -6.19 28.07 13.54
C VAL C 178 -6.61 28.16 15.01
N SER C 179 -7.65 27.39 15.36
CA SER C 179 -8.19 27.40 16.71
C SER C 179 -7.62 26.24 17.52
N PHE C 180 -7.40 26.50 18.80
CA PHE C 180 -6.89 25.50 19.74
C PHE C 180 -8.00 24.76 20.46
N GLU C 181 -9.26 25.05 20.17
CA GLU C 181 -10.37 24.46 20.90
C GLU C 181 -10.44 22.96 20.60
N PRO C 182 -10.40 22.09 21.61
CA PRO C 182 -10.49 20.65 21.33
C PRO C 182 -11.84 20.27 20.75
N ILE C 183 -11.82 19.26 19.88
CA ILE C 183 -13.05 18.72 19.29
C ILE C 183 -13.05 17.21 19.51
N PRO C 184 -14.21 16.59 19.73
CA PRO C 184 -14.22 15.15 20.00
C PRO C 184 -13.64 14.35 18.84
N ILE C 185 -12.92 13.29 19.18
CA ILE C 185 -12.32 12.38 18.20
C ILE C 185 -12.69 10.96 18.60
N HIS C 186 -13.16 10.18 17.62
CA HIS C 186 -13.53 8.79 17.83
C HIS C 186 -12.51 7.89 17.17
N TYR C 187 -12.08 6.86 17.90
CA TYR C 187 -11.15 5.86 17.39
C TYR C 187 -11.91 4.60 17.05
N CYS C 188 -11.72 4.10 15.83
CA CYS C 188 -12.51 2.99 15.31
C CYS C 188 -11.59 1.83 14.94
N ALA C 189 -12.12 0.62 15.08
CA ALA C 189 -11.34 -0.58 14.81
C ALA C 189 -11.35 -0.90 13.32
N PRO C 190 -10.21 -1.29 12.75
CA PRO C 190 -10.19 -1.69 11.33
C PRO C 190 -10.71 -3.11 11.17
N ALA C 191 -10.65 -3.60 9.94
CA ALA C 191 -11.13 -4.95 9.64
C ALA C 191 -10.28 -5.98 10.37
N GLY C 192 -10.96 -7.01 10.89
CA GLY C 192 -10.30 -8.05 11.64
C GLY C 192 -10.01 -7.71 13.09
N PHE C 193 -10.43 -6.53 13.55
CA PHE C 193 -10.18 -6.09 14.91
C PHE C 193 -11.49 -5.58 15.51
N ALA C 194 -11.56 -5.62 16.84
CA ALA C 194 -12.73 -5.14 17.57
C ALA C 194 -12.27 -4.35 18.78
N ILE C 195 -13.13 -3.44 19.21
CA ILE C 195 -12.92 -2.65 20.42
C ILE C 195 -13.92 -3.11 21.46
N LEU C 196 -13.42 -3.53 22.61
CA LEU C 196 -14.26 -3.99 23.71
C LEU C 196 -14.35 -2.91 24.77
N LYS C 197 -15.57 -2.57 25.18
CA LYS C 197 -15.82 -1.53 26.15
C LYS C 197 -16.26 -2.16 27.47
N CYS C 198 -15.61 -1.79 28.56
CA CYS C 198 -15.98 -2.27 29.89
C CYS C 198 -17.13 -1.41 30.40
N LYS C 199 -18.31 -2.01 30.52
CA LYS C 199 -19.50 -1.29 30.94
C LYS C 199 -19.70 -1.32 32.45
N ASP C 200 -18.80 -1.93 33.20
CA ASP C 200 -18.88 -1.91 34.66
C ASP C 200 -18.68 -0.48 35.16
N LYS C 201 -19.58 -0.03 36.03
CA LYS C 201 -19.55 1.34 36.52
C LYS C 201 -18.66 1.53 37.73
N LYS C 202 -18.12 0.45 38.30
CA LYS C 202 -17.17 0.51 39.40
C LYS C 202 -15.85 -0.12 39.02
N PHE C 203 -15.51 -0.08 37.73
CA PHE C 203 -14.26 -0.66 37.26
C PHE C 203 -13.10 0.24 37.65
N ASN C 204 -12.09 -0.35 38.30
CA ASN C 204 -10.94 0.40 38.78
C ASN C 204 -9.79 0.42 37.77
N GLY C 205 -10.07 0.11 36.51
CA GLY C 205 -9.11 0.25 35.44
C GLY C 205 -8.31 -1.00 35.13
N THR C 206 -8.29 -1.98 36.03
CA THR C 206 -7.52 -3.20 35.81
C THR C 206 -8.29 -4.37 36.37
N GLY C 207 -7.97 -5.56 35.86
CA GLY C 207 -8.62 -6.78 36.30
C GLY C 207 -9.80 -7.14 35.43
N PRO C 208 -10.48 -8.23 35.79
CA PRO C 208 -11.62 -8.67 34.97
C PRO C 208 -12.75 -7.67 34.98
N CYS C 209 -13.46 -7.61 33.84
CA CYS C 209 -14.64 -6.76 33.68
C CYS C 209 -15.84 -7.64 33.36
N PRO C 210 -16.71 -7.92 34.33
CA PRO C 210 -17.79 -8.87 34.07
C PRO C 210 -18.74 -8.43 32.96
N SER C 211 -18.97 -7.13 32.81
CA SER C 211 -19.90 -6.60 31.81
C SER C 211 -19.09 -6.00 30.67
N VAL C 212 -19.21 -6.59 29.48
CA VAL C 212 -18.42 -6.19 28.32
C VAL C 212 -19.34 -5.98 27.13
N SER C 213 -18.92 -5.10 26.23
CA SER C 213 -19.63 -4.85 24.99
C SER C 213 -18.61 -4.50 23.92
N THR C 214 -19.01 -4.70 22.66
CA THR C 214 -18.16 -4.40 21.51
C THR C 214 -18.74 -3.20 20.77
N VAL C 215 -17.87 -2.25 20.42
CA VAL C 215 -18.28 -1.02 19.77
C VAL C 215 -17.42 -0.81 18.53
N GLN C 216 -18.02 -0.19 17.51
CA GLN C 216 -17.27 0.13 16.30
C GLN C 216 -16.27 1.25 16.56
N CYS C 217 -16.67 2.27 17.31
CA CYS C 217 -15.81 3.41 17.61
C CYS C 217 -15.99 3.79 19.07
N THR C 218 -14.95 4.42 19.62
CA THR C 218 -15.01 4.93 20.98
C THR C 218 -15.85 6.20 21.03
N HIS C 219 -16.24 6.59 22.24
CA HIS C 219 -16.94 7.85 22.41
C HIS C 219 -16.02 9.01 22.06
N GLY C 220 -16.63 10.12 21.65
CA GLY C 220 -15.86 11.29 21.29
C GLY C 220 -15.00 11.78 22.43
N ILE C 221 -13.68 11.71 22.27
CA ILE C 221 -12.73 12.12 23.30
C ILE C 221 -12.10 13.42 22.86
N LYS C 222 -12.27 14.47 23.66
CA LYS C 222 -11.71 15.77 23.35
C LYS C 222 -10.26 15.82 23.81
N PRO C 223 -9.30 16.13 22.93
CA PRO C 223 -7.90 16.19 23.36
C PRO C 223 -7.60 17.44 24.18
N VAL C 224 -8.06 17.46 25.43
CA VAL C 224 -7.84 18.59 26.32
C VAL C 224 -6.46 18.43 26.96
N VAL C 225 -5.61 19.44 26.78
CA VAL C 225 -4.25 19.43 27.33
C VAL C 225 -4.26 20.28 28.59
N SER C 226 -3.93 19.65 29.72
CA SER C 226 -3.89 20.35 30.99
C SER C 226 -3.11 19.52 31.99
N THR C 227 -2.74 20.15 33.10
CA THR C 227 -1.98 19.52 34.16
C THR C 227 -2.63 19.77 35.51
N GLN C 228 -2.55 18.78 36.39
CA GLN C 228 -3.01 18.87 37.77
C GLN C 228 -4.53 18.86 37.88
N LEU C 229 -5.22 18.92 36.75
CA LEU C 229 -6.69 19.01 36.75
C LEU C 229 -7.18 18.56 35.39
N LEU C 230 -8.02 17.54 35.37
CA LEU C 230 -8.61 17.06 34.12
C LEU C 230 -9.86 17.87 33.83
N LEU C 231 -9.90 18.50 32.66
CA LEU C 231 -10.96 19.43 32.30
C LEU C 231 -11.80 18.86 31.17
N ASN C 232 -13.11 19.09 31.25
CA ASN C 232 -14.04 18.79 30.15
C ASN C 232 -14.01 17.30 29.78
N GLY C 233 -13.72 16.45 30.75
CA GLY C 233 -13.66 15.02 30.53
C GLY C 233 -14.95 14.32 30.90
N SER C 234 -14.86 13.00 31.05
CA SER C 234 -16.01 12.19 31.44
C SER C 234 -16.07 12.06 32.96
N LEU C 235 -17.28 11.82 33.45
CA LEU C 235 -17.56 11.75 34.87
C LEU C 235 -17.92 10.33 35.28
N ALA C 236 -17.47 9.91 36.45
CA ALA C 236 -17.86 8.61 36.98
C ALA C 236 -19.36 8.56 37.22
N GLU C 237 -19.96 7.43 36.89
CA GLU C 237 -21.41 7.31 36.93
C GLU C 237 -21.94 7.19 38.36
N GLU C 238 -21.22 6.51 39.25
CA GLU C 238 -21.71 6.22 40.59
C GLU C 238 -20.91 6.93 41.68
N GLU C 239 -19.60 6.73 41.72
CA GLU C 239 -18.77 7.26 42.81
C GLU C 239 -17.47 7.79 42.24
N VAL C 240 -16.74 8.53 43.07
CA VAL C 240 -15.41 8.98 42.72
C VAL C 240 -14.48 7.79 42.59
N MET C 241 -13.75 7.71 41.49
CA MET C 241 -12.90 6.57 41.20
C MET C 241 -11.44 6.95 41.37
N ILE C 242 -10.72 6.19 42.19
CA ILE C 242 -9.28 6.34 42.37
C ILE C 242 -8.61 5.20 41.62
N ARG C 243 -7.74 5.54 40.68
CA ARG C 243 -7.10 4.56 39.80
C ARG C 243 -5.60 4.78 39.81
N SER C 244 -4.85 3.71 40.02
CA SER C 244 -3.41 3.76 40.02
C SER C 244 -2.86 2.41 39.58
N GLU C 245 -1.72 2.45 38.87
CA GLU C 245 -1.08 1.22 38.45
C GLU C 245 -0.69 0.38 39.64
N ASN C 246 -0.14 1.02 40.68
CA ASN C 246 0.21 0.33 41.92
C ASN C 246 0.02 1.34 43.05
N ILE C 247 -1.12 1.24 43.74
CA ILE C 247 -1.47 2.24 44.74
C ILE C 247 -0.42 2.29 45.84
N THR C 248 0.13 1.14 46.22
CA THR C 248 1.17 1.12 47.25
C THR C 248 2.42 1.87 46.80
N ASN C 249 2.76 1.77 45.52
CA ASN C 249 3.94 2.45 44.99
C ASN C 249 3.65 3.93 44.84
N ASN C 250 4.40 4.76 45.55
CA ASN C 250 4.20 6.21 45.50
C ASN C 250 4.72 6.82 44.21
N ALA C 251 5.59 6.12 43.47
CA ALA C 251 6.10 6.64 42.21
C ALA C 251 5.05 6.64 41.11
N LYS C 252 3.89 6.01 41.32
CA LYS C 252 2.84 5.94 40.34
C LYS C 252 1.80 7.03 40.60
N ASN C 253 1.42 7.73 39.54
CA ASN C 253 0.42 8.78 39.66
C ASN C 253 -0.96 8.16 39.95
N ILE C 254 -1.75 8.88 40.72
CA ILE C 254 -3.11 8.48 41.05
C ILE C 254 -4.07 9.32 40.20
N LEU C 255 -4.91 8.64 39.42
CA LEU C 255 -5.90 9.30 38.58
C LEU C 255 -7.24 9.29 39.31
N VAL C 256 -7.78 10.48 39.55
CA VAL C 256 -9.05 10.65 40.26
C VAL C 256 -10.09 11.11 39.27
N GLN C 257 -11.25 10.46 39.28
CA GLN C 257 -12.38 10.80 38.41
C GLN C 257 -13.55 11.20 39.28
N PHE C 258 -14.11 12.38 39.02
CA PHE C 258 -15.24 12.88 39.78
C PHE C 258 -16.55 12.34 39.22
N ASN C 259 -17.53 12.16 40.11
CA ASN C 259 -18.88 11.83 39.70
C ASN C 259 -19.71 13.06 39.35
N THR C 260 -19.36 14.21 39.93
CA THR C 260 -19.98 15.48 39.61
C THR C 260 -18.90 16.49 39.27
N PRO C 261 -19.13 17.37 38.31
CA PRO C 261 -18.09 18.32 37.91
C PRO C 261 -17.98 19.50 38.87
N VAL C 262 -16.81 20.11 38.85
CA VAL C 262 -16.54 21.35 39.59
C VAL C 262 -16.26 22.44 38.56
N GLN C 263 -17.08 23.47 38.56
CA GLN C 263 -16.95 24.54 37.58
C GLN C 263 -15.77 25.44 37.94
N ILE C 264 -14.95 25.75 36.95
CA ILE C 264 -13.82 26.64 37.10
C ILE C 264 -13.95 27.76 36.09
N ASN C 265 -13.88 29.00 36.56
CA ASN C 265 -14.04 30.19 35.72
C ASN C 265 -12.71 30.90 35.62
N CYS C 266 -12.13 30.91 34.41
CA CYS C 266 -10.85 31.55 34.15
C CYS C 266 -11.04 32.72 33.20
N THR C 267 -10.32 33.80 33.46
CA THR C 267 -10.42 35.00 32.64
C THR C 267 -9.06 35.68 32.56
N ARG C 268 -8.86 36.40 31.47
CA ARG C 268 -7.73 37.33 31.32
C ARG C 268 -8.32 38.73 31.19
N PRO C 269 -8.43 39.47 32.29
CA PRO C 269 -9.23 40.71 32.28
C PRO C 269 -8.63 41.83 31.45
N ASN C 270 -7.41 41.67 30.94
CA ASN C 270 -6.78 42.71 30.15
C ASN C 270 -7.40 42.79 28.76
N ASN C 271 -7.70 44.01 28.32
CA ASN C 271 -8.22 44.26 26.99
C ASN C 271 -7.04 44.38 26.05
N ASN C 272 -6.59 43.24 25.52
CA ASN C 272 -5.39 43.20 24.71
C ASN C 272 -5.64 43.79 23.33
N THR C 273 -4.57 44.31 22.73
CA THR C 273 -4.58 44.84 21.37
C THR C 273 -3.52 44.13 20.56
N ARG C 274 -3.90 43.65 19.37
CA ARG C 274 -2.99 42.96 18.49
C ARG C 274 -2.43 43.92 17.44
N LYS C 275 -1.18 43.69 17.06
CA LYS C 275 -0.47 44.55 16.13
C LYS C 275 0.28 43.67 15.13
N SER C 276 0.06 43.92 13.85
CA SER C 276 0.68 43.15 12.78
C SER C 276 1.94 43.86 12.31
N ILE C 277 3.06 43.14 12.31
CA ILE C 277 4.35 43.66 11.87
C ILE C 277 4.84 42.78 10.73
N ARG C 278 5.18 43.40 9.61
CA ARG C 278 5.59 42.67 8.41
C ARG C 278 7.04 42.24 8.58
N ILE C 279 7.26 40.93 8.77
CA ILE C 279 8.59 40.41 9.00
C ILE C 279 9.31 40.19 7.68
N GLY C 280 8.57 39.91 6.61
CA GLY C 280 9.15 39.63 5.32
C GLY C 280 8.06 39.49 4.27
N PRO C 281 8.43 39.00 3.08
CA PRO C 281 7.41 38.79 2.05
C PRO C 281 6.39 37.74 2.48
N GLY C 282 5.16 38.18 2.73
CA GLY C 282 4.13 37.28 3.19
C GLY C 282 4.30 36.79 4.61
N GLN C 283 5.19 37.39 5.38
CA GLN C 283 5.44 37.00 6.76
C GLN C 283 5.00 38.13 7.68
N ALA C 284 4.16 37.80 8.66
CA ALA C 284 3.65 38.77 9.62
C ALA C 284 3.88 38.26 11.03
N PHE C 285 4.35 39.16 11.90
CA PHE C 285 4.50 38.88 13.32
C PHE C 285 3.46 39.68 14.08
N TYR C 286 2.66 38.98 14.88
CA TYR C 286 1.53 39.59 15.60
C TYR C 286 2.01 39.98 16.99
N ALA C 287 2.31 41.26 17.17
CA ALA C 287 2.79 41.79 18.43
C ALA C 287 1.62 42.22 19.31
N THR C 288 1.94 42.54 20.56
CA THR C 288 0.96 43.02 21.52
C THR C 288 1.12 44.53 21.67
N GLY C 289 0.07 45.27 21.32
CA GLY C 289 0.05 46.70 21.48
C GLY C 289 -0.33 47.11 22.89
N ASP C 290 -0.65 48.39 23.03
CA ASP C 290 -1.03 48.91 24.33
C ASP C 290 -2.31 48.24 24.82
N ILE C 291 -2.36 48.01 26.13
CA ILE C 291 -3.54 47.43 26.77
C ILE C 291 -4.53 48.55 27.06
N ILE C 292 -5.76 48.38 26.59
CA ILE C 292 -6.78 49.41 26.76
C ILE C 292 -7.39 49.25 28.16
N GLY C 293 -7.12 50.22 29.02
CA GLY C 293 -7.65 50.22 30.36
C GLY C 293 -6.64 49.77 31.39
N ASP C 294 -7.17 49.29 32.52
CA ASP C 294 -6.32 48.83 33.61
C ASP C 294 -5.69 47.49 33.28
N ILE C 295 -4.56 47.23 33.92
CA ILE C 295 -3.83 45.97 33.79
C ILE C 295 -4.00 45.19 35.08
N ARG C 296 -4.58 44.00 34.99
CA ARG C 296 -4.90 43.19 36.15
C ARG C 296 -4.49 41.75 35.91
N GLN C 297 -4.29 41.02 37.00
CA GLN C 297 -3.82 39.65 36.93
C GLN C 297 -4.90 38.71 36.42
N ALA C 298 -4.50 37.75 35.59
CA ALA C 298 -5.38 36.66 35.21
C ALA C 298 -5.56 35.70 36.39
N HIS C 299 -6.73 35.08 36.46
CA HIS C 299 -7.06 34.25 37.60
C HIS C 299 -8.17 33.28 37.20
N CYS C 300 -8.36 32.27 38.05
CA CYS C 300 -9.45 31.32 37.91
C CYS C 300 -10.22 31.22 39.22
N ASN C 301 -11.52 31.00 39.12
CA ASN C 301 -12.41 30.92 40.27
C ASN C 301 -13.06 29.55 40.32
N VAL C 302 -13.12 28.97 41.51
CA VAL C 302 -13.92 27.78 41.78
C VAL C 302 -14.69 28.00 43.07
N SER C 303 -15.83 27.34 43.19
CA SER C 303 -16.64 27.48 44.39
C SER C 303 -15.95 26.81 45.58
N LYS C 304 -15.87 27.54 46.69
CA LYS C 304 -15.22 27.00 47.88
C LYS C 304 -15.96 25.78 48.41
N ALA C 305 -17.28 25.88 48.53
CA ALA C 305 -18.07 24.77 49.07
C ALA C 305 -18.02 23.55 48.16
N THR C 306 -18.14 23.76 46.85
CA THR C 306 -18.09 22.64 45.92
C THR C 306 -16.75 21.95 45.96
N TRP C 307 -15.66 22.72 45.99
CA TRP C 307 -14.34 22.11 46.07
C TRP C 307 -14.15 21.35 47.38
N ASN C 308 -14.63 21.92 48.49
CA ASN C 308 -14.52 21.23 49.77
C ASN C 308 -15.30 19.91 49.75
N GLU C 309 -16.50 19.92 49.18
CA GLU C 309 -17.29 18.69 49.10
C GLU C 309 -16.58 17.65 48.24
N THR C 310 -16.05 18.07 47.09
CA THR C 310 -15.36 17.13 46.21
C THR C 310 -14.12 16.56 46.89
N LEU C 311 -13.37 17.40 47.60
CA LEU C 311 -12.20 16.92 48.32
C LEU C 311 -12.59 15.94 49.42
N GLY C 312 -13.69 16.22 50.12
CA GLY C 312 -14.18 15.26 51.10
C GLY C 312 -14.50 13.93 50.48
N LYS C 313 -15.14 13.95 49.30
CA LYS C 313 -15.48 12.70 48.63
C LYS C 313 -14.23 11.93 48.20
N VAL C 314 -13.26 12.61 47.59
CA VAL C 314 -12.05 11.91 47.18
C VAL C 314 -11.30 11.38 48.39
N VAL C 315 -11.32 12.12 49.51
CA VAL C 315 -10.70 11.63 50.73
C VAL C 315 -11.40 10.37 51.21
N LYS C 316 -12.74 10.37 51.16
CA LYS C 316 -13.50 9.18 51.54
C LYS C 316 -13.08 7.98 50.70
N GLN C 317 -12.89 8.19 49.39
CA GLN C 317 -12.52 7.07 48.54
C GLN C 317 -11.06 6.65 48.72
N LEU C 318 -10.20 7.59 49.12
CA LEU C 318 -8.79 7.26 49.30
C LEU C 318 -8.56 6.47 50.60
N ARG C 319 -9.38 6.73 51.61
CA ARG C 319 -9.26 6.02 52.88
C ARG C 319 -9.50 4.52 52.72
N LYS C 320 -10.23 4.11 51.67
CA LYS C 320 -10.39 2.69 51.40
C LYS C 320 -9.07 2.03 51.05
N HIS C 321 -8.10 2.78 50.56
CA HIS C 321 -6.79 2.24 50.21
C HIS C 321 -5.74 2.51 51.28
N PHE C 322 -5.95 3.49 52.16
CA PHE C 322 -4.93 3.84 53.15
C PHE C 322 -5.43 3.72 54.58
N GLY C 323 -6.49 2.97 54.82
CA GLY C 323 -6.96 2.76 56.19
C GLY C 323 -7.88 3.86 56.66
N ASN C 324 -8.78 3.49 57.58
CA ASN C 324 -9.81 4.42 58.02
C ASN C 324 -9.24 5.52 58.91
N ASN C 325 -8.36 5.17 59.85
CA ASN C 325 -7.83 6.12 60.81
C ASN C 325 -6.51 6.74 60.31
N THR C 326 -6.57 7.29 59.11
CA THR C 326 -5.42 7.88 58.47
C THR C 326 -5.67 9.36 58.19
N ILE C 327 -4.64 10.17 58.42
CA ILE C 327 -4.69 11.60 58.12
C ILE C 327 -4.31 11.79 56.66
N ILE C 328 -5.24 12.32 55.88
CA ILE C 328 -5.01 12.58 54.46
C ILE C 328 -4.77 14.07 54.29
N ARG C 329 -3.61 14.42 53.75
CA ARG C 329 -3.19 15.80 53.59
C ARG C 329 -3.08 16.14 52.11
N PHE C 330 -3.43 17.38 51.76
CA PHE C 330 -3.27 17.89 50.41
C PHE C 330 -2.30 19.05 50.45
N ALA C 331 -1.29 19.00 49.57
CA ALA C 331 -0.26 20.02 49.51
C ALA C 331 0.02 20.35 48.05
N ASN C 332 0.56 21.54 47.82
CA ASN C 332 0.87 21.97 46.46
C ASN C 332 2.10 21.26 45.93
N SER C 333 2.38 21.48 44.64
CA SER C 333 3.46 20.75 43.97
C SER C 333 4.79 21.01 44.66
N SER C 334 5.61 19.95 44.74
CA SER C 334 6.93 20.09 45.34
C SER C 334 7.81 21.04 44.53
N GLY C 335 7.79 20.92 43.22
CA GLY C 335 8.60 21.78 42.38
C GLY C 335 8.75 21.18 40.99
N GLY C 336 9.50 21.91 40.17
CA GLY C 336 9.77 21.54 38.80
C GLY C 336 9.54 22.73 37.88
N ASP C 337 9.40 22.43 36.60
CA ASP C 337 9.13 23.49 35.63
C ASP C 337 7.72 24.03 35.81
N LEU C 338 7.49 25.22 35.27
CA LEU C 338 6.22 25.91 35.46
C LEU C 338 5.05 25.06 34.98
N GLU C 339 5.27 24.21 33.97
CA GLU C 339 4.16 23.43 33.42
C GLU C 339 3.59 22.46 34.44
N VAL C 340 4.45 21.82 35.22
CA VAL C 340 3.99 20.77 36.14
C VAL C 340 3.61 21.31 37.50
N THR C 341 4.26 22.39 37.95
CA THR C 341 3.95 22.96 39.26
C THR C 341 2.69 23.82 39.25
N THR C 342 2.10 24.06 38.09
CA THR C 342 0.91 24.88 37.95
C THR C 342 -0.12 24.15 37.11
N HIS C 343 -1.38 24.54 37.27
CA HIS C 343 -2.46 24.01 36.45
C HIS C 343 -2.39 24.67 35.08
N SER C 344 -1.73 24.00 34.14
CA SER C 344 -1.59 24.52 32.79
C SER C 344 -2.80 24.17 31.96
N PHE C 345 -3.16 25.05 31.03
CA PHE C 345 -4.26 24.82 30.12
C PHE C 345 -4.31 25.98 29.13
N ASN C 346 -5.09 25.78 28.07
CA ASN C 346 -5.31 26.80 27.05
C ASN C 346 -6.75 27.28 27.13
N CYS C 347 -6.93 28.59 27.26
CA CYS C 347 -8.25 29.20 27.44
C CYS C 347 -8.48 30.16 26.28
N GLY C 348 -9.18 29.70 25.25
CA GLY C 348 -9.50 30.54 24.12
C GLY C 348 -8.29 31.00 23.34
N GLY C 349 -7.27 30.16 23.24
CA GLY C 349 -6.05 30.50 22.53
C GLY C 349 -4.96 31.10 23.39
N GLU C 350 -5.27 31.48 24.63
CA GLU C 350 -4.28 31.97 25.58
C GLU C 350 -3.90 30.83 26.52
N PHE C 351 -2.60 30.73 26.82
CA PHE C 351 -2.07 29.66 27.65
C PHE C 351 -1.92 30.16 29.08
N PHE C 352 -2.57 29.46 30.02
CA PHE C 352 -2.58 29.84 31.42
C PHE C 352 -1.66 28.94 32.22
N TYR C 353 -1.14 29.48 33.32
CA TYR C 353 -0.31 28.73 34.26
C TYR C 353 -0.73 29.18 35.65
N CYS C 354 -1.64 28.43 36.26
CA CYS C 354 -2.34 28.85 37.46
C CYS C 354 -1.76 28.19 38.70
N ASN C 355 -1.63 28.99 39.76
CA ASN C 355 -1.05 28.55 41.02
C ASN C 355 -2.17 27.96 41.88
N THR C 356 -2.19 26.62 41.96
CA THR C 356 -3.26 25.89 42.64
C THR C 356 -2.96 25.63 44.11
N SER C 357 -2.14 26.47 44.75
CA SER C 357 -1.81 26.27 46.15
C SER C 357 -3.03 26.38 47.05
N GLY C 358 -4.08 27.08 46.61
CA GLY C 358 -5.29 27.19 47.39
C GLY C 358 -6.26 26.04 47.21
N LEU C 359 -6.09 25.25 46.16
CA LEU C 359 -6.95 24.10 45.91
C LEU C 359 -6.51 22.88 46.71
N PHE C 360 -5.25 22.82 47.10
CA PHE C 360 -4.66 21.62 47.70
C PHE C 360 -4.03 21.98 49.03
N ASN C 361 -4.80 22.66 49.88
CA ASN C 361 -4.34 23.20 51.15
C ASN C 361 -5.34 22.76 52.21
N SER C 362 -5.15 21.56 52.75
CA SER C 362 -6.10 21.00 53.69
C SER C 362 -5.53 19.74 54.31
N THR C 363 -5.92 19.49 55.56
CA THR C 363 -5.64 18.24 56.25
C THR C 363 -6.96 17.69 56.77
N TRP C 364 -7.21 16.40 56.54
CA TRP C 364 -8.49 15.77 56.85
C TRP C 364 -8.29 14.77 57.98
N ILE C 365 -9.08 14.92 59.04
CA ILE C 365 -8.96 14.09 60.22
C ILE C 365 -9.81 12.85 60.04
N SER C 366 -9.48 11.80 60.82
CA SER C 366 -10.06 10.49 60.60
C SER C 366 -11.57 10.44 60.85
N ASN C 367 -12.11 11.35 61.64
CA ASN C 367 -13.53 11.33 61.98
C ASN C 367 -14.40 11.32 60.72
N ASN C 379 -21.36 31.03 49.12
CA ASN C 379 -21.26 31.75 47.85
C ASN C 379 -19.82 32.20 47.60
N ASP C 380 -18.94 31.93 48.55
CA ASP C 380 -17.54 32.30 48.38
C ASP C 380 -16.88 31.46 47.30
N SER C 381 -15.77 31.97 46.77
CA SER C 381 -15.02 31.30 45.72
C SER C 381 -13.53 31.38 46.03
N ILE C 382 -12.80 30.42 45.48
CA ILE C 382 -11.35 30.37 45.62
C ILE C 382 -10.74 30.96 44.37
N THR C 383 -10.08 32.11 44.52
CA THR C 383 -9.41 32.78 43.40
C THR C 383 -7.94 32.41 43.43
N LEU C 384 -7.48 31.68 42.41
CA LEU C 384 -6.10 31.25 42.30
C LEU C 384 -5.44 32.00 41.16
N PRO C 385 -4.37 32.76 41.41
CA PRO C 385 -3.80 33.59 40.35
C PRO C 385 -3.19 32.75 39.24
N CYS C 386 -3.15 33.34 38.05
CA CYS C 386 -2.63 32.68 36.86
C CYS C 386 -1.66 33.58 36.13
N ARG C 387 -0.69 32.97 35.46
CA ARG C 387 0.31 33.67 34.67
C ARG C 387 0.17 33.26 33.21
N ILE C 388 0.45 34.20 32.31
CA ILE C 388 0.32 33.97 30.88
C ILE C 388 1.71 33.86 30.27
N LYS C 389 1.83 32.99 29.28
CA LYS C 389 3.05 32.84 28.51
C LYS C 389 2.69 32.79 27.04
N GLN C 390 3.65 33.18 26.19
CA GLN C 390 3.48 33.14 24.75
C GLN C 390 4.44 32.19 24.05
N ILE C 391 5.53 31.79 24.70
CA ILE C 391 6.44 30.77 24.18
C ILE C 391 6.08 29.47 24.86
N ILE C 392 5.64 28.49 24.07
CA ILE C 392 5.06 27.25 24.58
C ILE C 392 5.92 26.07 24.15
N ASN C 393 6.26 25.21 25.11
CA ASN C 393 6.98 23.98 24.85
C ASN C 393 6.03 22.82 25.19
N MET C 394 5.32 22.34 24.18
CA MET C 394 4.31 21.31 24.36
C MET C 394 4.94 19.92 24.35
N TRP C 395 4.21 18.98 24.95
CA TRP C 395 4.57 17.56 24.92
C TRP C 395 5.91 17.27 25.59
N GLN C 396 6.35 18.15 26.48
CA GLN C 396 7.61 17.99 27.20
C GLN C 396 8.80 17.91 26.25
N ARG C 397 8.65 18.40 25.02
CA ARG C 397 9.73 18.38 24.05
C ARG C 397 10.65 19.57 24.24
N ILE C 398 11.86 19.45 23.70
CA ILE C 398 12.85 20.51 23.73
C ILE C 398 13.34 20.75 22.30
N GLY C 399 13.42 22.03 21.92
CA GLY C 399 13.86 22.41 20.60
C GLY C 399 12.73 22.73 19.62
N GLN C 400 11.48 22.48 20.01
CA GLN C 400 10.32 22.78 19.17
C GLN C 400 9.38 23.64 20.02
N CYS C 401 9.60 24.95 19.98
CA CYS C 401 8.78 25.91 20.71
C CYS C 401 7.81 26.60 19.77
N MET C 402 6.65 26.99 20.32
CA MET C 402 5.61 27.66 19.57
C MET C 402 5.30 28.99 20.22
N TYR C 403 5.12 30.03 19.39
CA TYR C 403 4.76 31.35 19.86
C TYR C 403 3.26 31.55 19.65
N ALA C 404 2.55 31.82 20.75
CA ALA C 404 1.11 32.01 20.69
C ALA C 404 0.79 33.47 20.39
N PRO C 405 0.14 33.79 19.28
CA PRO C 405 -0.18 35.18 19.00
C PRO C 405 -1.11 35.74 20.06
N PRO C 406 -1.01 37.04 20.36
CA PRO C 406 -1.96 37.64 21.30
C PRO C 406 -3.37 37.63 20.74
N ILE C 407 -4.34 37.71 21.64
CA ILE C 407 -5.75 37.68 21.30
C ILE C 407 -6.39 38.98 21.78
N GLN C 408 -7.09 39.66 20.88
CA GLN C 408 -7.69 40.94 21.20
C GLN C 408 -8.87 40.76 22.15
N GLY C 409 -9.09 41.76 23.00
CA GLY C 409 -10.22 41.75 23.90
C GLY C 409 -9.92 41.00 25.19
N VAL C 410 -11.01 40.67 25.89
CA VAL C 410 -10.94 40.01 27.19
C VAL C 410 -11.24 38.53 26.99
N ILE C 411 -10.42 37.68 27.60
CA ILE C 411 -10.56 36.24 27.52
C ILE C 411 -11.37 35.75 28.72
N ARG C 412 -12.31 34.85 28.47
CA ARG C 412 -13.07 34.22 29.55
C ARG C 412 -13.54 32.85 29.08
N CYS C 413 -13.34 31.85 29.93
CA CYS C 413 -13.75 30.49 29.63
C CYS C 413 -14.25 29.82 30.90
N VAL C 414 -15.18 28.88 30.73
CA VAL C 414 -15.75 28.11 31.82
C VAL C 414 -15.59 26.64 31.50
N SER C 415 -15.06 25.87 32.44
CA SER C 415 -14.79 24.46 32.25
C SER C 415 -15.25 23.67 33.47
N ASN C 416 -15.25 22.35 33.32
CA ASN C 416 -15.54 21.43 34.40
C ASN C 416 -14.27 20.71 34.81
N ILE C 417 -14.00 20.68 36.12
CA ILE C 417 -12.91 19.85 36.65
C ILE C 417 -13.49 18.46 36.88
N THR C 418 -13.16 17.52 35.98
CA THR C 418 -13.70 16.18 36.01
C THR C 418 -12.77 15.17 36.67
N GLY C 419 -11.61 15.60 37.15
CA GLY C 419 -10.68 14.66 37.77
C GLY C 419 -9.41 15.36 38.18
N LEU C 420 -8.51 14.57 38.76
CA LEU C 420 -7.24 15.06 39.25
C LEU C 420 -6.13 14.07 38.88
N ILE C 421 -4.90 14.57 38.90
CA ILE C 421 -3.71 13.74 38.82
C ILE C 421 -2.90 14.04 40.08
N LEU C 422 -2.79 13.04 40.95
CA LEU C 422 -2.18 13.21 42.27
C LEU C 422 -0.92 12.39 42.38
N THR C 423 -0.09 12.76 43.36
CA THR C 423 1.13 12.04 43.67
C THR C 423 1.27 11.96 45.18
N ARG C 424 1.57 10.76 45.70
CA ARG C 424 1.72 10.55 47.13
C ARG C 424 3.19 10.61 47.51
N ASP C 425 3.47 11.19 48.68
CA ASP C 425 4.83 11.31 49.17
C ASP C 425 5.22 10.07 49.95
N GLY C 426 6.49 9.68 49.83
CA GLY C 426 6.99 8.52 50.53
C GLY C 426 7.16 8.81 52.02
N GLY C 427 6.39 8.13 52.86
CA GLY C 427 6.46 8.31 54.29
C GLY C 427 7.30 7.24 54.94
N SER C 428 7.94 7.61 56.05
CA SER C 428 8.78 6.68 56.80
C SER C 428 7.90 5.79 57.69
N THR C 429 8.02 4.48 57.50
CA THR C 429 7.20 3.53 58.26
C THR C 429 5.73 3.91 58.04
N ASN C 430 4.90 3.68 59.04
CA ASN C 430 3.49 4.06 59.00
C ASN C 430 3.30 5.27 59.92
N SER C 431 3.37 6.47 59.34
CA SER C 431 3.22 7.70 60.09
C SER C 431 1.78 8.16 60.20
N THR C 432 0.82 7.25 59.98
CA THR C 432 -0.61 7.54 60.08
C THR C 432 -0.97 8.85 59.39
N THR C 433 -0.24 9.21 58.35
CA THR C 433 -0.53 10.41 57.58
C THR C 433 -0.07 10.21 56.15
N GLU C 434 -0.93 10.55 55.19
CA GLU C 434 -0.62 10.48 53.77
C GLU C 434 -0.89 11.84 53.15
N THR C 435 0.12 12.38 52.46
CA THR C 435 0.00 13.69 51.82
C THR C 435 0.03 13.50 50.31
N PHE C 436 -0.94 14.08 49.62
CA PHE C 436 -1.07 13.98 48.18
C PHE C 436 -0.87 15.35 47.55
N ARG C 437 -0.14 15.38 46.43
CA ARG C 437 0.15 16.61 45.74
C ARG C 437 -0.25 16.50 44.28
N PRO C 438 -0.67 17.60 43.66
CA PRO C 438 -1.04 17.55 42.24
C PRO C 438 0.17 17.23 41.37
N GLY C 439 -0.11 16.53 40.27
CA GLY C 439 0.93 16.16 39.32
C GLY C 439 0.50 16.37 37.89
N GLY C 440 1.21 15.73 36.96
CA GLY C 440 0.91 15.82 35.55
C GLY C 440 2.18 16.05 34.75
N GLY C 441 2.00 16.58 33.55
CA GLY C 441 3.11 16.82 32.65
C GLY C 441 3.11 15.87 31.48
N ASP C 442 2.81 14.60 31.75
CA ASP C 442 2.69 13.58 30.71
C ASP C 442 1.23 13.49 30.29
N MET C 443 0.93 13.92 29.07
CA MET C 443 -0.44 13.94 28.60
C MET C 443 -0.99 12.54 28.39
N ARG C 444 -0.15 11.51 28.38
CA ARG C 444 -0.64 10.15 28.24
C ARG C 444 -1.58 9.79 29.38
N ASP C 445 -1.38 10.38 30.56
CA ASP C 445 -2.31 10.19 31.66
C ASP C 445 -3.64 10.87 31.40
N ASN C 446 -3.65 11.95 30.63
CA ASN C 446 -4.91 12.61 30.28
C ASN C 446 -5.74 11.75 29.34
N TRP C 447 -5.11 11.21 28.30
CA TRP C 447 -5.82 10.29 27.42
C TRP C 447 -6.19 9.01 28.18
N ARG C 448 -5.30 8.54 29.04
CA ARG C 448 -5.55 7.33 29.80
C ARG C 448 -6.80 7.44 30.66
N SER C 449 -7.14 8.66 31.08
CA SER C 449 -8.33 8.87 31.89
C SER C 449 -9.62 8.70 31.09
N GLU C 450 -9.53 8.73 29.76
CA GLU C 450 -10.70 8.57 28.90
C GLU C 450 -10.75 7.23 28.20
N LEU C 451 -9.60 6.58 27.97
CA LEU C 451 -9.53 5.31 27.28
C LEU C 451 -9.39 4.13 28.23
N TYR C 452 -9.59 4.36 29.53
CA TYR C 452 -9.41 3.28 30.51
C TYR C 452 -10.39 2.14 30.28
N LYS C 453 -11.53 2.42 29.66
CA LYS C 453 -12.61 1.45 29.51
C LYS C 453 -12.56 0.72 28.18
N TYR C 454 -11.52 0.93 27.37
CA TYR C 454 -11.44 0.35 26.04
C TYR C 454 -10.20 -0.52 25.90
N LYS C 455 -10.31 -1.51 25.02
CA LYS C 455 -9.18 -2.35 24.64
C LYS C 455 -9.40 -2.82 23.21
N VAL C 456 -8.31 -3.22 22.56
CA VAL C 456 -8.33 -3.68 21.18
C VAL C 456 -7.98 -5.16 21.17
N VAL C 457 -8.76 -5.95 20.45
CA VAL C 457 -8.54 -7.38 20.31
C VAL C 457 -8.55 -7.74 18.83
N LYS C 458 -7.83 -8.80 18.49
CA LYS C 458 -7.76 -9.31 17.13
C LYS C 458 -8.59 -10.57 17.02
N ILE C 459 -9.42 -10.64 15.98
CA ILE C 459 -10.28 -11.80 15.77
C ILE C 459 -9.43 -12.97 15.30
N GLU C 460 -9.81 -14.18 15.73
CA GLU C 460 -9.15 -15.43 15.35
C GLU C 460 -10.23 -16.33 14.76
N PRO C 461 -10.58 -16.12 13.49
CA PRO C 461 -11.80 -16.74 12.94
C PRO C 461 -11.69 -18.24 12.74
N LEU C 462 -10.50 -18.83 12.84
CA LEU C 462 -10.31 -20.24 12.56
C LEU C 462 -10.47 -21.06 13.82
N GLY C 463 -11.35 -22.05 13.79
CA GLY C 463 -11.60 -22.90 14.93
C GLY C 463 -11.79 -24.36 14.56
N VAL C 464 -11.26 -25.25 15.38
CA VAL C 464 -11.40 -26.70 15.18
C VAL C 464 -12.05 -27.28 16.42
N ALA C 465 -13.13 -28.02 16.22
CA ALA C 465 -13.88 -28.65 17.30
C ALA C 465 -14.28 -30.05 16.88
N PRO C 466 -14.47 -30.94 17.85
CA PRO C 466 -15.00 -32.25 17.50
C PRO C 466 -16.45 -32.17 17.08
N THR C 467 -16.73 -32.80 15.95
CA THR C 467 -18.09 -33.06 15.52
C THR C 467 -18.09 -34.49 15.03
N ARG C 468 -19.31 -35.07 14.98
CA ARG C 468 -19.54 -36.47 14.55
C ARG C 468 -19.60 -36.60 13.04
N CYS C 469 -19.00 -35.67 12.35
CA CYS C 469 -18.80 -35.68 10.91
C CYS C 469 -17.65 -36.53 10.42
N LYS C 470 -17.79 -37.04 9.19
CA LYS C 470 -16.67 -37.60 8.46
C LYS C 470 -16.80 -37.27 6.98
N ARG C 471 -15.65 -36.98 6.36
CA ARG C 471 -15.58 -36.64 4.94
C ARG C 471 -15.62 -37.91 4.08
N ARG C 472 -15.88 -37.74 2.79
CA ARG C 472 -15.88 -38.87 1.85
C ARG C 472 -14.46 -39.32 1.51
N VAL C 473 -14.36 -40.48 0.87
CA VAL C 473 -13.14 -40.92 0.19
C VAL C 473 -13.36 -40.87 -1.32
N ALA D 1 -7.25 -11.60 -42.50
CA ALA D 1 -7.80 -10.67 -41.49
C ALA D 1 -8.03 -11.37 -40.16
N VAL D 2 -7.86 -10.63 -39.06
CA VAL D 2 -8.07 -11.20 -37.74
C VAL D 2 -9.52 -11.65 -37.58
N GLY D 3 -10.45 -10.83 -38.04
CA GLY D 3 -11.87 -11.13 -37.90
C GLY D 3 -12.49 -10.37 -36.73
N ILE D 4 -13.81 -10.16 -36.83
CA ILE D 4 -14.52 -9.41 -35.81
C ILE D 4 -14.75 -10.19 -34.53
N GLY D 5 -14.46 -11.49 -34.53
CA GLY D 5 -14.58 -12.27 -33.31
C GLY D 5 -13.62 -11.85 -32.23
N ALA D 6 -12.41 -11.46 -32.60
CA ALA D 6 -11.45 -10.97 -31.61
C ALA D 6 -12.00 -9.77 -30.86
N VAL D 7 -12.79 -8.93 -31.53
CA VAL D 7 -13.45 -7.82 -30.84
C VAL D 7 -14.43 -8.37 -29.80
N PHE D 8 -15.20 -9.39 -30.19
CA PHE D 8 -16.11 -10.02 -29.23
C PHE D 8 -15.34 -10.58 -28.04
N LEU D 9 -14.11 -11.02 -28.25
CA LEU D 9 -13.29 -11.56 -27.18
C LEU D 9 -12.51 -10.49 -26.41
N GLY D 10 -12.70 -9.21 -26.75
CA GLY D 10 -12.03 -8.15 -26.04
C GLY D 10 -12.78 -7.73 -24.78
N PHE D 11 -12.11 -6.90 -23.98
CA PHE D 11 -12.70 -6.41 -22.75
C PHE D 11 -13.98 -5.64 -23.05
N LEU D 12 -15.08 -6.05 -22.41
CA LEU D 12 -16.40 -5.46 -22.60
C LEU D 12 -16.89 -5.56 -24.04
N GLY D 13 -16.28 -6.42 -24.85
CA GLY D 13 -16.69 -6.53 -26.25
C GLY D 13 -18.11 -7.02 -26.41
N ALA D 14 -18.63 -7.77 -25.43
CA ALA D 14 -19.98 -8.31 -25.49
C ALA D 14 -20.97 -7.47 -24.70
N ALA D 15 -20.59 -6.27 -24.27
CA ALA D 15 -21.50 -5.44 -23.49
C ALA D 15 -22.79 -5.15 -24.24
N GLY D 16 -22.73 -5.10 -25.57
CA GLY D 16 -23.91 -4.82 -26.36
C GLY D 16 -24.60 -6.07 -26.88
N SER D 17 -23.94 -7.21 -26.75
CA SER D 17 -24.51 -8.47 -27.22
C SER D 17 -25.52 -9.00 -26.21
N THR D 18 -26.32 -9.96 -26.67
CA THR D 18 -27.30 -10.58 -25.79
C THR D 18 -26.60 -11.28 -24.64
N MET D 19 -27.21 -11.21 -23.46
CA MET D 19 -26.62 -11.82 -22.28
C MET D 19 -26.32 -13.29 -22.48
N GLY D 20 -27.15 -13.99 -23.25
CA GLY D 20 -26.83 -15.38 -23.58
C GLY D 20 -25.50 -15.51 -24.30
N ALA D 21 -25.23 -14.62 -25.25
CA ALA D 21 -23.95 -14.62 -25.94
C ALA D 21 -22.84 -14.03 -25.08
N ALA D 22 -23.16 -13.03 -24.25
CA ALA D 22 -22.15 -12.43 -23.38
C ALA D 22 -21.70 -13.39 -22.28
N SER D 23 -22.49 -14.43 -22.00
CA SER D 23 -22.12 -15.40 -20.98
C SER D 23 -20.89 -16.22 -21.36
N MET D 24 -20.46 -16.15 -22.62
CA MET D 24 -19.32 -16.92 -23.10
C MET D 24 -18.01 -16.13 -23.04
N THR D 25 -18.02 -14.92 -22.48
CA THR D 25 -16.82 -14.08 -22.38
C THR D 25 -16.66 -13.54 -20.96
N LEU D 26 -17.12 -14.29 -19.96
CA LEU D 26 -17.02 -13.84 -18.57
C LEU D 26 -15.56 -13.73 -18.13
N THR D 27 -14.74 -14.69 -18.55
CA THR D 27 -13.35 -14.73 -18.12
C THR D 27 -12.59 -13.46 -18.45
N VAL D 28 -12.96 -12.77 -19.53
CA VAL D 28 -12.26 -11.55 -19.91
C VAL D 28 -12.40 -10.49 -18.82
N GLN D 29 -13.63 -10.22 -18.40
CA GLN D 29 -13.84 -9.26 -17.33
C GLN D 29 -13.27 -9.76 -16.01
N ALA D 30 -13.45 -11.05 -15.73
CA ALA D 30 -12.94 -11.60 -14.48
C ALA D 30 -11.44 -11.40 -14.37
N ARG D 31 -10.72 -11.60 -15.48
CA ARG D 31 -9.27 -11.40 -15.47
C ARG D 31 -8.91 -9.93 -15.44
N ASN D 32 -9.67 -9.09 -16.15
CA ASN D 32 -9.40 -7.66 -16.10
C ASN D 32 -9.49 -7.11 -14.69
N LEU D 33 -10.34 -7.70 -13.85
CA LEU D 33 -10.44 -7.23 -12.47
C LEU D 33 -9.11 -7.28 -11.74
N LEU D 34 -8.21 -8.19 -12.12
CA LEU D 34 -6.91 -8.32 -11.48
C LEU D 34 -5.75 -7.94 -12.39
N SER D 35 -6.01 -7.15 -13.42
CA SER D 35 -4.96 -6.83 -14.39
C SER D 35 -3.81 -6.09 -13.72
N GLY D 36 -2.60 -6.39 -14.20
CA GLY D 36 -1.40 -5.75 -13.70
C GLY D 36 -0.15 -6.19 -14.43
N THR D 58 5.62 11.17 -4.70
CA THR D 58 5.27 10.35 -3.55
C THR D 58 3.76 10.25 -3.41
N VAL D 59 3.08 11.39 -3.52
CA VAL D 59 1.62 11.40 -3.44
C VAL D 59 1.03 10.57 -4.58
N TRP D 60 1.61 10.66 -5.77
CA TRP D 60 1.15 9.85 -6.89
C TRP D 60 1.29 8.36 -6.57
N GLY D 61 2.43 7.97 -6.02
CA GLY D 61 2.62 6.57 -5.65
C GLY D 61 1.64 6.15 -4.57
N ILE D 62 1.38 7.02 -3.60
CA ILE D 62 0.41 6.70 -2.55
C ILE D 62 -0.97 6.47 -3.15
N LYS D 63 -1.39 7.34 -4.07
CA LYS D 63 -2.70 7.19 -4.68
C LYS D 63 -2.79 5.93 -5.51
N GLN D 64 -1.75 5.63 -6.29
CA GLN D 64 -1.75 4.41 -7.10
C GLN D 64 -1.82 3.18 -6.19
N LEU D 65 -1.06 3.18 -5.11
CA LEU D 65 -1.07 2.05 -4.19
C LEU D 65 -2.44 1.89 -3.53
N GLN D 66 -3.06 3.01 -3.15
CA GLN D 66 -4.40 2.95 -2.58
C GLN D 66 -5.39 2.37 -3.57
N ALA D 67 -5.31 2.79 -4.83
CA ALA D 67 -6.20 2.24 -5.85
C ALA D 67 -5.99 0.74 -6.01
N ARG D 68 -4.74 0.29 -6.05
CA ARG D 68 -4.46 -1.13 -6.20
C ARG D 68 -5.01 -1.92 -5.01
N VAL D 69 -4.79 -1.42 -3.80
CA VAL D 69 -5.27 -2.11 -2.60
C VAL D 69 -6.79 -2.17 -2.61
N LEU D 70 -7.45 -1.08 -3.01
CA LEU D 70 -8.91 -1.08 -3.07
C LEU D 70 -9.42 -2.08 -4.09
N ALA D 71 -8.76 -2.17 -5.25
CA ALA D 71 -9.16 -3.16 -6.24
C ALA D 71 -9.02 -4.58 -5.69
N VAL D 72 -7.90 -4.85 -5.01
CA VAL D 72 -7.71 -6.17 -4.42
C VAL D 72 -8.80 -6.46 -3.40
N GLU D 73 -9.13 -5.47 -2.56
CA GLU D 73 -10.16 -5.68 -1.56
C GLU D 73 -11.52 -5.95 -2.19
N ARG D 74 -11.85 -5.22 -3.25
CA ARG D 74 -13.12 -5.44 -3.93
C ARG D 74 -13.19 -6.85 -4.53
N TYR D 75 -12.10 -7.28 -5.17
CA TYR D 75 -12.08 -8.62 -5.75
C TYR D 75 -12.23 -9.67 -4.66
N LEU D 76 -11.54 -9.48 -3.53
CA LEU D 76 -11.63 -10.45 -2.45
C LEU D 76 -13.03 -10.49 -1.84
N ARG D 77 -13.68 -9.33 -1.72
CA ARG D 77 -15.05 -9.31 -1.23
C ARG D 77 -15.98 -10.07 -2.17
N ASP D 78 -15.82 -9.86 -3.48
CA ASP D 78 -16.64 -10.59 -4.43
C ASP D 78 -16.41 -12.09 -4.33
N GLN D 79 -15.16 -12.51 -4.22
CA GLN D 79 -14.85 -13.94 -4.10
C GLN D 79 -15.42 -14.52 -2.81
N GLN D 80 -15.33 -13.77 -1.72
CA GLN D 80 -15.90 -14.23 -0.46
C GLN D 80 -17.41 -14.39 -0.56
N LEU D 81 -18.07 -13.45 -1.23
CA LEU D 81 -19.51 -13.59 -1.47
C LEU D 81 -19.82 -14.85 -2.26
N LEU D 82 -19.08 -15.06 -3.35
CA LEU D 82 -19.31 -16.26 -4.17
C LEU D 82 -19.13 -17.53 -3.35
N GLY D 83 -18.07 -17.58 -2.53
CA GLY D 83 -17.87 -18.74 -1.68
C GLY D 83 -18.99 -18.90 -0.66
N ILE D 84 -19.46 -17.80 -0.10
CA ILE D 84 -20.57 -17.84 0.86
C ILE D 84 -21.82 -18.37 0.21
N TRP D 85 -21.96 -18.24 -1.11
CA TRP D 85 -23.07 -18.85 -1.83
C TRP D 85 -22.77 -20.26 -2.32
N GLY D 86 -21.61 -20.80 -1.99
CA GLY D 86 -21.24 -22.12 -2.49
C GLY D 86 -20.80 -22.11 -3.93
N CYS D 87 -20.44 -20.95 -4.48
CA CYS D 87 -20.06 -20.79 -5.87
C CYS D 87 -18.58 -20.49 -6.03
N SER D 88 -17.76 -20.92 -5.07
CA SER D 88 -16.34 -20.61 -5.10
C SER D 88 -15.66 -21.28 -6.27
N GLY D 89 -14.84 -20.51 -6.99
CA GLY D 89 -14.06 -21.04 -8.10
C GLY D 89 -14.81 -21.18 -9.41
N LYS D 90 -16.10 -20.83 -9.44
CA LYS D 90 -16.91 -20.96 -10.64
C LYS D 90 -17.31 -19.59 -11.16
N LEU D 91 -17.32 -19.45 -12.48
CA LEU D 91 -17.83 -18.25 -13.12
C LEU D 91 -19.33 -18.34 -13.39
N ILE D 92 -19.83 -19.54 -13.66
CA ILE D 92 -21.25 -19.82 -13.76
C ILE D 92 -21.58 -20.86 -12.70
N CYS D 93 -22.52 -20.53 -11.81
CA CYS D 93 -22.85 -21.38 -10.69
C CYS D 93 -24.36 -21.54 -10.59
N CYS D 94 -24.84 -22.76 -10.81
CA CYS D 94 -26.26 -23.07 -10.66
C CYS D 94 -26.58 -23.32 -9.19
N THR D 95 -27.73 -22.79 -8.75
CA THR D 95 -28.10 -22.75 -7.34
C THR D 95 -29.44 -23.48 -7.14
N ASN D 96 -29.87 -23.52 -5.89
CA ASN D 96 -31.12 -24.16 -5.49
C ASN D 96 -32.26 -23.17 -5.25
N VAL D 97 -32.01 -21.87 -5.43
CA VAL D 97 -33.00 -20.84 -5.15
C VAL D 97 -33.92 -20.74 -6.37
N PRO D 98 -35.21 -21.03 -6.24
CA PRO D 98 -36.12 -20.87 -7.38
C PRO D 98 -36.31 -19.40 -7.73
N TRP D 99 -36.57 -19.16 -9.01
CA TRP D 99 -36.76 -17.79 -9.49
C TRP D 99 -38.19 -17.33 -9.21
N ASN D 100 -38.31 -16.17 -8.59
CA ASN D 100 -39.62 -15.58 -8.33
C ASN D 100 -40.11 -14.82 -9.54
N SER D 101 -41.39 -15.02 -9.87
CA SER D 101 -42.01 -14.25 -10.95
C SER D 101 -42.15 -12.79 -10.58
N SER D 102 -42.16 -12.47 -9.29
CA SER D 102 -42.23 -11.06 -8.87
C SER D 102 -41.01 -10.30 -9.34
N TRP D 103 -39.83 -10.89 -9.22
CA TRP D 103 -38.61 -10.21 -9.66
C TRP D 103 -38.66 -9.91 -11.16
N SER D 104 -39.09 -10.88 -11.95
CA SER D 104 -39.24 -10.68 -13.39
C SER D 104 -40.13 -11.78 -13.94
N ASN D 105 -41.28 -11.40 -14.50
CA ASN D 105 -42.17 -12.34 -15.16
C ASN D 105 -41.75 -12.63 -16.59
N ARG D 106 -40.62 -12.07 -17.03
CA ARG D 106 -40.19 -12.23 -18.41
C ARG D 106 -39.81 -13.68 -18.70
N ASN D 107 -39.93 -14.07 -19.97
CA ASN D 107 -39.65 -15.43 -20.39
C ASN D 107 -38.14 -15.69 -20.36
N LEU D 108 -37.78 -16.93 -20.64
CA LEU D 108 -36.37 -17.32 -20.73
C LEU D 108 -35.76 -16.91 -22.06
N SER D 109 -36.48 -17.16 -23.16
CA SER D 109 -35.98 -16.78 -24.48
C SER D 109 -35.78 -15.27 -24.55
N GLU D 110 -36.75 -14.50 -24.05
CA GLU D 110 -36.59 -13.05 -24.04
C GLU D 110 -35.30 -12.66 -23.34
N ILE D 111 -35.09 -13.16 -22.12
CA ILE D 111 -33.95 -12.73 -21.32
C ILE D 111 -32.65 -13.10 -22.01
N TRP D 112 -32.54 -14.35 -22.48
CA TRP D 112 -31.27 -14.87 -22.93
C TRP D 112 -31.04 -14.74 -24.43
N ASP D 113 -31.95 -14.12 -25.17
CA ASP D 113 -31.76 -13.90 -26.59
C ASP D 113 -32.12 -12.50 -27.08
N ASN D 114 -32.72 -11.65 -26.24
CA ASN D 114 -33.08 -10.30 -26.63
C ASN D 114 -32.35 -9.24 -25.82
N MET D 115 -32.39 -9.35 -24.49
CA MET D 115 -31.81 -8.33 -23.64
C MET D 115 -30.30 -8.50 -23.52
N THR D 116 -29.66 -7.47 -22.98
CA THR D 116 -28.25 -7.49 -22.63
C THR D 116 -28.11 -7.36 -21.12
N TRP D 117 -26.90 -7.62 -20.64
CA TRP D 117 -26.68 -7.65 -19.19
C TRP D 117 -26.92 -6.29 -18.55
N LEU D 118 -26.64 -5.21 -19.28
CA LEU D 118 -26.91 -3.88 -18.75
C LEU D 118 -28.40 -3.65 -18.55
N GLN D 119 -29.20 -3.97 -19.56
CA GLN D 119 -30.65 -3.83 -19.45
C GLN D 119 -31.17 -4.70 -18.33
N TRP D 120 -30.70 -5.94 -18.25
CA TRP D 120 -31.18 -6.86 -17.22
C TRP D 120 -30.82 -6.36 -15.83
N ASP D 121 -29.60 -5.83 -15.67
CA ASP D 121 -29.21 -5.25 -14.39
C ASP D 121 -30.10 -4.10 -14.01
N LYS D 122 -30.42 -3.23 -14.98
CA LYS D 122 -31.36 -2.14 -14.70
C LYS D 122 -32.70 -2.68 -14.24
N GLU D 123 -33.20 -3.74 -14.89
CA GLU D 123 -34.50 -4.28 -14.53
C GLU D 123 -34.49 -4.86 -13.11
N ILE D 124 -33.49 -5.70 -12.79
CA ILE D 124 -33.53 -6.44 -11.53
C ILE D 124 -32.71 -5.78 -10.43
N SER D 125 -32.29 -4.54 -10.60
CA SER D 125 -31.49 -3.89 -9.58
C SER D 125 -32.25 -3.78 -8.25
N ASN D 126 -33.58 -3.76 -8.31
CA ASN D 126 -34.37 -3.58 -7.09
C ASN D 126 -34.30 -4.81 -6.18
N TYR D 127 -34.30 -6.02 -6.77
CA TYR D 127 -34.41 -7.25 -6.00
C TYR D 127 -33.06 -7.90 -5.71
N THR D 128 -31.96 -7.23 -6.03
CA THR D 128 -30.64 -7.86 -5.95
C THR D 128 -30.32 -8.29 -4.52
N GLN D 129 -30.60 -7.42 -3.54
CA GLN D 129 -30.31 -7.77 -2.15
C GLN D 129 -31.18 -8.93 -1.68
N ILE D 130 -32.43 -8.97 -2.11
CA ILE D 130 -33.30 -10.09 -1.75
C ILE D 130 -32.73 -11.39 -2.29
N ILE D 131 -32.29 -11.37 -3.55
CA ILE D 131 -31.71 -12.58 -4.15
C ILE D 131 -30.44 -12.98 -3.41
N TYR D 132 -29.62 -12.00 -3.03
CA TYR D 132 -28.39 -12.33 -2.31
C TYR D 132 -28.69 -12.97 -0.97
N GLY D 133 -29.65 -12.43 -0.24
CA GLY D 133 -30.03 -13.03 1.03
C GLY D 133 -30.59 -14.44 0.86
N LEU D 134 -31.41 -14.64 -0.17
CA LEU D 134 -31.93 -15.97 -0.43
C LEU D 134 -30.82 -16.94 -0.77
N LEU D 135 -29.83 -16.50 -1.55
CA LEU D 135 -28.69 -17.37 -1.86
C LEU D 135 -27.93 -17.74 -0.61
N GLU D 136 -27.70 -16.76 0.28
CA GLU D 136 -27.01 -17.05 1.53
C GLU D 136 -27.78 -18.06 2.36
N GLU D 137 -29.10 -17.86 2.49
CA GLU D 137 -29.91 -18.79 3.27
C GLU D 137 -29.90 -20.19 2.66
N SER D 138 -29.98 -20.26 1.32
CA SER D 138 -29.95 -21.56 0.65
C SER D 138 -28.63 -22.27 0.89
N GLN D 139 -27.52 -21.53 0.80
CA GLN D 139 -26.22 -22.16 1.04
C GLN D 139 -26.09 -22.61 2.49
N ASN D 140 -26.57 -21.82 3.45
CA ASN D 140 -26.53 -22.25 4.84
C ASN D 140 -27.37 -23.50 5.06
N GLN D 141 -28.57 -23.53 4.48
CA GLN D 141 -29.43 -24.70 4.60
C GLN D 141 -28.77 -25.92 3.98
N GLN D 142 -28.16 -25.76 2.80
CA GLN D 142 -27.48 -26.88 2.15
C GLN D 142 -26.29 -27.35 2.97
N GLU D 143 -25.54 -26.41 3.55
CA GLU D 143 -24.39 -26.80 4.36
C GLU D 143 -24.83 -27.58 5.58
N LYS D 144 -25.90 -27.12 6.24
CA LYS D 144 -26.34 -27.83 7.44
C LYS D 144 -27.02 -29.15 7.09
N ASN D 145 -27.68 -29.22 5.94
CA ASN D 145 -28.22 -30.50 5.48
C ASN D 145 -27.11 -31.48 5.14
N GLU D 146 -26.04 -30.99 4.51
CA GLU D 146 -24.88 -31.83 4.29
C GLU D 146 -24.32 -32.32 5.61
N GLN D 147 -24.21 -31.42 6.59
CA GLN D 147 -23.66 -31.80 7.89
C GLN D 147 -24.59 -32.76 8.62
N ASP D 148 -25.90 -32.70 8.35
CA ASP D 148 -26.84 -33.56 9.06
C ASP D 148 -26.89 -34.95 8.42
N LEU D 149 -26.96 -35.00 7.08
CA LEU D 149 -26.74 -36.27 6.39
C LEU D 149 -25.38 -36.87 6.77
N LEU D 150 -24.41 -36.01 7.10
CA LEU D 150 -23.14 -36.49 7.62
C LEU D 150 -23.23 -36.76 9.12
N ALA D 151 -24.33 -36.34 9.75
CA ALA D 151 -24.68 -36.82 11.08
C ALA D 151 -25.36 -38.18 11.03
N LEU D 152 -25.70 -38.65 9.83
CA LEU D 152 -26.44 -39.89 9.69
C LEU D 152 -25.58 -41.02 9.10
N ASP D 153 -24.79 -40.74 8.06
CA ASP D 153 -23.92 -41.75 7.45
C ASP D 153 -22.99 -42.41 8.48
N ALA E 1 -4.05 -46.21 -21.08
CA ALA E 1 -2.73 -46.04 -20.42
C ALA E 1 -1.85 -45.09 -21.23
N GLU E 2 -1.69 -45.40 -22.53
CA GLU E 2 -0.91 -44.53 -23.40
C GLU E 2 -1.49 -43.12 -23.46
N ASN E 3 -2.80 -42.99 -23.25
CA ASN E 3 -3.44 -41.67 -23.23
C ASN E 3 -3.01 -40.94 -21.96
N LEU E 4 -2.10 -40.00 -22.10
CA LEU E 4 -1.67 -39.16 -20.99
C LEU E 4 -2.40 -37.83 -21.04
N TRP E 5 -2.55 -37.20 -19.88
CA TRP E 5 -3.35 -36.01 -19.73
C TRP E 5 -2.61 -34.97 -18.92
N VAL E 6 -3.00 -33.71 -19.11
CA VAL E 6 -2.33 -32.60 -18.43
C VAL E 6 -2.76 -32.56 -16.97
N THR E 7 -1.78 -32.50 -16.07
CA THR E 7 -2.01 -32.30 -14.65
C THR E 7 -1.34 -31.01 -14.22
N VAL E 8 -2.04 -30.24 -13.37
CA VAL E 8 -1.60 -28.93 -12.94
C VAL E 8 -1.03 -29.04 -11.54
N TYR E 9 0.15 -28.47 -11.32
CA TYR E 9 0.81 -28.47 -10.03
C TYR E 9 1.08 -27.03 -9.60
N TYR E 10 0.71 -26.70 -8.36
CA TYR E 10 0.99 -25.40 -7.78
C TYR E 10 1.94 -25.58 -6.61
N GLY E 11 2.98 -24.76 -6.56
CA GLY E 11 4.05 -24.92 -5.60
C GLY E 11 5.28 -25.60 -6.15
N VAL E 12 5.41 -25.72 -7.46
CA VAL E 12 6.55 -26.42 -8.06
C VAL E 12 7.83 -25.67 -7.74
N PRO E 13 8.94 -26.35 -7.42
CA PRO E 13 10.20 -25.64 -7.13
C PRO E 13 10.97 -25.26 -8.39
N VAL E 14 10.48 -24.22 -9.07
CA VAL E 14 11.12 -23.67 -10.25
C VAL E 14 11.15 -22.15 -10.08
N TRP E 15 12.16 -21.52 -10.67
CA TRP E 15 12.40 -20.09 -10.49
C TRP E 15 12.94 -19.50 -11.78
N LYS E 16 13.13 -18.18 -11.76
CA LYS E 16 13.72 -17.46 -12.88
C LYS E 16 14.42 -16.23 -12.33
N ASP E 17 15.36 -15.70 -13.11
CA ASP E 17 16.06 -14.48 -12.72
C ASP E 17 15.07 -13.32 -12.65
N ALA E 18 15.19 -12.51 -11.60
CA ALA E 18 14.25 -11.42 -11.38
C ALA E 18 14.91 -10.36 -10.53
N GLU E 19 14.29 -9.18 -10.51
CA GLU E 19 14.70 -8.05 -9.70
C GLU E 19 13.55 -7.64 -8.79
N THR E 20 13.88 -7.36 -7.53
CA THR E 20 12.87 -7.00 -6.55
C THR E 20 13.48 -6.01 -5.55
N THR E 21 12.75 -5.75 -4.47
CA THR E 21 13.18 -4.84 -3.42
C THR E 21 13.41 -5.66 -2.15
N LEU E 22 14.67 -6.02 -1.90
CA LEU E 22 15.02 -6.73 -0.69
C LEU E 22 14.90 -5.81 0.53
N PHE E 23 14.59 -6.41 1.67
CA PHE E 23 14.46 -5.69 2.92
C PHE E 23 15.64 -6.01 3.82
N CYS E 24 16.20 -4.98 4.43
CA CYS E 24 17.42 -5.12 5.20
C CYS E 24 17.13 -5.68 6.60
N ALA E 25 18.14 -6.33 7.17
CA ALA E 25 18.08 -6.82 8.53
C ALA E 25 19.38 -6.47 9.24
N SER E 26 19.29 -6.13 10.52
CA SER E 26 20.44 -5.74 11.31
C SER E 26 20.51 -6.58 12.57
N ASP E 27 21.72 -6.80 13.06
CA ASP E 27 21.91 -7.63 14.23
C ASP E 27 21.19 -7.03 15.44
N ALA E 28 20.59 -7.91 16.24
CA ALA E 28 19.84 -7.44 17.41
C ALA E 28 20.71 -6.63 18.36
N LYS E 29 21.99 -7.00 18.49
CA LYS E 29 22.88 -6.29 19.40
C LYS E 29 23.01 -4.81 19.02
N ALA E 30 22.84 -4.49 17.73
CA ALA E 30 22.92 -3.10 17.31
C ALA E 30 21.82 -2.24 17.94
N TYR E 31 20.73 -2.85 18.39
CA TYR E 31 19.64 -2.10 19.01
C TYR E 31 19.93 -1.73 20.45
N GLU E 32 21.00 -2.23 21.04
CA GLU E 32 21.42 -1.83 22.39
C GLU E 32 22.00 -0.43 22.30
N THR E 33 21.18 0.58 22.59
CA THR E 33 21.54 1.99 22.43
C THR E 33 22.29 2.19 21.13
N GLU E 34 23.30 3.07 21.12
CA GLU E 34 24.11 3.33 19.93
C GLU E 34 23.24 3.64 18.72
N LYS E 35 22.06 4.24 18.96
CA LYS E 35 21.21 4.64 17.85
C LYS E 35 21.85 5.74 17.00
N HIS E 36 22.89 6.39 17.52
CA HIS E 36 23.57 7.46 16.79
C HIS E 36 24.61 6.83 15.87
N ASN E 37 24.15 6.39 14.70
CA ASN E 37 25.03 5.81 13.70
C ASN E 37 24.42 6.07 12.33
N VAL E 38 25.28 6.39 11.36
CA VAL E 38 24.79 6.72 10.02
C VAL E 38 23.99 5.55 9.45
N TRP E 39 24.48 4.34 9.65
CA TRP E 39 23.89 3.15 9.05
C TRP E 39 22.86 2.47 9.94
N ALA E 40 22.67 2.95 11.17
CA ALA E 40 21.63 2.40 12.04
C ALA E 40 20.27 2.73 11.47
N THR E 41 19.53 1.70 11.07
CA THR E 41 18.23 1.87 10.42
C THR E 41 17.13 1.28 11.29
N HIS E 42 16.08 2.06 11.51
CA HIS E 42 14.90 1.52 12.18
C HIS E 42 14.12 0.57 11.28
N ALA E 43 14.20 0.78 9.97
CA ALA E 43 13.54 -0.13 9.03
C ALA E 43 14.14 -1.52 9.11
N CYS E 44 15.46 -1.62 9.23
CA CYS E 44 16.12 -2.92 9.31
C CYS E 44 15.55 -3.72 10.47
N VAL E 45 14.90 -4.83 10.16
CA VAL E 45 14.28 -5.68 11.17
C VAL E 45 15.37 -6.47 11.89
N PRO E 46 15.10 -6.97 13.10
CA PRO E 46 16.11 -7.77 13.80
C PRO E 46 16.47 -9.02 13.00
N THR E 47 17.74 -9.39 13.06
CA THR E 47 18.21 -10.55 12.33
C THR E 47 17.64 -11.83 12.94
N ASP E 48 17.04 -12.65 12.10
CA ASP E 48 16.57 -13.96 12.54
C ASP E 48 17.78 -14.80 12.95
N PRO E 49 17.85 -15.29 14.18
CA PRO E 49 19.04 -16.02 14.61
C PRO E 49 19.03 -17.45 14.08
N ASN E 50 20.14 -18.15 14.31
CA ASN E 50 20.41 -19.47 13.76
C ASN E 50 19.92 -19.55 12.31
N PRO E 51 20.46 -18.72 11.41
CA PRO E 51 19.96 -18.70 10.04
C PRO E 51 20.10 -20.07 9.37
N GLN E 52 19.11 -20.41 8.56
CA GLN E 52 19.04 -21.70 7.89
C GLN E 52 19.43 -21.53 6.43
N GLU E 53 20.34 -22.38 5.96
CA GLU E 53 20.83 -22.34 4.58
C GLU E 53 20.65 -23.73 3.99
N ILE E 54 19.78 -23.85 2.99
CA ILE E 54 19.45 -25.12 2.38
C ILE E 54 20.32 -25.31 1.14
N HIS E 55 21.03 -26.42 1.08
CA HIS E 55 21.87 -26.73 -0.07
C HIS E 55 21.03 -27.42 -1.15
N LEU E 56 21.10 -26.88 -2.37
CA LEU E 56 20.33 -27.42 -3.49
C LEU E 56 21.22 -28.39 -4.26
N GLU E 57 21.01 -29.68 -4.03
CA GLU E 57 21.83 -30.70 -4.66
C GLU E 57 21.57 -30.75 -6.16
N ASN E 58 22.63 -30.99 -6.92
CA ASN E 58 22.57 -31.22 -8.36
C ASN E 58 22.07 -30.00 -9.14
N VAL E 59 21.99 -28.84 -8.50
CA VAL E 59 21.50 -27.63 -9.15
C VAL E 59 22.69 -26.80 -9.63
N THR E 60 22.66 -26.41 -10.90
CA THR E 60 23.65 -25.52 -11.48
C THR E 60 22.96 -24.23 -11.91
N GLU E 61 23.51 -23.10 -11.48
CA GLU E 61 22.94 -21.79 -11.75
C GLU E 61 23.95 -20.89 -12.42
N GLU E 62 23.46 -19.94 -13.21
CA GLU E 62 24.29 -18.97 -13.90
C GLU E 62 24.29 -17.67 -13.10
N PHE E 63 25.48 -17.24 -12.68
CA PHE E 63 25.65 -16.01 -11.92
C PHE E 63 26.39 -14.98 -12.76
N ASN E 64 26.16 -13.71 -12.44
CA ASN E 64 26.85 -12.61 -13.12
C ASN E 64 26.95 -11.45 -12.12
N MET E 65 28.11 -11.33 -11.48
CA MET E 65 28.34 -10.27 -10.50
C MET E 65 28.37 -8.89 -11.12
N TRP E 66 28.52 -8.78 -12.44
CA TRP E 66 28.68 -7.49 -13.09
C TRP E 66 27.36 -6.91 -13.57
N LYS E 67 26.44 -7.75 -14.06
CA LYS E 67 25.09 -7.32 -14.37
C LYS E 67 24.13 -7.56 -13.20
N ASN E 68 24.65 -8.00 -12.07
CA ASN E 68 23.81 -8.31 -10.92
C ASN E 68 23.04 -7.08 -10.47
N ASN E 69 21.76 -7.27 -10.18
CA ASN E 69 21.01 -6.30 -9.41
C ASN E 69 21.40 -6.50 -7.94
N MET E 70 20.64 -5.93 -7.02
CA MET E 70 20.89 -6.07 -5.58
C MET E 70 22.25 -5.51 -5.20
N VAL E 71 22.97 -4.94 -6.16
CA VAL E 71 24.11 -4.08 -5.92
C VAL E 71 23.75 -2.62 -6.15
N GLU E 72 22.99 -2.34 -7.21
CA GLU E 72 22.41 -1.02 -7.39
C GLU E 72 21.47 -0.67 -6.25
N GLN E 73 20.66 -1.64 -5.82
CA GLN E 73 19.79 -1.41 -4.67
C GLN E 73 20.59 -1.10 -3.43
N MET E 74 21.69 -1.83 -3.21
CA MET E 74 22.53 -1.56 -2.05
C MET E 74 23.14 -0.16 -2.12
N HIS E 75 23.63 0.23 -3.29
CA HIS E 75 24.16 1.57 -3.47
C HIS E 75 23.11 2.63 -3.15
N THR E 76 21.91 2.47 -3.70
CA THR E 76 20.84 3.42 -3.47
C THR E 76 20.47 3.49 -1.99
N ASP E 77 20.35 2.34 -1.34
CA ASP E 77 19.99 2.31 0.07
C ASP E 77 21.04 2.98 0.92
N ILE E 78 22.33 2.73 0.63
CA ILE E 78 23.40 3.34 1.40
C ILE E 78 23.38 4.86 1.21
N ILE E 79 23.19 5.32 -0.02
CA ILE E 79 23.15 6.76 -0.27
C ILE E 79 21.97 7.40 0.46
N SER E 80 20.81 6.74 0.40
CA SER E 80 19.63 7.28 1.08
C SER E 80 19.83 7.33 2.58
N LEU E 81 20.44 6.29 3.16
CA LEU E 81 20.74 6.31 4.58
C LEU E 81 21.68 7.46 4.93
N TRP E 82 22.70 7.66 4.10
CA TRP E 82 23.65 8.76 4.32
C TRP E 82 22.93 10.10 4.34
N ASP E 83 22.05 10.32 3.36
CA ASP E 83 21.31 11.58 3.31
C ASP E 83 20.38 11.73 4.51
N GLN E 84 19.68 10.65 4.87
CA GLN E 84 18.74 10.70 5.98
C GLN E 84 19.44 11.06 7.28
N SER E 85 20.64 10.50 7.49
CA SER E 85 21.39 10.81 8.70
C SER E 85 21.89 12.25 8.72
N LEU E 86 21.81 12.96 7.59
CA LEU E 86 22.30 14.32 7.50
C LEU E 86 21.19 15.36 7.49
N LYS E 87 19.94 14.96 7.31
CA LYS E 87 18.84 15.92 7.26
C LYS E 87 18.74 16.75 8.54
N PRO E 88 18.76 16.14 9.73
CA PRO E 88 18.53 16.93 10.95
C PRO E 88 19.68 17.83 11.35
N CYS E 89 20.85 17.71 10.71
CA CYS E 89 22.05 18.38 11.19
C CYS E 89 22.11 19.82 10.68
N VAL E 90 23.12 20.54 11.15
CA VAL E 90 23.22 21.98 10.93
C VAL E 90 23.70 22.23 9.50
N LYS E 91 23.05 23.17 8.82
CA LYS E 91 23.47 23.65 7.51
C LYS E 91 24.41 24.83 7.72
N LEU E 92 25.61 24.75 7.14
CA LEU E 92 26.65 25.76 7.36
C LEU E 92 26.61 26.80 6.25
N THR E 93 25.52 27.56 6.22
CA THR E 93 25.39 28.67 5.29
C THR E 93 26.18 29.87 5.78
N PRO E 94 26.13 30.20 7.08
CA PRO E 94 26.91 31.35 7.57
C PRO E 94 28.41 31.16 7.42
N LEU E 95 28.90 29.92 7.31
CA LEU E 95 30.33 29.68 7.21
C LEU E 95 30.91 30.17 5.89
N CYS E 96 30.07 30.49 4.91
CA CYS E 96 30.56 31.00 3.63
C CYS E 96 30.78 32.50 3.77
N VAL E 97 31.94 32.84 4.34
CA VAL E 97 32.32 34.21 4.65
C VAL E 97 33.82 34.35 4.42
N THR E 98 34.28 35.59 4.30
CA THR E 98 35.70 35.85 4.12
C THR E 98 36.48 35.43 5.36
N LEU E 99 37.62 34.79 5.15
CA LEU E 99 38.49 34.35 6.24
C LEU E 99 39.85 35.01 6.10
N GLN E 100 40.39 35.47 7.22
CA GLN E 100 41.75 36.00 7.29
C GLN E 100 42.63 34.90 7.87
N CYS E 101 43.34 34.21 6.99
CA CYS E 101 44.10 33.02 7.36
C CYS E 101 45.59 33.30 7.41
N THR E 102 46.28 32.51 8.22
CA THR E 102 47.73 32.58 8.34
C THR E 102 48.25 31.20 8.69
N ASN E 103 49.54 30.97 8.38
CA ASN E 103 50.13 29.66 8.58
C ASN E 103 50.23 29.33 10.06
N VAL E 104 50.20 28.03 10.36
CA VAL E 104 50.36 27.52 11.72
C VAL E 104 51.80 27.04 11.84
N THR E 105 52.70 27.93 12.26
CA THR E 105 54.09 27.57 12.55
C THR E 105 54.21 27.47 14.07
N ASN E 106 53.74 26.34 14.61
CA ASN E 106 53.56 26.13 16.03
C ASN E 106 54.11 24.76 16.43
N ASN E 107 55.38 24.52 16.10
CA ASN E 107 56.01 23.20 16.22
C ASN E 107 55.44 22.24 15.17
N ILE E 108 55.47 22.66 13.90
CA ILE E 108 55.12 21.80 12.79
C ILE E 108 56.38 21.14 12.27
N THR E 109 56.19 20.03 11.56
CA THR E 109 57.30 19.36 10.88
C THR E 109 57.40 19.86 9.44
N ASP E 110 58.53 19.54 8.80
CA ASP E 110 58.77 20.01 7.45
C ASP E 110 57.71 19.53 6.48
N ASP E 111 57.13 18.35 6.74
CA ASP E 111 56.12 17.79 5.84
C ASP E 111 54.73 18.35 6.08
N MET E 112 54.54 19.14 7.14
CA MET E 112 53.24 19.73 7.46
C MET E 112 53.30 21.25 7.36
N ARG E 113 54.16 21.77 6.50
CA ARG E 113 54.29 23.22 6.32
C ARG E 113 53.20 23.70 5.37
N GLY E 114 52.31 24.55 5.86
CA GLY E 114 51.22 25.08 5.06
C GLY E 114 50.01 24.19 4.96
N GLU E 115 50.02 23.02 5.61
CA GLU E 115 48.87 22.14 5.56
C GLU E 115 47.72 22.65 6.43
N LEU E 116 48.02 23.39 7.48
CA LEU E 116 47.02 23.94 8.38
C LEU E 116 47.06 25.45 8.34
N LYS E 117 45.87 26.06 8.30
CA LYS E 117 45.73 27.51 8.29
C LYS E 117 44.94 27.96 9.50
N ASN E 118 45.41 29.04 10.13
CA ASN E 118 44.75 29.63 11.29
C ASN E 118 43.91 30.79 10.77
N CYS E 119 42.60 30.57 10.65
CA CYS E 119 41.69 31.50 10.00
C CYS E 119 40.78 32.16 11.02
N SER E 120 40.67 33.47 10.95
CA SER E 120 39.76 34.25 11.77
C SER E 120 38.69 34.87 10.89
N PHE E 121 37.44 34.86 11.37
CA PHE E 121 36.32 35.34 10.58
C PHE E 121 35.23 35.84 11.52
N ASN E 122 34.35 36.67 10.96
CA ASN E 122 33.16 37.13 11.67
C ASN E 122 32.04 36.12 11.46
N MET E 123 31.32 35.82 12.54
CA MET E 123 30.28 34.82 12.52
C MET E 123 29.02 35.34 13.20
N THR E 124 27.88 34.83 12.75
CA THR E 124 26.60 35.17 13.36
C THR E 124 26.46 34.52 14.72
N THR E 125 25.82 35.22 15.64
CA THR E 125 25.54 34.72 16.96
C THR E 125 24.09 34.27 17.03
N GLU E 126 23.64 33.88 18.24
CA GLU E 126 22.25 33.49 18.41
C GLU E 126 21.31 34.67 18.27
N LEU E 127 21.82 35.90 18.37
CA LEU E 127 21.04 37.11 18.17
C LEU E 127 21.30 37.64 16.77
N ARG E 128 20.23 37.96 16.05
CA ARG E 128 20.33 38.33 14.64
C ARG E 128 21.09 39.64 14.44
N ASP E 129 21.18 40.49 15.46
CA ASP E 129 21.82 41.79 15.33
C ASP E 129 23.21 41.84 15.95
N LYS E 130 23.77 40.69 16.31
CA LYS E 130 25.10 40.64 16.92
C LYS E 130 25.98 39.68 16.14
N LYS E 131 27.27 40.00 16.10
CA LYS E 131 28.27 39.18 15.41
C LYS E 131 29.45 38.94 16.34
N GLN E 132 30.11 37.81 16.14
CA GLN E 132 31.24 37.40 16.96
C GLN E 132 32.45 37.16 16.08
N LYS E 133 33.61 37.59 16.55
CA LYS E 133 34.88 37.32 15.88
C LYS E 133 35.46 36.03 16.44
N VAL E 134 35.59 35.03 15.57
CA VAL E 134 36.05 33.70 15.97
C VAL E 134 37.14 33.25 15.02
N TYR E 135 37.90 32.25 15.46
CA TYR E 135 38.98 31.68 14.66
C TYR E 135 38.87 30.16 14.71
N SER E 136 39.40 29.53 13.65
CA SER E 136 39.40 28.09 13.55
C SER E 136 40.58 27.65 12.70
N LEU E 137 40.97 26.39 12.86
CA LEU E 137 42.03 25.80 12.05
C LEU E 137 41.40 25.05 10.88
N PHE E 138 41.87 25.36 9.68
CA PHE E 138 41.36 24.76 8.46
C PHE E 138 42.50 24.10 7.70
N TYR E 139 42.24 22.91 7.19
CA TYR E 139 43.21 22.23 6.34
C TYR E 139 43.30 22.94 4.99
N ARG E 140 44.51 23.00 4.44
CA ARG E 140 44.72 23.74 3.20
C ARG E 140 43.87 23.21 2.06
N LEU E 141 43.45 21.95 2.13
CA LEU E 141 42.60 21.38 1.09
C LEU E 141 41.17 21.89 1.15
N ASP E 142 40.79 22.57 2.23
CA ASP E 142 39.42 23.02 2.42
C ASP E 142 39.22 24.51 2.13
N VAL E 143 40.30 25.28 2.00
CA VAL E 143 40.24 26.72 1.80
C VAL E 143 40.96 27.08 0.52
N VAL E 144 40.41 28.03 -0.23
CA VAL E 144 41.00 28.52 -1.47
C VAL E 144 41.16 30.04 -1.34
N GLN E 145 42.34 30.53 -1.69
CA GLN E 145 42.62 31.95 -1.61
C GLN E 145 41.78 32.73 -2.63
N ILE E 146 41.37 33.93 -2.24
CA ILE E 146 40.64 34.84 -3.10
C ILE E 146 41.44 36.13 -3.22
N ASN E 147 41.69 36.55 -4.46
CA ASN E 147 42.52 37.72 -4.71
C ASN E 147 41.90 38.60 -5.80
N SER E 157 50.39 42.07 0.71
CA SER E 157 49.16 42.62 1.27
C SER E 157 48.46 41.56 2.12
N ASN E 158 47.16 41.76 2.35
CA ASN E 158 46.40 40.81 3.14
C ASN E 158 46.20 39.51 2.39
N LYS E 159 45.86 38.45 3.13
CA LYS E 159 45.62 37.13 2.57
C LYS E 159 44.25 36.67 3.03
N GLU E 160 43.29 36.65 2.11
CA GLU E 160 41.92 36.28 2.39
C GLU E 160 41.60 34.94 1.71
N TYR E 161 40.81 34.11 2.38
CA TYR E 161 40.47 32.78 1.90
C TYR E 161 38.96 32.58 2.01
N ARG E 162 38.50 31.47 1.45
CA ARG E 162 37.12 31.03 1.59
C ARG E 162 37.09 29.52 1.52
N LEU E 163 36.01 28.94 2.05
CA LEU E 163 35.85 27.50 1.97
C LEU E 163 35.68 27.06 0.53
N ILE E 164 36.23 25.89 0.21
CA ILE E 164 36.29 25.44 -1.18
C ILE E 164 34.91 25.30 -1.78
N ASN E 165 33.90 25.03 -0.96
CA ASN E 165 32.55 24.71 -1.43
C ASN E 165 31.67 25.93 -1.64
N CYS E 166 32.16 27.13 -1.36
CA CYS E 166 31.28 28.29 -1.28
C CYS E 166 30.78 28.76 -2.65
N ASN E 167 31.40 28.32 -3.74
CA ASN E 167 30.90 28.66 -5.07
C ASN E 167 30.11 27.51 -5.70
N THR E 168 29.84 26.46 -4.94
CA THR E 168 29.05 25.32 -5.43
C THR E 168 27.82 25.05 -4.60
N SER E 169 27.92 25.10 -3.28
CA SER E 169 26.79 24.84 -2.40
C SER E 169 27.24 25.08 -0.95
N ALA E 170 26.29 24.99 -0.04
CA ALA E 170 26.56 25.10 1.39
C ALA E 170 26.64 23.71 2.01
N CYS E 171 27.66 23.49 2.83
CA CYS E 171 27.90 22.19 3.41
C CYS E 171 27.04 21.97 4.65
N THR E 172 26.60 20.74 4.84
CA THR E 172 25.83 20.33 6.01
C THR E 172 26.78 19.69 7.01
N GLN E 173 26.88 20.28 8.19
CA GLN E 173 27.75 19.74 9.23
C GLN E 173 27.19 18.41 9.71
N ALA E 174 28.05 17.40 9.78
CA ALA E 174 27.62 16.11 10.30
C ALA E 174 27.33 16.21 11.79
N CYS E 175 26.24 15.59 12.22
CA CYS E 175 25.88 15.63 13.63
C CYS E 175 26.97 14.96 14.45
N PRO E 176 27.50 15.63 15.47
CA PRO E 176 28.68 15.08 16.17
C PRO E 176 28.42 13.74 16.84
N LYS E 177 27.18 13.44 17.22
CA LYS E 177 26.89 12.19 17.92
C LYS E 177 26.78 11.01 16.96
N VAL E 178 26.39 11.26 15.71
CA VAL E 178 26.23 10.18 14.74
C VAL E 178 27.60 9.61 14.40
N SER E 179 27.71 8.28 14.43
CA SER E 179 28.96 7.59 14.16
C SER E 179 29.00 7.13 12.71
N PHE E 180 30.20 7.18 12.13
CA PHE E 180 30.42 6.73 10.77
C PHE E 180 30.88 5.27 10.69
N GLU E 181 30.98 4.58 11.82
CA GLU E 181 31.50 3.23 11.82
C GLU E 181 30.53 2.29 11.10
N PRO E 182 30.97 1.56 10.08
CA PRO E 182 30.04 0.65 9.39
C PRO E 182 29.59 -0.47 10.30
N ILE E 183 28.35 -0.91 10.08
CA ILE E 183 27.78 -2.04 10.81
C ILE E 183 27.24 -3.05 9.78
N PRO E 184 27.32 -4.35 10.06
CA PRO E 184 26.85 -5.32 9.06
C PRO E 184 25.37 -5.14 8.75
N ILE E 185 25.03 -5.34 7.47
CA ILE E 185 23.66 -5.26 7.00
C ILE E 185 23.37 -6.52 6.19
N HIS E 186 22.23 -7.16 6.47
CA HIS E 186 21.80 -8.35 5.77
C HIS E 186 20.63 -8.02 4.86
N TYR E 187 20.69 -8.50 3.62
CA TYR E 187 19.62 -8.31 2.65
C TYR E 187 18.84 -9.62 2.52
N CYS E 188 17.52 -9.53 2.67
CA CYS E 188 16.66 -10.70 2.75
C CYS E 188 15.62 -10.67 1.63
N ALA E 189 15.25 -11.86 1.15
CA ALA E 189 14.31 -11.98 0.06
C ALA E 189 12.88 -11.86 0.57
N PRO E 190 12.01 -11.14 -0.14
CA PRO E 190 10.60 -11.07 0.25
C PRO E 190 9.85 -12.33 -0.20
N ALA E 191 8.54 -12.32 0.03
CA ALA E 191 7.72 -13.46 -0.34
C ALA E 191 7.71 -13.65 -1.85
N GLY E 192 7.78 -14.90 -2.28
CA GLY E 192 7.81 -15.22 -3.69
C GLY E 192 9.17 -15.09 -4.33
N PHE E 193 10.20 -14.76 -3.57
CA PHE E 193 11.55 -14.60 -4.09
C PHE E 193 12.53 -15.38 -3.22
N ALA E 194 13.66 -15.74 -3.81
CA ALA E 194 14.70 -16.46 -3.12
C ALA E 194 16.06 -15.88 -3.48
N ILE E 195 17.01 -16.04 -2.57
CA ILE E 195 18.39 -15.64 -2.78
C ILE E 195 19.23 -16.91 -2.90
N LEU E 196 19.94 -17.04 -4.01
CA LEU E 196 20.80 -18.19 -4.26
C LEU E 196 22.24 -17.80 -4.04
N LYS E 197 22.96 -18.59 -3.24
CA LYS E 197 24.35 -18.33 -2.90
C LYS E 197 25.23 -19.34 -3.61
N CYS E 198 26.25 -18.84 -4.31
CA CYS E 198 27.22 -19.70 -4.98
C CYS E 198 28.26 -20.13 -3.95
N LYS E 199 28.27 -21.41 -3.62
CA LYS E 199 29.18 -21.94 -2.60
C LYS E 199 30.50 -22.42 -3.19
N ASP E 200 30.69 -22.29 -4.50
CA ASP E 200 31.97 -22.65 -5.11
C ASP E 200 33.06 -21.71 -4.60
N LYS E 201 34.17 -22.28 -4.16
CA LYS E 201 35.25 -21.50 -3.56
C LYS E 201 36.24 -20.98 -4.58
N LYS E 202 36.11 -21.38 -5.85
CA LYS E 202 36.94 -20.87 -6.94
C LYS E 202 36.09 -20.19 -8.00
N PHE E 203 34.95 -19.64 -7.60
CA PHE E 203 34.06 -18.96 -8.54
C PHE E 203 34.65 -17.62 -8.92
N ASN E 204 34.75 -17.36 -10.22
CA ASN E 204 35.33 -16.14 -10.73
C ASN E 204 34.29 -15.06 -10.99
N GLY E 205 33.10 -15.19 -10.41
CA GLY E 205 32.09 -14.16 -10.45
C GLY E 205 31.09 -14.28 -11.58
N THR E 206 31.39 -15.07 -12.61
CA THR E 206 30.49 -15.22 -13.74
C THR E 206 30.52 -16.66 -14.24
N GLY E 207 29.46 -17.06 -14.91
CA GLY E 207 29.35 -18.39 -15.44
C GLY E 207 28.62 -19.33 -14.50
N PRO E 208 28.52 -20.59 -14.88
CA PRO E 208 27.78 -21.56 -14.05
C PRO E 208 28.45 -21.77 -12.70
N CYS E 209 27.63 -22.02 -11.69
CA CYS E 209 28.09 -22.32 -10.34
C CYS E 209 27.58 -23.70 -9.95
N PRO E 210 28.43 -24.74 -10.02
CA PRO E 210 27.92 -26.10 -9.76
C PRO E 210 27.33 -26.30 -8.38
N SER E 211 27.87 -25.62 -7.37
CA SER E 211 27.42 -25.76 -5.98
C SER E 211 26.60 -24.54 -5.61
N VAL E 212 25.31 -24.75 -5.34
CA VAL E 212 24.39 -23.66 -5.07
C VAL E 212 23.61 -23.97 -3.80
N SER E 213 23.19 -22.90 -3.11
CA SER E 213 22.35 -23.02 -1.93
C SER E 213 21.43 -21.80 -1.88
N THR E 214 20.33 -21.96 -1.15
CA THR E 214 19.34 -20.90 -0.99
C THR E 214 19.38 -20.41 0.47
N VAL E 215 19.40 -19.10 0.64
CA VAL E 215 19.50 -18.48 1.95
C VAL E 215 18.39 -17.45 2.11
N GLN E 216 17.91 -17.29 3.34
CA GLN E 216 16.91 -16.27 3.61
C GLN E 216 17.51 -14.87 3.53
N CYS E 217 18.71 -14.69 4.06
CA CYS E 217 19.38 -13.40 4.07
C CYS E 217 20.84 -13.59 3.73
N THR E 218 21.45 -12.54 3.19
CA THR E 218 22.88 -12.55 2.90
C THR E 218 23.68 -12.39 4.19
N HIS E 219 24.97 -12.69 4.12
CA HIS E 219 25.84 -12.47 5.25
C HIS E 219 25.95 -10.97 5.53
N GLY E 220 26.23 -10.64 6.79
CA GLY E 220 26.36 -9.25 7.17
C GLY E 220 27.44 -8.54 6.39
N ILE E 221 27.05 -7.57 5.58
CA ILE E 221 27.97 -6.82 4.73
C ILE E 221 28.12 -5.43 5.33
N LYS E 222 29.35 -5.08 5.70
CA LYS E 222 29.62 -3.76 6.26
C LYS E 222 29.81 -2.74 5.15
N PRO E 223 29.05 -1.65 5.13
CA PRO E 223 29.22 -0.65 4.06
C PRO E 223 30.48 0.18 4.25
N VAL E 224 31.63 -0.42 3.98
CA VAL E 224 32.91 0.28 4.10
C VAL E 224 33.16 1.07 2.83
N VAL E 225 33.35 2.37 2.98
CA VAL E 225 33.60 3.27 1.85
C VAL E 225 35.09 3.54 1.78
N SER E 226 35.71 3.15 0.67
CA SER E 226 37.14 3.34 0.48
C SER E 226 37.46 3.19 -0.99
N THR E 227 38.67 3.63 -1.37
CA THR E 227 39.14 3.58 -2.73
C THR E 227 40.53 2.96 -2.79
N GLN E 228 40.79 2.21 -3.85
CA GLN E 228 42.10 1.63 -4.14
C GLN E 228 42.43 0.46 -3.22
N LEU E 229 41.61 0.22 -2.20
CA LEU E 229 41.90 -0.81 -1.22
C LEU E 229 40.59 -1.17 -0.53
N LEU E 230 40.20 -2.45 -0.61
CA LEU E 230 39.01 -2.91 0.06
C LEU E 230 39.36 -3.29 1.50
N LEU E 231 38.65 -2.67 2.45
CA LEU E 231 38.96 -2.80 3.86
C LEU E 231 37.85 -3.54 4.59
N ASN E 232 38.24 -4.40 5.53
CA ASN E 232 37.30 -5.04 6.45
C ASN E 232 36.27 -5.88 5.70
N GLY E 233 36.65 -6.41 4.55
CA GLY E 233 35.75 -7.22 3.74
C GLY E 233 35.95 -8.71 3.97
N SER E 234 35.43 -9.50 3.05
CA SER E 234 35.55 -10.94 3.11
C SER E 234 36.80 -11.39 2.36
N LEU E 235 37.31 -12.56 2.77
CA LEU E 235 38.55 -13.10 2.23
C LEU E 235 38.26 -14.37 1.43
N ALA E 236 39.01 -14.53 0.33
CA ALA E 236 38.89 -15.75 -0.45
C ALA E 236 39.31 -16.95 0.37
N GLU E 237 38.57 -18.06 0.22
CA GLU E 237 38.80 -19.23 1.07
C GLU E 237 40.06 -19.99 0.67
N GLU E 238 40.37 -20.07 -0.61
CA GLU E 238 41.46 -20.91 -1.10
C GLU E 238 42.61 -20.10 -1.69
N GLU E 239 42.35 -19.25 -2.67
CA GLU E 239 43.39 -18.52 -3.39
C GLU E 239 42.95 -17.10 -3.64
N VAL E 240 43.90 -16.27 -4.05
CA VAL E 240 43.60 -14.90 -4.46
C VAL E 240 42.76 -14.95 -5.73
N MET E 241 41.67 -14.21 -5.74
CA MET E 241 40.70 -14.23 -6.84
C MET E 241 40.81 -12.93 -7.63
N ILE E 242 41.04 -13.05 -8.94
CA ILE E 242 41.02 -11.93 -9.86
C ILE E 242 39.71 -11.99 -10.63
N ARG E 243 38.93 -10.92 -10.55
CA ARG E 243 37.60 -10.87 -11.15
C ARG E 243 37.47 -9.61 -11.99
N SER E 244 37.00 -9.77 -13.21
CA SER E 244 36.80 -8.65 -14.12
C SER E 244 35.68 -9.00 -15.08
N GLU E 245 34.90 -7.98 -15.46
CA GLU E 245 33.83 -8.19 -16.43
C GLU E 245 34.40 -8.68 -17.75
N ASN E 246 35.50 -8.09 -18.20
CA ASN E 246 36.18 -8.51 -19.42
C ASN E 246 37.67 -8.26 -19.20
N ILE E 247 38.40 -9.33 -18.84
CA ILE E 247 39.81 -9.17 -18.48
C ILE E 247 40.60 -8.58 -19.63
N THR E 248 40.28 -8.98 -20.87
CA THR E 248 40.99 -8.44 -22.02
C THR E 248 40.76 -6.94 -22.16
N ASN E 249 39.55 -6.46 -21.85
CA ASN E 249 39.24 -5.05 -21.96
C ASN E 249 39.87 -4.30 -20.79
N ASN E 250 40.76 -3.36 -21.11
CA ASN E 250 41.44 -2.60 -20.06
C ASN E 250 40.55 -1.55 -19.43
N ALA E 251 39.44 -1.18 -20.07
CA ALA E 251 38.52 -0.21 -19.50
C ALA E 251 37.74 -0.76 -18.32
N LYS E 252 37.81 -2.06 -18.06
CA LYS E 252 37.11 -2.69 -16.95
C LYS E 252 38.02 -2.83 -15.75
N ASN E 253 37.52 -2.45 -14.59
CA ASN E 253 38.29 -2.57 -13.37
C ASN E 253 38.47 -4.04 -12.99
N ILE E 254 39.61 -4.34 -12.39
CA ILE E 254 39.91 -5.69 -11.91
C ILE E 254 39.75 -5.70 -10.39
N LEU E 255 38.89 -6.59 -9.90
CA LEU E 255 38.65 -6.73 -8.48
C LEU E 255 39.48 -7.89 -7.95
N VAL E 256 40.35 -7.60 -6.99
CA VAL E 256 41.25 -8.58 -6.41
C VAL E 256 40.79 -8.87 -4.99
N GLN E 257 40.68 -10.15 -4.64
CA GLN E 257 40.28 -10.59 -3.31
C GLN E 257 41.42 -11.40 -2.71
N PHE E 258 41.85 -11.02 -1.51
CA PHE E 258 42.93 -11.70 -0.84
C PHE E 258 42.41 -12.91 -0.07
N ASN E 259 43.25 -13.94 0.05
CA ASN E 259 42.95 -15.07 0.91
C ASN E 259 43.38 -14.85 2.34
N THR E 260 44.37 -13.98 2.55
CA THR E 260 44.80 -13.58 3.88
C THR E 260 44.85 -12.06 3.96
N PRO E 261 44.47 -11.48 5.09
CA PRO E 261 44.42 -10.01 5.18
C PRO E 261 45.79 -9.40 5.38
N VAL E 262 45.88 -8.13 5.00
CA VAL E 262 47.08 -7.31 5.23
C VAL E 262 46.68 -6.20 6.19
N GLN E 263 47.31 -6.16 7.36
CA GLN E 263 46.96 -5.18 8.37
C GLN E 263 47.51 -3.82 7.99
N ILE E 264 46.67 -2.79 8.12
CA ILE E 264 47.05 -1.40 7.85
C ILE E 264 46.74 -0.59 9.10
N ASN E 265 47.73 0.14 9.59
CA ASN E 265 47.61 0.94 10.80
C ASN E 265 47.65 2.41 10.42
N CYS E 266 46.54 3.10 10.62
CA CYS E 266 46.40 4.51 10.30
C CYS E 266 46.17 5.31 11.58
N THR E 267 46.81 6.48 11.65
CA THR E 267 46.70 7.33 12.82
C THR E 267 46.74 8.80 12.40
N ARG E 268 46.11 9.64 13.21
CA ARG E 268 46.25 11.08 13.12
C ARG E 268 46.92 11.55 14.41
N PRO E 269 48.25 11.71 14.43
CA PRO E 269 48.95 11.90 15.70
C PRO E 269 48.69 13.23 16.38
N ASN E 270 47.96 14.14 15.73
CA ASN E 270 47.69 15.44 16.33
C ASN E 270 46.64 15.32 17.41
N ASN E 271 46.91 15.96 18.55
CA ASN E 271 45.97 16.01 19.67
C ASN E 271 45.02 17.17 19.41
N ASN E 272 43.94 16.89 18.68
CA ASN E 272 43.03 17.94 18.25
C ASN E 272 42.16 18.42 19.41
N THR E 273 41.72 19.68 19.32
CA THR E 273 40.82 20.28 20.28
C THR E 273 39.60 20.80 19.55
N ARG E 274 38.41 20.46 20.05
CA ARG E 274 37.17 20.90 19.44
C ARG E 274 36.64 22.15 20.16
N LYS E 275 36.00 23.02 19.38
CA LYS E 275 35.49 24.29 19.89
C LYS E 275 34.09 24.50 19.34
N SER E 276 33.14 24.77 20.22
CA SER E 276 31.75 24.98 19.84
C SER E 276 31.49 26.47 19.69
N ILE E 277 30.95 26.85 18.53
CA ILE E 277 30.62 28.23 18.21
C ILE E 277 29.13 28.28 17.89
N ARG E 278 28.41 29.17 18.57
CA ARG E 278 26.96 29.27 18.41
C ARG E 278 26.65 30.05 17.14
N ILE E 279 26.16 29.34 16.12
CA ILE E 279 25.88 29.97 14.84
C ILE E 279 24.52 30.65 14.86
N GLY E 280 23.59 30.15 15.65
CA GLY E 280 22.25 30.68 15.72
C GLY E 280 21.46 30.00 16.81
N PRO E 281 20.14 30.22 16.83
CA PRO E 281 19.31 29.54 17.84
C PRO E 281 19.35 28.03 17.66
N GLY E 282 19.97 27.33 18.60
CA GLY E 282 20.10 25.89 18.51
C GLY E 282 21.06 25.40 17.44
N GLN E 283 21.86 26.30 16.88
CA GLN E 283 22.83 25.94 15.84
C GLN E 283 24.24 26.13 16.37
N ALA E 284 25.05 25.08 16.26
CA ALA E 284 26.43 25.11 16.74
C ALA E 284 27.37 24.67 15.63
N PHE E 285 28.47 25.39 15.46
CA PHE E 285 29.53 25.03 14.53
C PHE E 285 30.74 24.59 15.35
N TYR E 286 31.22 23.38 15.06
CA TYR E 286 32.31 22.77 15.82
C TYR E 286 33.62 23.08 15.10
N ALA E 287 34.34 24.07 15.61
CA ALA E 287 35.60 24.50 15.04
C ALA E 287 36.76 23.71 15.64
N THR E 288 37.93 23.89 15.06
CA THR E 288 39.16 23.26 15.53
C THR E 288 39.99 24.29 16.28
N GLY E 289 40.22 24.04 17.57
CA GLY E 289 41.05 24.90 18.37
C GLY E 289 42.52 24.58 18.21
N ASP E 290 43.31 25.11 19.13
CA ASP E 290 44.75 24.87 19.09
C ASP E 290 45.06 23.40 19.28
N ILE E 291 46.08 22.93 18.56
CA ILE E 291 46.53 21.55 18.67
C ILE E 291 47.49 21.46 19.86
N ILE E 292 47.21 20.53 20.77
CA ILE E 292 48.02 20.36 21.98
C ILE E 292 49.24 19.53 21.63
N GLY E 293 50.41 20.15 21.63
CA GLY E 293 51.65 19.46 21.35
C GLY E 293 52.15 19.72 19.95
N ASP E 294 52.98 18.79 19.48
CA ASP E 294 53.56 18.90 18.15
C ASP E 294 52.52 18.60 17.07
N ILE E 295 52.76 19.14 15.88
CA ILE E 295 51.92 18.92 14.72
C ILE E 295 52.68 18.03 13.76
N ARG E 296 52.12 16.86 13.45
CA ARG E 296 52.79 15.87 12.61
C ARG E 296 51.80 15.32 11.59
N GLN E 297 52.36 14.78 10.51
CA GLN E 297 51.55 14.28 9.41
C GLN E 297 50.84 12.99 9.78
N ALA E 298 49.60 12.86 9.31
CA ALA E 298 48.89 11.60 9.40
C ALA E 298 49.47 10.62 8.38
N HIS E 299 49.42 9.34 8.73
CA HIS E 299 50.06 8.32 7.91
C HIS E 299 49.43 6.96 8.20
N CYS E 300 49.70 6.00 7.32
CA CYS E 300 49.30 4.62 7.52
C CYS E 300 50.50 3.71 7.34
N ASN E 301 50.51 2.62 8.10
CA ASN E 301 51.61 1.66 8.08
C ASN E 301 51.10 0.30 7.64
N VAL E 302 51.85 -0.36 6.77
CA VAL E 302 51.64 -1.77 6.44
C VAL E 302 52.98 -2.47 6.47
N SER E 303 52.95 -3.77 6.74
CA SER E 303 54.19 -4.55 6.80
C SER E 303 54.77 -4.70 5.40
N LYS E 304 56.06 -4.42 5.27
CA LYS E 304 56.72 -4.52 3.98
C LYS E 304 56.71 -5.96 3.47
N ALA E 305 57.07 -6.91 4.33
CA ALA E 305 57.14 -8.31 3.90
C ALA E 305 55.75 -8.84 3.55
N THR E 306 54.75 -8.53 4.36
CA THR E 306 53.40 -9.00 4.09
C THR E 306 52.88 -8.44 2.77
N TRP E 307 53.10 -7.15 2.53
CA TRP E 307 52.66 -6.55 1.27
C TRP E 307 53.38 -7.17 0.09
N ASN E 308 54.69 -7.41 0.22
CA ASN E 308 55.44 -8.03 -0.86
C ASN E 308 54.91 -9.43 -1.16
N GLU E 309 54.62 -10.21 -0.11
CA GLU E 309 54.09 -11.56 -0.30
C GLU E 309 52.73 -11.51 -1.00
N THR E 310 51.86 -10.60 -0.56
CA THR E 310 50.54 -10.49 -1.16
C THR E 310 50.64 -10.07 -2.62
N LEU E 311 51.54 -9.13 -2.92
CA LEU E 311 51.73 -8.70 -4.31
C LEU E 311 52.26 -9.85 -5.16
N GLY E 312 53.19 -10.64 -4.60
CA GLY E 312 53.64 -11.81 -5.33
C GLY E 312 52.51 -12.78 -5.64
N LYS E 313 51.62 -12.98 -4.67
CA LYS E 313 50.49 -13.88 -4.90
C LYS E 313 49.54 -13.34 -5.97
N VAL E 314 49.19 -12.05 -5.90
CA VAL E 314 48.30 -11.49 -6.92
C VAL E 314 48.97 -11.54 -8.29
N VAL E 315 50.29 -11.32 -8.34
CA VAL E 315 51.01 -11.42 -9.60
C VAL E 315 50.92 -12.85 -10.14
N LYS E 316 51.09 -13.84 -9.25
CA LYS E 316 50.97 -15.23 -9.67
C LYS E 316 49.60 -15.49 -10.27
N GLN E 317 48.55 -14.95 -9.66
CA GLN E 317 47.20 -15.19 -10.19
C GLN E 317 46.93 -14.40 -11.46
N LEU E 318 47.58 -13.25 -11.64
CA LEU E 318 47.35 -12.45 -12.84
C LEU E 318 48.04 -13.05 -14.05
N ARG E 319 49.18 -13.72 -13.84
CA ARG E 319 49.90 -14.33 -14.95
C ARG E 319 49.08 -15.43 -15.62
N LYS E 320 48.11 -16.00 -14.92
CA LYS E 320 47.20 -16.96 -15.55
C LYS E 320 46.36 -16.32 -16.64
N HIS E 321 46.15 -15.02 -16.58
CA HIS E 321 45.38 -14.30 -17.59
C HIS E 321 46.25 -13.58 -18.60
N PHE E 322 47.52 -13.30 -18.29
CA PHE E 322 48.37 -12.53 -19.19
C PHE E 322 49.64 -13.29 -19.59
N GLY E 323 49.65 -14.61 -19.47
CA GLY E 323 50.80 -15.37 -19.95
C GLY E 323 51.88 -15.47 -18.90
N ASN E 324 52.64 -16.57 -18.97
CA ASN E 324 53.65 -16.85 -17.94
C ASN E 324 54.84 -15.91 -18.06
N ASN E 325 55.34 -15.68 -19.28
CA ASN E 325 56.54 -14.88 -19.50
C ASN E 325 56.20 -13.41 -19.73
N THR E 326 55.44 -12.85 -18.78
CA THR E 326 54.98 -11.48 -18.87
C THR E 326 55.50 -10.68 -17.70
N ILE E 327 55.92 -9.44 -17.96
CA ILE E 327 56.37 -8.52 -16.93
C ILE E 327 55.14 -7.81 -16.38
N ILE E 328 54.86 -8.00 -15.09
CA ILE E 328 53.74 -7.37 -14.43
C ILE E 328 54.28 -6.21 -13.60
N ARG E 329 53.79 -5.01 -13.89
CA ARG E 329 54.25 -3.80 -13.23
C ARG E 329 53.12 -3.19 -12.40
N PHE E 330 53.49 -2.59 -11.27
CA PHE E 330 52.55 -1.86 -10.43
C PHE E 330 52.99 -0.41 -10.37
N ALA E 331 52.04 0.49 -10.65
CA ALA E 331 52.31 1.92 -10.65
C ALA E 331 51.17 2.64 -9.95
N ASN E 332 51.45 3.85 -9.48
CA ASN E 332 50.44 4.63 -8.78
C ASN E 332 49.43 5.22 -9.77
N SER E 333 48.39 5.85 -9.21
CA SER E 333 47.30 6.34 -10.04
C SER E 333 47.79 7.34 -11.06
N SER E 334 47.21 7.28 -12.26
CA SER E 334 47.57 8.21 -13.31
C SER E 334 47.21 9.65 -12.93
N GLY E 335 46.02 9.84 -12.37
CA GLY E 335 45.57 11.16 -11.99
C GLY E 335 44.08 11.19 -11.81
N GLY E 336 43.59 12.38 -11.46
CA GLY E 336 42.19 12.64 -11.22
C GLY E 336 42.02 13.41 -9.93
N ASP E 337 40.79 13.39 -9.42
CA ASP E 337 40.52 14.07 -8.16
C ASP E 337 41.16 13.31 -7.00
N LEU E 338 41.31 14.01 -5.87
CA LEU E 338 42.01 13.45 -4.73
C LEU E 338 41.38 12.14 -4.26
N GLU E 339 40.07 11.98 -4.46
CA GLU E 339 39.39 10.79 -3.96
C GLU E 339 39.89 9.53 -4.67
N VAL E 340 40.12 9.59 -5.97
CA VAL E 340 40.47 8.40 -6.73
C VAL E 340 41.97 8.17 -6.79
N THR E 341 42.79 9.23 -6.77
CA THR E 341 44.23 9.09 -6.82
C THR E 341 44.83 8.70 -5.48
N THR E 342 44.05 8.65 -4.42
CA THR E 342 44.53 8.31 -3.09
C THR E 342 43.61 7.25 -2.48
N HIS E 343 44.15 6.52 -1.51
CA HIS E 343 43.36 5.55 -0.76
C HIS E 343 42.50 6.32 0.23
N SER E 344 41.26 6.59 -0.16
CA SER E 344 40.32 7.31 0.69
C SER E 344 39.64 6.34 1.65
N PHE E 345 39.32 6.85 2.84
CA PHE E 345 38.60 6.06 3.84
C PHE E 345 38.32 6.96 5.03
N ASN E 346 37.45 6.49 5.91
CA ASN E 346 37.09 7.18 7.14
C ASN E 346 37.63 6.38 8.32
N CYS E 347 38.40 7.04 9.18
CA CYS E 347 39.07 6.41 10.31
C CYS E 347 38.58 7.08 11.58
N GLY E 348 37.58 6.48 12.23
CA GLY E 348 37.06 7.03 13.48
C GLY E 348 36.42 8.38 13.33
N GLY E 349 35.76 8.64 12.21
CA GLY E 349 35.12 9.91 11.96
C GLY E 349 35.97 10.92 11.23
N GLU E 350 37.26 10.67 11.09
CA GLU E 350 38.15 11.51 10.29
C GLU E 350 38.36 10.88 8.93
N PHE E 351 38.37 11.72 7.89
CA PHE E 351 38.46 11.27 6.52
C PHE E 351 39.92 11.39 6.06
N PHE E 352 40.49 10.27 5.63
CA PHE E 352 41.88 10.21 5.21
C PHE E 352 41.98 10.15 3.69
N TYR E 353 43.09 10.65 3.17
CA TYR E 353 43.41 10.60 1.74
C TYR E 353 44.89 10.27 1.64
N CYS E 354 45.20 8.98 1.49
CA CYS E 354 46.55 8.47 1.64
C CYS E 354 47.21 8.24 0.30
N ASN E 355 48.48 8.61 0.20
CA ASN E 355 49.26 8.50 -1.02
C ASN E 355 49.89 7.10 -1.07
N THR E 356 49.33 6.23 -1.90
CA THR E 356 49.73 4.83 -1.98
C THR E 356 50.82 4.58 -3.01
N SER E 357 51.64 5.59 -3.32
CA SER E 357 52.69 5.41 -4.30
C SER E 357 53.71 4.37 -3.86
N GLY E 358 53.85 4.12 -2.56
CA GLY E 358 54.77 3.12 -2.07
C GLY E 358 54.22 1.71 -2.07
N LEU E 359 52.90 1.56 -2.17
CA LEU E 359 52.28 0.25 -2.20
C LEU E 359 52.30 -0.36 -3.59
N PHE E 360 52.40 0.46 -4.62
CA PHE E 360 52.24 0.03 -6.01
C PHE E 360 53.46 0.43 -6.83
N ASN E 361 54.63 0.11 -6.30
CA ASN E 361 55.92 0.52 -6.85
C ASN E 361 56.78 -0.73 -6.98
N SER E 362 56.63 -1.46 -8.08
CA SER E 362 57.33 -2.72 -8.24
C SER E 362 57.16 -3.22 -9.68
N THR E 363 58.17 -3.93 -10.14
CA THR E 363 58.12 -4.66 -11.40
C THR E 363 58.52 -6.10 -11.12
N TRP E 364 57.73 -7.04 -11.65
CA TRP E 364 57.91 -8.46 -11.35
C TRP E 364 58.36 -9.18 -12.62
N ILE E 365 59.47 -9.91 -12.50
CA ILE E 365 60.07 -10.58 -13.64
C ILE E 365 59.46 -11.98 -13.77
N SER E 366 59.56 -12.54 -14.97
CA SER E 366 58.83 -13.77 -15.29
C SER E 366 59.27 -14.97 -14.46
N ASN E 367 60.48 -14.96 -13.93
CA ASN E 367 60.99 -16.12 -13.19
C ASN E 367 60.05 -16.51 -12.06
N ASN E 379 60.74 -6.85 9.80
CA ASN E 379 59.98 -6.05 10.76
C ASN E 379 59.74 -4.63 10.24
N ASP E 380 60.28 -4.33 9.05
CA ASP E 380 60.09 -3.02 8.46
C ASP E 380 58.65 -2.83 8.03
N SER E 381 58.26 -1.56 7.87
CA SER E 381 56.91 -1.21 7.47
C SER E 381 56.98 -0.11 6.41
N ILE E 382 55.92 -0.05 5.61
CA ILE E 382 55.78 0.97 4.58
C ILE E 382 54.89 2.07 5.13
N THR E 383 55.46 3.25 5.33
CA THR E 383 54.71 4.41 5.82
C THR E 383 54.32 5.27 4.63
N LEU E 384 53.01 5.37 4.39
CA LEU E 384 52.49 6.15 3.28
C LEU E 384 51.76 7.37 3.84
N PRO E 385 52.17 8.59 3.50
CA PRO E 385 51.57 9.76 4.12
C PRO E 385 50.11 9.93 3.74
N CYS E 386 49.36 10.58 4.62
CA CYS E 386 47.94 10.79 4.43
C CYS E 386 47.59 12.25 4.70
N ARG E 387 46.56 12.73 4.02
CA ARG E 387 46.06 14.08 4.17
C ARG E 387 44.62 14.03 4.68
N ILE E 388 44.26 15.02 5.48
CA ILE E 388 42.94 15.09 6.09
C ILE E 388 42.14 16.18 5.42
N LYS E 389 40.84 15.94 5.27
CA LYS E 389 39.90 16.92 4.76
C LYS E 389 38.67 16.93 5.64
N GLN E 390 37.98 18.07 5.65
CA GLN E 390 36.75 18.22 6.40
C GLN E 390 35.53 18.49 5.53
N ILE E 391 35.72 18.91 4.29
CA ILE E 391 34.63 19.06 3.32
C ILE E 391 34.64 17.83 2.44
N ILE E 392 33.56 17.05 2.50
CA ILE E 392 33.50 15.73 1.88
C ILE E 392 32.42 15.73 0.82
N ASN E 393 32.77 15.23 -0.37
CA ASN E 393 31.83 15.05 -1.47
C ASN E 393 31.71 13.54 -1.72
N MET E 394 30.73 12.92 -1.08
CA MET E 394 30.57 11.49 -1.15
C MET E 394 29.78 11.08 -2.39
N TRP E 395 29.95 9.82 -2.78
CA TRP E 395 29.17 9.20 -3.85
C TRP E 395 29.39 9.87 -5.19
N GLN E 396 30.52 10.57 -5.37
CA GLN E 396 30.85 11.25 -6.61
C GLN E 396 29.80 12.30 -6.99
N ARG E 397 29.01 12.75 -6.01
CA ARG E 397 27.99 13.75 -6.27
C ARG E 397 28.58 15.16 -6.23
N ILE E 398 27.86 16.09 -6.83
CA ILE E 398 28.22 17.50 -6.84
C ILE E 398 27.05 18.30 -6.34
N GLY E 399 27.31 19.26 -5.44
CA GLY E 399 26.30 20.10 -4.88
C GLY E 399 25.80 19.67 -3.51
N GLN E 400 26.21 18.51 -3.04
CA GLN E 400 25.83 18.00 -1.71
C GLN E 400 27.12 17.67 -0.97
N CYS E 401 27.69 18.65 -0.30
CA CYS E 401 28.91 18.49 0.46
C CYS E 401 28.60 18.40 1.95
N MET E 402 29.44 17.67 2.67
CA MET E 402 29.29 17.46 4.10
C MET E 402 30.55 17.94 4.81
N TYR E 403 30.36 18.63 5.93
CA TYR E 403 31.46 19.09 6.76
C TYR E 403 31.63 18.14 7.93
N ALA E 404 32.82 17.56 8.06
CA ALA E 404 33.09 16.60 9.13
C ALA E 404 33.60 17.35 10.35
N PRO E 405 32.89 17.30 11.49
CA PRO E 405 33.39 18.00 12.67
C PRO E 405 34.72 17.43 13.12
N PRO E 406 35.59 18.25 13.70
CA PRO E 406 36.84 17.73 14.25
C PRO E 406 36.58 16.79 15.41
N ILE E 407 37.57 15.92 15.66
CA ILE E 407 37.48 14.92 16.72
C ILE E 407 38.63 15.16 17.68
N GLN E 408 38.30 15.24 18.98
CA GLN E 408 39.30 15.53 19.98
C GLN E 408 40.21 14.34 20.20
N GLY E 409 41.46 14.63 20.55
CA GLY E 409 42.42 13.60 20.85
C GLY E 409 43.12 13.07 19.61
N VAL E 410 43.73 11.90 19.79
CA VAL E 410 44.51 11.25 18.74
C VAL E 410 43.67 10.15 18.11
N ILE E 411 43.67 10.09 16.78
CA ILE E 411 42.92 9.09 16.04
C ILE E 411 43.85 7.93 15.71
N ARG E 412 43.35 6.71 15.88
CA ARG E 412 44.10 5.52 15.50
C ARG E 412 43.11 4.41 15.17
N CYS E 413 43.33 3.74 14.04
CA CYS E 413 42.48 2.64 13.62
C CYS E 413 43.33 1.59 12.94
N VAL E 414 42.88 0.33 13.05
CA VAL E 414 43.55 -0.81 12.44
C VAL E 414 42.51 -1.55 11.59
N SER E 415 42.87 -1.84 10.35
CA SER E 415 41.98 -2.49 9.40
C SER E 415 42.72 -3.58 8.66
N ASN E 416 41.96 -4.38 7.92
CA ASN E 416 42.49 -5.42 7.05
C ASN E 416 42.29 -5.00 5.60
N ILE E 417 43.35 -5.09 4.80
CA ILE E 417 43.23 -4.92 3.36
C ILE E 417 42.84 -6.27 2.78
N THR E 418 41.57 -6.42 2.41
CA THR E 418 41.04 -7.68 1.93
C THR E 418 40.96 -7.76 0.41
N GLY E 419 41.40 -6.72 -0.30
CA GLY E 419 41.32 -6.75 -1.75
C GLY E 419 41.81 -5.45 -2.34
N LEU E 420 41.77 -5.40 -3.67
CA LEU E 420 42.23 -4.24 -4.42
C LEU E 420 41.25 -3.96 -5.56
N ILE E 421 41.30 -2.73 -6.05
CA ILE E 421 40.64 -2.34 -7.30
C ILE E 421 41.73 -1.82 -8.23
N LEU E 422 41.99 -2.55 -9.30
CA LEU E 422 43.10 -2.26 -10.19
C LEU E 422 42.59 -1.87 -11.57
N THR E 423 43.48 -1.22 -12.33
CA THR E 423 43.19 -0.83 -13.71
C THR E 423 44.44 -1.10 -14.54
N ARG E 424 44.25 -1.73 -15.69
CA ARG E 424 45.36 -2.06 -16.58
C ARG E 424 45.47 -1.01 -17.67
N ASP E 425 46.71 -0.68 -18.04
CA ASP E 425 46.97 0.31 -19.08
C ASP E 425 46.98 -0.35 -20.45
N GLY E 426 46.48 0.38 -21.44
CA GLY E 426 46.45 -0.12 -22.80
C GLY E 426 47.83 -0.13 -23.42
N GLY E 427 48.34 -1.32 -23.72
CA GLY E 427 49.65 -1.45 -24.32
C GLY E 427 49.57 -1.63 -25.83
N SER E 428 50.59 -1.16 -26.53
CA SER E 428 50.65 -1.27 -27.97
C SER E 428 51.13 -2.66 -28.37
N THR E 429 50.32 -3.37 -29.15
CA THR E 429 50.64 -4.74 -29.55
C THR E 429 50.86 -5.56 -28.28
N ASN E 430 51.76 -6.53 -28.34
CA ASN E 430 52.14 -7.34 -27.18
C ASN E 430 53.54 -6.91 -26.76
N SER E 431 53.61 -5.99 -25.80
CA SER E 431 54.88 -5.47 -25.31
C SER E 431 55.44 -6.29 -24.15
N THR E 432 54.95 -7.53 -23.98
CA THR E 432 55.41 -8.44 -22.93
C THR E 432 55.53 -7.74 -21.58
N THR E 433 54.67 -6.74 -21.35
CA THR E 433 54.64 -6.05 -20.07
C THR E 433 53.24 -5.52 -19.83
N GLU E 434 52.72 -5.75 -18.63
CA GLU E 434 51.43 -5.26 -18.21
C GLU E 434 51.59 -4.48 -16.92
N THR E 435 51.09 -3.24 -16.91
CA THR E 435 51.19 -2.37 -15.75
C THR E 435 49.79 -2.14 -15.19
N PHE E 436 49.65 -2.35 -13.89
CA PHE E 436 48.37 -2.21 -13.20
C PHE E 436 48.46 -1.06 -12.20
N ARG E 437 47.40 -0.27 -12.13
CA ARG E 437 47.35 0.88 -11.25
C ARG E 437 46.11 0.82 -10.38
N PRO E 438 46.17 1.33 -9.16
CA PRO E 438 44.98 1.32 -8.29
C PRO E 438 43.88 2.20 -8.85
N GLY E 439 42.64 1.80 -8.60
CA GLY E 439 41.49 2.54 -9.05
C GLY E 439 40.42 2.66 -7.98
N GLY E 440 39.20 2.98 -8.40
CA GLY E 440 38.08 3.11 -7.49
C GLY E 440 37.30 4.38 -7.80
N GLY E 441 36.55 4.83 -6.81
CA GLY E 441 35.71 6.00 -6.95
C GLY E 441 34.24 5.65 -6.99
N ASP E 442 33.91 4.57 -7.69
CA ASP E 442 32.55 4.06 -7.76
C ASP E 442 32.38 3.00 -6.67
N MET E 443 31.58 3.31 -5.64
CA MET E 443 31.41 2.39 -4.54
C MET E 443 30.64 1.14 -4.94
N ARG E 444 30.00 1.13 -6.10
CA ARG E 444 29.30 -0.07 -6.54
C ARG E 444 30.27 -1.24 -6.69
N ASP E 445 31.53 -0.96 -7.00
CA ASP E 445 32.53 -2.02 -7.04
C ASP E 445 32.85 -2.53 -5.64
N ASN E 446 32.72 -1.69 -4.62
CA ASN E 446 32.95 -2.14 -3.25
C ASN E 446 31.86 -3.11 -2.80
N TRP E 447 30.60 -2.75 -3.05
CA TRP E 447 29.51 -3.68 -2.75
C TRP E 447 29.60 -4.92 -3.63
N ARG E 448 29.97 -4.72 -4.89
CA ARG E 448 30.07 -5.85 -5.83
C ARG E 448 31.08 -6.88 -5.35
N SER E 449 32.09 -6.46 -4.58
CA SER E 449 33.08 -7.40 -4.07
C SER E 449 32.52 -8.29 -2.97
N GLU E 450 31.38 -7.94 -2.38
CA GLU E 450 30.75 -8.72 -1.33
C GLU E 450 29.50 -9.46 -1.79
N LEU E 451 28.82 -8.95 -2.81
CA LEU E 451 27.59 -9.56 -3.32
C LEU E 451 27.82 -10.40 -4.56
N TYR E 452 29.07 -10.67 -4.91
CA TYR E 452 29.36 -11.43 -6.12
C TYR E 452 28.78 -12.83 -6.08
N LYS E 453 28.57 -13.37 -4.89
CA LYS E 453 28.14 -14.75 -4.72
C LYS E 453 26.63 -14.90 -4.58
N TYR E 454 25.87 -13.82 -4.74
CA TYR E 454 24.43 -13.84 -4.52
C TYR E 454 23.69 -13.43 -5.79
N LYS E 455 22.48 -13.95 -5.91
CA LYS E 455 21.55 -13.55 -6.97
C LYS E 455 20.14 -13.72 -6.45
N VAL E 456 19.21 -13.01 -7.10
CA VAL E 456 17.80 -13.03 -6.72
C VAL E 456 17.01 -13.69 -7.85
N VAL E 457 16.13 -14.62 -7.48
CA VAL E 457 15.30 -15.32 -8.44
C VAL E 457 13.86 -15.25 -7.96
N LYS E 458 12.93 -15.31 -8.91
CA LYS E 458 11.50 -15.28 -8.64
C LYS E 458 10.92 -16.68 -8.81
N ILE E 459 10.13 -17.12 -7.84
CA ILE E 459 9.54 -18.45 -7.90
C ILE E 459 8.43 -18.45 -8.95
N GLU E 460 8.28 -19.59 -9.63
CA GLU E 460 7.24 -19.79 -10.64
C GLU E 460 6.47 -21.05 -10.21
N PRO E 461 5.54 -20.90 -9.26
CA PRO E 461 4.97 -22.09 -8.61
C PRO E 461 4.05 -22.92 -9.50
N LEU E 462 3.65 -22.41 -10.67
CA LEU E 462 2.70 -23.09 -11.52
C LEU E 462 3.43 -24.00 -12.51
N GLY E 463 3.05 -25.27 -12.52
CA GLY E 463 3.66 -26.24 -13.41
C GLY E 463 2.68 -27.22 -13.99
N VAL E 464 2.86 -27.57 -15.26
CA VAL E 464 2.01 -28.53 -15.96
C VAL E 464 2.90 -29.65 -16.47
N ALA E 465 2.54 -30.89 -16.13
CA ALA E 465 3.29 -32.06 -16.53
C ALA E 465 2.33 -33.16 -16.94
N PRO E 466 2.76 -34.08 -17.80
CA PRO E 466 1.91 -35.22 -18.11
C PRO E 466 1.82 -36.16 -16.92
N THR E 467 0.59 -36.52 -16.60
CA THR E 467 0.32 -37.62 -15.68
C THR E 467 -0.79 -38.41 -16.33
N ARG E 468 -0.93 -39.68 -15.87
CA ARG E 468 -1.93 -40.65 -16.38
C ARG E 468 -3.28 -40.45 -15.72
N CYS E 469 -3.52 -39.27 -15.21
CA CYS E 469 -4.80 -38.82 -14.67
C CYS E 469 -5.82 -38.39 -15.70
N LYS E 470 -7.08 -38.56 -15.35
CA LYS E 470 -8.18 -37.91 -16.08
C LYS E 470 -9.28 -37.48 -15.11
N ARG E 471 -9.86 -36.31 -15.39
CA ARG E 471 -10.93 -35.76 -14.57
C ARG E 471 -12.27 -36.40 -14.91
N ARG E 472 -13.26 -36.20 -14.04
CA ARG E 472 -14.60 -36.72 -14.30
C ARG E 472 -15.34 -35.87 -15.32
N VAL E 473 -16.48 -36.39 -15.79
CA VAL E 473 -17.47 -35.61 -16.53
C VAL E 473 -18.71 -35.42 -15.66
N ALA F 1 -39.78 -27.68 -15.69
CA ALA F 1 -39.35 -26.70 -16.74
C ALA F 1 -39.73 -25.29 -16.34
N GLU F 2 -41.02 -25.09 -16.03
CA GLU F 2 -41.48 -23.77 -15.59
C GLU F 2 -40.75 -23.32 -14.34
N ASN F 3 -40.30 -24.25 -13.52
CA ASN F 3 -39.54 -23.91 -12.32
C ASN F 3 -38.16 -23.40 -12.74
N LEU F 4 -37.97 -22.09 -12.68
CA LEU F 4 -36.69 -21.47 -12.97
C LEU F 4 -35.97 -21.18 -11.66
N TRP F 5 -34.64 -21.14 -11.73
CA TRP F 5 -33.80 -21.02 -10.55
C TRP F 5 -32.72 -19.97 -10.78
N VAL F 6 -32.21 -19.44 -9.68
CA VAL F 6 -31.20 -18.38 -9.75
C VAL F 6 -29.86 -18.99 -10.14
N THR F 7 -29.22 -18.40 -11.15
CA THR F 7 -27.86 -18.75 -11.54
C THR F 7 -26.97 -17.53 -11.39
N VAL F 8 -25.76 -17.75 -10.86
CA VAL F 8 -24.83 -16.68 -10.55
C VAL F 8 -23.77 -16.63 -11.64
N TYR F 9 -23.49 -15.42 -12.14
CA TYR F 9 -22.49 -15.20 -13.17
C TYR F 9 -21.48 -14.19 -12.68
N TYR F 10 -20.20 -14.52 -12.81
CA TYR F 10 -19.11 -13.62 -12.48
C TYR F 10 -18.35 -13.27 -13.74
N GLY F 11 -18.09 -11.98 -13.93
CA GLY F 11 -17.52 -11.49 -15.16
C GLY F 11 -18.51 -10.88 -16.12
N VAL F 12 -19.72 -10.58 -15.66
CA VAL F 12 -20.76 -10.05 -16.53
C VAL F 12 -20.33 -8.67 -17.05
N PRO F 13 -20.58 -8.35 -18.32
CA PRO F 13 -20.19 -7.01 -18.84
C PRO F 13 -21.22 -5.94 -18.51
N VAL F 14 -21.22 -5.51 -17.25
CA VAL F 14 -22.06 -4.42 -16.77
C VAL F 14 -21.20 -3.48 -15.95
N TRP F 15 -21.57 -2.20 -15.95
CA TRP F 15 -20.76 -1.17 -15.31
C TRP F 15 -21.66 -0.12 -14.70
N LYS F 16 -21.05 0.85 -14.02
CA LYS F 16 -21.75 1.98 -13.45
C LYS F 16 -20.79 3.17 -13.40
N ASP F 17 -21.37 4.37 -13.32
CA ASP F 17 -20.56 5.57 -13.21
C ASP F 17 -19.77 5.54 -11.90
N ALA F 18 -18.49 5.92 -11.99
CA ALA F 18 -17.62 5.86 -10.82
C ALA F 18 -16.48 6.84 -10.99
N GLU F 19 -15.80 7.11 -9.88
CA GLU F 19 -14.62 7.96 -9.84
C GLU F 19 -13.45 7.16 -9.28
N THR F 20 -12.29 7.32 -9.90
CA THR F 20 -11.10 6.59 -9.50
C THR F 20 -9.87 7.45 -9.76
N THR F 21 -8.70 6.85 -9.63
CA THR F 21 -7.42 7.52 -9.85
C THR F 21 -6.77 6.91 -11.08
N LEU F 22 -6.93 7.57 -12.22
CA LEU F 22 -6.29 7.13 -13.45
C LEU F 22 -4.79 7.36 -13.38
N PHE F 23 -4.05 6.51 -14.08
CA PHE F 23 -2.59 6.60 -14.13
C PHE F 23 -2.17 7.09 -15.52
N CYS F 24 -1.24 8.05 -15.53
CA CYS F 24 -0.85 8.71 -16.76
C CYS F 24 0.13 7.83 -17.56
N ALA F 25 0.14 8.06 -18.87
CA ALA F 25 1.08 7.42 -19.77
C ALA F 25 1.64 8.46 -20.72
N SER F 26 2.92 8.34 -21.04
CA SER F 26 3.60 9.29 -21.92
C SER F 26 4.26 8.53 -23.06
N ASP F 27 4.38 9.20 -24.20
CA ASP F 27 4.95 8.57 -25.38
C ASP F 27 6.38 8.16 -25.12
N ALA F 28 6.77 6.99 -25.65
CA ALA F 28 8.11 6.47 -25.42
C ALA F 28 9.17 7.44 -25.93
N LYS F 29 8.89 8.13 -27.03
CA LYS F 29 9.87 9.05 -27.59
C LYS F 29 10.24 10.15 -26.61
N ALA F 30 9.32 10.51 -25.71
CA ALA F 30 9.62 11.53 -24.71
C ALA F 30 10.75 11.12 -23.78
N TYR F 31 11.03 9.82 -23.66
CA TYR F 31 12.10 9.35 -22.79
C TYR F 31 13.48 9.49 -23.43
N GLU F 32 13.56 9.85 -24.70
CA GLU F 32 14.84 10.13 -25.34
C GLU F 32 15.34 11.47 -24.83
N THR F 33 16.23 11.42 -23.83
CA THR F 33 16.72 12.62 -23.13
C THR F 33 15.56 13.59 -22.87
N GLU F 34 15.82 14.89 -22.99
CA GLU F 34 14.80 15.92 -22.78
C GLU F 34 14.05 15.71 -21.48
N LYS F 35 14.74 15.17 -20.47
CA LYS F 35 14.13 15.00 -19.16
C LYS F 35 13.81 16.35 -18.51
N HIS F 36 14.40 17.44 -19.02
CA HIS F 36 14.18 18.77 -18.47
C HIS F 36 12.92 19.35 -19.09
N ASN F 37 11.78 18.98 -18.51
CA ASN F 37 10.48 19.48 -18.96
C ASN F 37 9.53 19.47 -17.78
N VAL F 38 8.72 20.52 -17.67
CA VAL F 38 7.80 20.64 -16.54
C VAL F 38 6.88 19.44 -16.47
N TRP F 39 6.39 18.99 -17.62
CA TRP F 39 5.39 17.93 -17.68
C TRP F 39 5.99 16.55 -17.86
N ALA F 40 7.32 16.44 -18.00
CA ALA F 40 7.97 15.14 -18.09
C ALA F 40 7.87 14.45 -16.74
N THR F 41 7.15 13.33 -16.70
CA THR F 41 6.88 12.61 -15.46
C THR F 41 7.53 11.23 -15.53
N HIS F 42 8.26 10.88 -14.47
CA HIS F 42 8.78 9.52 -14.36
C HIS F 42 7.67 8.54 -14.01
N ALA F 43 6.63 8.99 -13.32
CA ALA F 43 5.49 8.13 -13.02
C ALA F 43 4.78 7.68 -14.29
N CYS F 44 4.63 8.59 -15.25
CA CYS F 44 3.96 8.24 -16.51
C CYS F 44 4.67 7.07 -17.16
N VAL F 45 3.97 5.94 -17.28
CA VAL F 45 4.52 4.73 -17.87
C VAL F 45 4.58 4.90 -19.38
N PRO F 46 5.43 4.14 -20.07
CA PRO F 46 5.46 4.24 -21.54
C PRO F 46 4.12 3.89 -22.15
N THR F 47 3.78 4.60 -23.23
CA THR F 47 2.50 4.37 -23.90
C THR F 47 2.51 3.01 -24.59
N ASP F 48 1.48 2.22 -24.32
CA ASP F 48 1.30 0.95 -25.02
C ASP F 48 1.05 1.24 -26.49
N PRO F 49 1.87 0.73 -27.41
CA PRO F 49 1.68 1.07 -28.82
C PRO F 49 0.54 0.28 -29.43
N ASN F 50 0.20 0.62 -30.68
CA ASN F 50 -0.94 0.11 -31.40
C ASN F 50 -2.14 -0.01 -30.45
N PRO F 51 -2.60 1.10 -29.89
CA PRO F 51 -3.70 1.03 -28.90
C PRO F 51 -4.95 0.42 -29.51
N GLN F 52 -5.65 -0.36 -28.70
CA GLN F 52 -6.84 -1.08 -29.14
C GLN F 52 -8.07 -0.37 -28.60
N GLU F 53 -9.05 -0.14 -29.48
CA GLU F 53 -10.29 0.55 -29.14
C GLU F 53 -11.44 -0.34 -29.58
N ILE F 54 -12.21 -0.85 -28.63
CA ILE F 54 -13.31 -1.78 -28.90
C ILE F 54 -14.60 -0.98 -28.99
N HIS F 55 -15.31 -1.13 -30.10
CA HIS F 55 -16.59 -0.46 -30.29
C HIS F 55 -17.70 -1.28 -29.67
N LEU F 56 -18.51 -0.65 -28.83
CA LEU F 56 -19.61 -1.31 -28.12
C LEU F 56 -20.87 -1.10 -28.94
N GLU F 57 -21.27 -2.13 -29.70
CA GLU F 57 -22.44 -2.02 -30.54
C GLU F 57 -23.71 -1.92 -29.70
N ASN F 58 -24.66 -1.12 -30.18
CA ASN F 58 -25.99 -1.01 -29.60
C ASN F 58 -25.99 -0.45 -28.18
N VAL F 59 -24.87 0.09 -27.73
CA VAL F 59 -24.76 0.62 -26.37
C VAL F 59 -24.97 2.13 -26.41
N THR F 60 -25.85 2.62 -25.55
CA THR F 60 -26.09 4.04 -25.38
C THR F 60 -25.72 4.44 -23.96
N GLU F 61 -24.90 5.47 -23.82
CA GLU F 61 -24.40 5.92 -22.52
C GLU F 61 -24.71 7.39 -22.32
N GLU F 62 -24.85 7.77 -21.05
CA GLU F 62 -25.10 9.15 -20.67
C GLU F 62 -23.78 9.81 -20.26
N PHE F 63 -23.42 10.88 -20.96
CA PHE F 63 -22.20 11.62 -20.69
C PHE F 63 -22.55 12.99 -20.13
N ASN F 64 -21.61 13.56 -19.36
CA ASN F 64 -21.77 14.90 -18.83
C ASN F 64 -20.38 15.50 -18.65
N MET F 65 -19.95 16.31 -19.62
CA MET F 65 -18.64 16.93 -19.58
C MET F 65 -18.50 17.96 -18.47
N TRP F 66 -19.61 18.42 -17.89
CA TRP F 66 -19.57 19.48 -16.90
C TRP F 66 -19.49 18.97 -15.48
N LYS F 67 -20.16 17.86 -15.17
CA LYS F 67 -20.00 17.17 -13.90
C LYS F 67 -18.96 16.07 -13.97
N ASN F 68 -18.27 15.93 -15.10
CA ASN F 68 -17.30 14.87 -15.28
C ASN F 68 -16.19 14.98 -14.25
N ASN F 69 -15.82 13.84 -13.68
CA ASN F 69 -14.56 13.73 -12.97
C ASN F 69 -13.47 13.58 -14.02
N MET F 70 -12.27 13.18 -13.61
CA MET F 70 -11.16 12.97 -14.53
C MET F 70 -10.78 14.26 -15.25
N VAL F 71 -11.45 15.36 -14.91
CA VAL F 71 -11.01 16.70 -15.23
C VAL F 71 -10.43 17.40 -14.01
N GLU F 72 -11.08 17.22 -12.86
CA GLU F 72 -10.51 17.67 -11.60
C GLU F 72 -9.21 16.94 -11.31
N GLN F 73 -9.16 15.63 -11.59
CA GLN F 73 -7.93 14.88 -11.42
C GLN F 73 -6.84 15.42 -12.33
N MET F 74 -7.19 15.73 -13.58
CA MET F 74 -6.21 16.29 -14.50
C MET F 74 -5.68 17.63 -14.00
N HIS F 75 -6.59 18.49 -13.53
CA HIS F 75 -6.17 19.79 -12.98
C HIS F 75 -5.22 19.59 -11.81
N THR F 76 -5.56 18.70 -10.87
CA THR F 76 -4.72 18.47 -9.71
C THR F 76 -3.37 17.92 -10.12
N ASP F 77 -3.35 16.96 -11.05
CA ASP F 77 -2.08 16.37 -11.49
C ASP F 77 -1.20 17.42 -12.17
N ILE F 78 -1.79 18.26 -13.00
CA ILE F 78 -1.01 19.30 -13.68
C ILE F 78 -0.43 20.27 -12.66
N ILE F 79 -1.23 20.69 -11.68
CA ILE F 79 -0.74 21.61 -10.66
C ILE F 79 0.39 20.98 -9.87
N SER F 80 0.22 19.70 -9.49
CA SER F 80 1.25 19.01 -8.72
C SER F 80 2.53 18.88 -9.52
N LEU F 81 2.43 18.56 -10.81
CA LEU F 81 3.61 18.51 -11.66
C LEU F 81 4.30 19.86 -11.72
N TRP F 82 3.52 20.93 -11.86
CA TRP F 82 4.10 22.26 -11.92
C TRP F 82 4.87 22.58 -10.65
N ASP F 83 4.28 22.27 -9.49
CA ASP F 83 4.97 22.52 -8.22
C ASP F 83 6.23 21.65 -8.09
N GLN F 84 6.13 20.38 -8.47
CA GLN F 84 7.27 19.47 -8.35
C GLN F 84 8.43 19.95 -9.19
N SER F 85 8.15 20.44 -10.40
CA SER F 85 9.21 20.95 -11.26
C SER F 85 9.85 22.22 -10.71
N LEU F 86 9.24 22.85 -9.71
CA LEU F 86 9.74 24.11 -9.15
C LEU F 86 10.41 23.92 -7.80
N LYS F 87 10.27 22.76 -7.16
CA LYS F 87 10.88 22.57 -5.85
C LYS F 87 12.39 22.74 -5.88
N PRO F 88 13.12 22.12 -6.81
CA PRO F 88 14.59 22.18 -6.75
C PRO F 88 15.17 23.53 -7.13
N CYS F 89 14.37 24.46 -7.66
CA CYS F 89 14.91 25.68 -8.24
C CYS F 89 15.16 26.74 -7.17
N VAL F 90 15.75 27.85 -7.60
CA VAL F 90 16.23 28.88 -6.68
C VAL F 90 15.06 29.70 -6.16
N LYS F 91 15.03 29.94 -4.86
CA LYS F 91 14.07 30.84 -4.24
C LYS F 91 14.66 32.24 -4.22
N LEU F 92 13.93 33.21 -4.77
CA LEU F 92 14.44 34.57 -4.92
C LEU F 92 14.00 35.44 -3.75
N THR F 93 14.52 35.10 -2.58
CA THR F 93 14.28 35.90 -1.39
C THR F 93 15.15 37.14 -1.39
N PRO F 94 16.43 37.03 -1.75
CA PRO F 94 17.28 38.24 -1.80
C PRO F 94 16.82 39.28 -2.80
N LEU F 95 16.05 38.88 -3.81
CA LEU F 95 15.60 39.83 -4.84
C LEU F 95 14.61 40.85 -4.30
N CYS F 96 14.06 40.63 -3.11
CA CYS F 96 13.13 41.58 -2.51
C CYS F 96 13.95 42.67 -1.81
N VAL F 97 14.40 43.63 -2.61
CA VAL F 97 15.26 44.70 -2.17
C VAL F 97 14.89 45.96 -2.94
N THR F 98 15.31 47.11 -2.42
CA THR F 98 15.05 48.37 -3.09
C THR F 98 15.79 48.43 -4.42
N LEU F 99 15.11 48.93 -5.45
CA LEU F 99 15.67 49.07 -6.79
C LEU F 99 15.65 50.54 -7.19
N GLN F 100 16.76 50.99 -7.78
CA GLN F 100 16.85 52.34 -8.36
C GLN F 100 16.67 52.18 -9.87
N CYS F 101 15.46 52.45 -10.34
CA CYS F 101 15.07 52.19 -11.72
C CYS F 101 15.01 53.48 -12.54
N THR F 102 15.21 53.33 -13.84
CA THR F 102 15.11 54.43 -14.78
C THR F 102 14.64 53.89 -16.12
N ASN F 103 14.06 54.76 -16.93
CA ASN F 103 13.50 54.33 -18.20
C ASN F 103 14.59 53.89 -19.17
N VAL F 104 14.23 52.99 -20.08
CA VAL F 104 15.12 52.51 -21.12
C VAL F 104 14.74 53.25 -22.40
N THR F 105 15.39 54.40 -22.62
CA THR F 105 15.25 55.15 -23.88
C THR F 105 16.48 54.85 -24.72
N ASN F 106 16.46 53.69 -25.36
CA ASN F 106 17.62 53.12 -26.04
C ASN F 106 17.21 52.58 -27.40
N ASN F 107 16.60 53.45 -28.21
CA ASN F 107 15.95 53.06 -29.47
C ASN F 107 14.68 52.25 -29.20
N ILE F 108 13.80 52.81 -28.38
CA ILE F 108 12.48 52.24 -28.15
C ILE F 108 11.50 52.88 -29.13
N THR F 109 10.39 52.19 -29.35
CA THR F 109 9.30 52.74 -30.15
C THR F 109 8.29 53.43 -29.25
N ASP F 110 7.40 54.21 -29.86
CA ASP F 110 6.42 54.98 -29.09
C ASP F 110 5.53 54.07 -28.26
N ASP F 111 5.27 52.85 -28.72
CA ASP F 111 4.40 51.93 -28.00
C ASP F 111 5.11 51.20 -26.88
N MET F 112 6.43 51.31 -26.77
CA MET F 112 7.20 50.66 -25.72
C MET F 112 7.85 51.68 -24.79
N ARG F 113 7.22 52.83 -24.62
CA ARG F 113 7.74 53.87 -23.74
C ARG F 113 7.33 53.56 -22.30
N GLY F 114 8.32 53.33 -21.45
CA GLY F 114 8.08 53.02 -20.05
C GLY F 114 7.76 51.57 -19.77
N GLU F 115 7.74 50.71 -20.78
CA GLU F 115 7.46 49.29 -20.56
C GLU F 115 8.64 48.57 -19.92
N LEU F 116 9.86 49.05 -20.15
CA LEU F 116 11.07 48.45 -19.60
C LEU F 116 11.75 49.45 -18.68
N LYS F 117 12.22 48.96 -17.54
CA LYS F 117 12.93 49.76 -16.56
C LYS F 117 14.32 49.20 -16.33
N ASN F 118 15.30 50.08 -16.28
CA ASN F 118 16.70 49.72 -16.03
C ASN F 118 16.96 49.94 -14.54
N CYS F 119 16.96 48.85 -13.78
CA CYS F 119 17.00 48.88 -12.33
C CYS F 119 18.35 48.39 -11.82
N SER F 120 18.94 49.16 -10.92
CA SER F 120 20.17 48.80 -10.24
C SER F 120 19.90 48.57 -8.77
N PHE F 121 20.51 47.52 -8.20
CA PHE F 121 20.25 47.16 -6.82
C PHE F 121 21.48 46.46 -6.25
N ASN F 122 21.54 46.44 -4.92
CA ASN F 122 22.57 45.69 -4.20
C ASN F 122 22.09 44.25 -4.00
N MET F 123 22.99 43.31 -4.23
CA MET F 123 22.67 41.89 -4.16
C MET F 123 23.71 41.14 -3.35
N THR F 124 23.26 40.06 -2.72
CA THR F 124 24.16 39.20 -1.97
C THR F 124 25.03 38.39 -2.92
N THR F 125 26.27 38.16 -2.50
CA THR F 125 27.22 37.35 -3.25
C THR F 125 27.29 35.97 -2.62
N GLU F 126 28.21 35.14 -3.13
CA GLU F 126 28.41 33.81 -2.56
C GLU F 126 29.02 33.88 -1.16
N LEU F 127 29.61 35.01 -0.79
CA LEU F 127 30.15 35.24 0.54
C LEU F 127 29.16 36.06 1.34
N ARG F 128 28.87 35.61 2.57
CA ARG F 128 27.83 36.22 3.38
C ARG F 128 28.16 37.65 3.79
N ASP F 129 29.44 38.04 3.77
CA ASP F 129 29.86 39.36 4.21
C ASP F 129 30.17 40.30 3.06
N LYS F 130 29.84 39.93 1.82
CA LYS F 130 30.12 40.75 0.66
C LYS F 130 28.83 40.98 -0.13
N LYS F 131 28.74 42.16 -0.74
CA LYS F 131 27.59 42.53 -1.56
C LYS F 131 28.07 43.07 -2.90
N GLN F 132 27.25 42.89 -3.92
CA GLN F 132 27.57 43.30 -5.28
C GLN F 132 26.49 44.24 -5.80
N LYS F 133 26.91 45.29 -6.49
CA LYS F 133 26.00 46.21 -7.15
C LYS F 133 25.75 45.71 -8.58
N VAL F 134 24.50 45.36 -8.87
CA VAL F 134 24.14 44.79 -10.16
C VAL F 134 22.92 45.53 -10.69
N TYR F 135 22.68 45.37 -11.99
CA TYR F 135 21.54 45.98 -12.65
C TYR F 135 20.85 44.94 -13.53
N SER F 136 19.56 45.15 -13.75
CA SER F 136 18.77 44.27 -14.59
C SER F 136 17.64 45.06 -15.22
N LEU F 137 17.10 44.52 -16.31
CA LEU F 137 15.95 45.12 -16.97
C LEU F 137 14.69 44.43 -16.47
N PHE F 138 13.72 45.22 -16.02
CA PHE F 138 12.46 44.72 -15.49
C PHE F 138 11.31 45.31 -16.27
N TYR F 139 10.33 44.48 -16.60
CA TYR F 139 9.12 44.96 -17.23
C TYR F 139 8.30 45.76 -16.23
N ARG F 140 7.64 46.81 -16.72
CA ARG F 140 6.90 47.71 -15.83
C ARG F 140 5.81 46.97 -15.07
N LEU F 141 5.32 45.85 -15.59
CA LEU F 141 4.30 45.08 -14.90
C LEU F 141 4.83 44.31 -13.71
N ASP F 142 6.15 44.22 -13.55
CA ASP F 142 6.76 43.45 -12.48
C ASP F 142 7.27 44.30 -11.32
N VAL F 143 7.34 45.61 -11.48
CA VAL F 143 7.88 46.51 -10.47
C VAL F 143 6.83 47.56 -10.13
N VAL F 144 6.75 47.89 -8.85
CA VAL F 144 5.83 48.92 -8.35
C VAL F 144 6.64 49.95 -7.59
N GLN F 145 6.38 51.23 -7.89
CA GLN F 145 7.09 52.30 -7.23
C GLN F 145 6.73 52.38 -5.75
N ILE F 146 7.72 52.75 -4.94
CA ILE F 146 7.53 52.96 -3.50
C ILE F 146 7.93 54.39 -3.18
N ASN F 147 7.03 55.11 -2.51
CA ASN F 147 7.26 56.52 -2.21
C ASN F 147 6.84 56.83 -0.78
N SER F 157 12.70 64.01 -7.16
CA SER F 157 13.66 63.31 -6.30
C SER F 157 13.99 61.93 -6.88
N ASN F 158 14.50 61.05 -6.04
CA ASN F 158 14.85 59.71 -6.49
C ASN F 158 13.59 58.90 -6.81
N LYS F 159 13.79 57.83 -7.57
CA LYS F 159 12.70 56.94 -7.97
C LYS F 159 13.09 55.52 -7.58
N GLU F 160 12.45 54.99 -6.54
CA GLU F 160 12.74 53.66 -6.02
C GLU F 160 11.57 52.73 -6.30
N TYR F 161 11.88 51.48 -6.62
CA TYR F 161 10.88 50.49 -6.99
C TYR F 161 11.12 49.20 -6.20
N ARG F 162 10.17 48.28 -6.31
CA ARG F 162 10.32 46.95 -5.76
C ARG F 162 9.52 45.98 -6.62
N LEU F 163 9.87 44.70 -6.53
CA LEU F 163 9.14 43.69 -7.27
C LEU F 163 7.71 43.60 -6.74
N ILE F 164 6.77 43.33 -7.66
CA ILE F 164 5.36 43.39 -7.33
C ILE F 164 5.00 42.38 -6.24
N ASN F 165 5.74 41.29 -6.14
CA ASN F 165 5.40 40.19 -5.26
C ASN F 165 5.96 40.33 -3.85
N CYS F 166 6.71 41.40 -3.56
CA CYS F 166 7.47 41.45 -2.33
C CYS F 166 6.62 41.66 -1.08
N ASN F 167 5.36 42.08 -1.24
CA ASN F 167 4.46 42.20 -0.10
C ASN F 167 3.50 41.03 0.01
N THR F 168 3.68 39.99 -0.81
CA THR F 168 2.84 38.80 -0.77
C THR F 168 3.63 37.52 -0.52
N SER F 169 4.78 37.36 -1.18
CA SER F 169 5.59 36.16 -1.03
C SER F 169 6.87 36.34 -1.85
N ALA F 170 7.77 35.37 -1.72
CA ALA F 170 9.00 35.35 -2.48
C ALA F 170 8.86 34.40 -3.67
N CYS F 171 9.28 34.86 -4.83
CA CYS F 171 9.11 34.09 -6.06
C CYS F 171 10.21 33.06 -6.20
N THR F 172 9.84 31.91 -6.76
CA THR F 172 10.78 30.84 -7.07
C THR F 172 11.17 30.93 -8.53
N GLN F 173 12.47 31.13 -8.78
CA GLN F 173 12.94 31.22 -10.16
C GLN F 173 12.81 29.86 -10.83
N ALA F 174 12.24 29.85 -12.04
CA ALA F 174 12.13 28.61 -12.79
C ALA F 174 13.51 28.15 -13.24
N CYS F 175 13.75 26.84 -13.12
CA CYS F 175 15.04 26.30 -13.51
C CYS F 175 15.25 26.53 -15.00
N PRO F 176 16.37 27.14 -15.42
CA PRO F 176 16.50 27.52 -16.83
C PRO F 176 16.48 26.34 -17.79
N LYS F 177 16.85 25.14 -17.35
CA LYS F 177 16.89 23.99 -18.25
C LYS F 177 15.52 23.37 -18.45
N VAL F 178 14.63 23.51 -17.47
CA VAL F 178 13.30 22.92 -17.57
C VAL F 178 12.50 23.65 -18.64
N SER F 179 11.88 22.88 -19.52
CA SER F 179 11.10 23.44 -20.62
C SER F 179 9.61 23.49 -20.26
N PHE F 180 8.95 24.53 -20.73
CA PHE F 180 7.51 24.71 -20.51
C PHE F 180 6.67 24.15 -21.65
N GLU F 181 7.29 23.56 -22.65
CA GLU F 181 6.56 23.08 -23.83
C GLU F 181 5.65 21.93 -23.43
N PRO F 182 4.33 22.01 -23.67
CA PRO F 182 3.46 20.89 -23.32
C PRO F 182 3.77 19.64 -24.13
N ILE F 183 3.57 18.49 -23.50
CA ILE F 183 3.75 17.20 -24.16
C ILE F 183 2.47 16.39 -23.95
N PRO F 184 2.05 15.56 -24.91
CA PRO F 184 0.81 14.81 -24.74
C PRO F 184 0.87 13.89 -23.54
N ILE F 185 -0.26 13.78 -22.85
CA ILE F 185 -0.41 12.90 -21.69
C ILE F 185 -1.67 12.06 -21.89
N HIS F 186 -1.55 10.76 -21.68
CA HIS F 186 -2.66 9.83 -21.80
C HIS F 186 -3.08 9.35 -20.42
N TYR F 187 -4.38 9.35 -20.17
CA TYR F 187 -4.95 8.87 -18.92
C TYR F 187 -5.56 7.49 -19.15
N CYS F 188 -5.18 6.53 -18.32
CA CYS F 188 -5.54 5.13 -18.51
C CYS F 188 -6.32 4.63 -17.31
N ALA F 189 -7.23 3.70 -17.58
CA ALA F 189 -8.08 3.15 -16.52
C ALA F 189 -7.34 2.04 -15.77
N PRO F 190 -7.46 1.99 -14.45
CA PRO F 190 -6.86 0.90 -13.68
C PRO F 190 -7.73 -0.35 -13.76
N ALA F 191 -7.31 -1.38 -13.03
CA ALA F 191 -8.05 -2.64 -13.01
C ALA F 191 -9.43 -2.45 -12.41
N GLY F 192 -10.42 -3.09 -13.01
CA GLY F 192 -11.79 -2.98 -12.58
C GLY F 192 -12.51 -1.74 -13.07
N PHE F 193 -11.87 -0.92 -13.90
CA PHE F 193 -12.46 0.30 -14.41
C PHE F 193 -12.25 0.36 -15.91
N ALA F 194 -13.12 1.11 -16.59
CA ALA F 194 -13.04 1.29 -18.03
C ALA F 194 -13.29 2.74 -18.38
N ILE F 195 -12.75 3.17 -19.51
CA ILE F 195 -12.96 4.49 -20.05
C ILE F 195 -13.82 4.35 -21.30
N LEU F 196 -14.96 5.02 -21.32
CA LEU F 196 -15.87 4.99 -22.46
C LEU F 196 -15.73 6.29 -23.25
N LYS F 197 -15.54 6.15 -24.56
CA LYS F 197 -15.35 7.28 -25.46
C LYS F 197 -16.60 7.46 -26.31
N CYS F 198 -17.12 8.68 -26.34
CA CYS F 198 -18.28 9.01 -27.17
C CYS F 198 -17.78 9.31 -28.58
N LYS F 199 -18.11 8.43 -29.52
CA LYS F 199 -17.66 8.56 -30.90
C LYS F 199 -18.61 9.37 -31.76
N ASP F 200 -19.70 9.88 -31.20
CA ASP F 200 -20.60 10.73 -31.96
C ASP F 200 -19.90 12.03 -32.31
N LYS F 201 -19.97 12.41 -33.59
CA LYS F 201 -19.27 13.58 -34.08
C LYS F 201 -20.05 14.87 -33.92
N LYS F 202 -21.31 14.79 -33.50
CA LYS F 202 -22.14 15.96 -33.21
C LYS F 202 -22.58 15.97 -31.75
N PHE F 203 -21.78 15.38 -30.87
CA PHE F 203 -22.11 15.33 -29.46
C PHE F 203 -21.88 16.70 -28.84
N ASN F 204 -22.89 17.21 -28.14
CA ASN F 204 -22.84 18.53 -27.53
C ASN F 204 -22.37 18.48 -26.08
N GLY F 205 -21.73 17.38 -25.67
CA GLY F 205 -21.10 17.29 -24.37
C GLY F 205 -21.97 16.70 -23.27
N THR F 206 -23.28 16.64 -23.47
CA THR F 206 -24.18 16.12 -22.45
C THR F 206 -25.30 15.34 -23.12
N GLY F 207 -25.91 14.43 -22.36
CA GLY F 207 -26.99 13.62 -22.86
C GLY F 207 -26.51 12.29 -23.40
N PRO F 208 -27.44 11.50 -23.92
CA PRO F 208 -27.06 10.17 -24.43
C PRO F 208 -26.12 10.26 -25.62
N CYS F 209 -25.24 9.27 -25.71
CA CYS F 209 -24.29 9.14 -26.82
C CYS F 209 -24.56 7.80 -27.52
N PRO F 210 -25.26 7.80 -28.66
CA PRO F 210 -25.61 6.51 -29.28
C PRO F 210 -24.41 5.66 -29.67
N SER F 211 -23.31 6.27 -30.07
CA SER F 211 -22.12 5.55 -30.51
C SER F 211 -21.06 5.63 -29.41
N VAL F 212 -20.72 4.48 -28.84
CA VAL F 212 -19.81 4.41 -27.71
C VAL F 212 -18.74 3.37 -27.99
N SER F 213 -17.57 3.58 -27.39
CA SER F 213 -16.46 2.63 -27.48
C SER F 213 -15.68 2.69 -26.17
N THR F 214 -14.95 1.62 -25.90
CA THR F 214 -14.13 1.52 -24.70
C THR F 214 -12.66 1.54 -25.10
N VAL F 215 -11.87 2.34 -24.40
CA VAL F 215 -10.46 2.53 -24.70
C VAL F 215 -9.64 2.33 -23.43
N GLN F 216 -8.42 1.81 -23.60
CA GLN F 216 -7.54 1.64 -22.46
C GLN F 216 -7.02 2.98 -21.96
N CYS F 217 -6.69 3.88 -22.87
CA CYS F 217 -6.17 5.20 -22.52
C CYS F 217 -6.78 6.25 -23.42
N THR F 218 -6.85 7.47 -22.92
CA THR F 218 -7.34 8.59 -23.71
C THR F 218 -6.27 9.02 -24.72
N HIS F 219 -6.70 9.81 -25.70
CA HIS F 219 -5.76 10.37 -26.66
C HIS F 219 -4.82 11.33 -25.95
N GLY F 220 -3.62 11.48 -26.51
CA GLY F 220 -2.63 12.37 -25.93
C GLY F 220 -3.14 13.80 -25.84
N ILE F 221 -3.30 14.28 -24.61
CA ILE F 221 -3.82 15.63 -24.36
C ILE F 221 -2.66 16.49 -23.89
N LYS F 222 -2.38 17.55 -24.63
CA LYS F 222 -1.30 18.45 -24.27
C LYS F 222 -1.79 19.48 -23.25
N PRO F 223 -1.14 19.60 -22.08
CA PRO F 223 -1.61 20.58 -21.09
C PRO F 223 -1.26 22.00 -21.48
N VAL F 224 -1.97 22.55 -22.46
CA VAL F 224 -1.73 23.91 -22.92
C VAL F 224 -2.49 24.87 -22.01
N VAL F 225 -1.76 25.81 -21.40
CA VAL F 225 -2.33 26.79 -20.49
C VAL F 225 -2.52 28.09 -21.26
N SER F 226 -3.77 28.54 -21.37
CA SER F 226 -4.07 29.78 -22.08
C SER F 226 -5.46 30.23 -21.69
N THR F 227 -5.76 31.49 -22.03
CA THR F 227 -7.05 32.09 -21.73
C THR F 227 -7.62 32.76 -22.98
N GLN F 228 -8.94 32.70 -23.09
CA GLN F 228 -9.69 33.38 -24.16
C GLN F 228 -9.51 32.70 -25.51
N LEU F 229 -8.62 31.72 -25.59
CA LEU F 229 -8.32 31.08 -26.87
C LEU F 229 -7.69 29.73 -26.58
N LEU F 230 -8.31 28.65 -27.06
CA LEU F 230 -7.76 27.32 -26.89
C LEU F 230 -6.77 27.04 -28.01
N LEU F 231 -5.54 26.71 -27.63
CA LEU F 231 -4.44 26.56 -28.57
C LEU F 231 -3.99 25.11 -28.64
N ASN F 232 -3.66 24.66 -29.86
CA ASN F 232 -3.03 23.37 -30.07
C ASN F 232 -3.90 22.22 -29.56
N GLY F 233 -5.22 22.40 -29.59
CA GLY F 233 -6.16 21.40 -29.13
C GLY F 233 -6.71 20.57 -30.27
N SER F 234 -7.80 19.87 -29.99
CA SER F 234 -8.47 19.04 -30.97
C SER F 234 -9.53 19.85 -31.71
N LEU F 235 -9.84 19.41 -32.92
CA LEU F 235 -10.76 20.11 -33.81
C LEU F 235 -12.02 19.28 -34.01
N ALA F 236 -13.16 19.95 -34.09
CA ALA F 236 -14.41 19.26 -34.38
C ALA F 236 -14.35 18.65 -35.77
N GLU F 237 -14.89 17.44 -35.90
CA GLU F 237 -14.77 16.69 -37.14
C GLU F 237 -15.69 17.24 -38.24
N GLU F 238 -16.88 17.70 -37.88
CA GLU F 238 -17.88 18.08 -38.86
C GLU F 238 -18.18 19.58 -38.83
N GLU F 239 -18.58 20.12 -37.69
CA GLU F 239 -19.02 21.51 -37.59
C GLU F 239 -18.47 22.13 -36.32
N VAL F 240 -18.57 23.45 -36.24
CA VAL F 240 -18.22 24.17 -35.02
C VAL F 240 -19.20 23.79 -33.92
N MET F 241 -18.66 23.43 -32.76
CA MET F 241 -19.46 22.93 -31.64
C MET F 241 -19.53 24.00 -30.56
N ILE F 242 -20.75 24.36 -30.16
CA ILE F 242 -20.99 25.25 -29.04
C ILE F 242 -21.46 24.39 -27.87
N ARG F 243 -20.74 24.46 -26.75
CA ARG F 243 -21.02 23.63 -25.59
C ARG F 243 -21.10 24.50 -24.35
N SER F 244 -22.16 24.31 -23.58
CA SER F 244 -22.36 25.06 -22.34
C SER F 244 -23.17 24.20 -21.38
N GLU F 245 -22.87 24.34 -20.09
CA GLU F 245 -23.63 23.61 -19.08
C GLU F 245 -25.10 24.00 -19.12
N ASN F 246 -25.38 25.30 -19.26
CA ASN F 246 -26.74 25.79 -19.39
C ASN F 246 -26.69 27.02 -20.29
N ILE F 247 -27.01 26.82 -21.57
CA ILE F 247 -26.85 27.89 -22.55
C ILE F 247 -27.69 29.10 -22.17
N THR F 248 -28.89 28.87 -21.63
CA THR F 248 -29.74 29.99 -21.22
C THR F 248 -29.10 30.79 -20.09
N ASN F 249 -28.40 30.12 -19.18
CA ASN F 249 -27.75 30.79 -18.07
C ASN F 249 -26.49 31.50 -18.56
N ASN F 250 -26.45 32.82 -18.41
CA ASN F 250 -25.30 33.59 -18.87
C ASN F 250 -24.10 33.44 -17.96
N ALA F 251 -24.30 32.97 -16.72
CA ALA F 251 -23.18 32.78 -15.80
C ALA F 251 -22.30 31.61 -16.19
N LYS F 252 -22.72 30.80 -17.15
CA LYS F 252 -21.96 29.63 -17.59
C LYS F 252 -21.14 29.98 -18.82
N ASN F 253 -19.87 29.59 -18.82
CA ASN F 253 -19.01 29.83 -19.96
C ASN F 253 -19.43 28.96 -21.13
N ILE F 254 -19.25 29.49 -22.34
CA ILE F 254 -19.54 28.79 -23.58
C ILE F 254 -18.23 28.33 -24.18
N LEU F 255 -18.09 27.03 -24.40
CA LEU F 255 -16.89 26.46 -24.99
C LEU F 255 -17.14 26.25 -26.48
N VAL F 256 -16.32 26.88 -27.32
CA VAL F 256 -16.44 26.80 -28.76
C VAL F 256 -15.28 25.98 -29.30
N GLN F 257 -15.60 25.01 -30.17
CA GLN F 257 -14.60 24.16 -30.80
C GLN F 257 -14.65 24.37 -32.31
N PHE F 258 -13.51 24.68 -32.90
CA PHE F 258 -13.45 24.92 -34.34
C PHE F 258 -13.28 23.60 -35.09
N ASN F 259 -13.82 23.56 -36.30
CA ASN F 259 -13.59 22.45 -37.21
C ASN F 259 -12.32 22.61 -38.01
N THR F 260 -11.87 23.85 -38.23
CA THR F 260 -10.61 24.15 -38.88
C THR F 260 -9.82 25.12 -38.01
N PRO F 261 -8.51 24.97 -37.94
CA PRO F 261 -7.71 25.83 -37.06
C PRO F 261 -7.46 27.20 -37.67
N VAL F 262 -7.19 28.15 -36.78
CA VAL F 262 -6.78 29.50 -37.16
C VAL F 262 -5.36 29.70 -36.67
N GLN F 263 -4.45 29.95 -37.60
CA GLN F 263 -3.05 30.10 -37.26
C GLN F 263 -2.79 31.45 -36.60
N ILE F 264 -2.05 31.44 -35.50
CA ILE F 264 -1.67 32.65 -34.78
C ILE F 264 -0.15 32.66 -34.65
N ASN F 265 0.46 33.76 -35.08
CA ASN F 265 1.91 33.92 -35.09
C ASN F 265 2.28 34.96 -34.04
N CYS F 266 2.97 34.51 -32.99
CA CYS F 266 3.40 35.37 -31.90
C CYS F 266 4.92 35.43 -31.87
N THR F 267 5.45 36.63 -31.60
CA THR F 267 6.89 36.83 -31.56
C THR F 267 7.22 37.87 -30.50
N ARG F 268 8.44 37.77 -29.96
CA ARG F 268 9.04 38.79 -29.12
C ARG F 268 10.26 39.32 -29.87
N PRO F 269 10.13 40.40 -30.64
CA PRO F 269 11.21 40.78 -31.57
C PRO F 269 12.47 41.28 -30.90
N ASN F 270 12.48 41.44 -29.58
CA ASN F 270 13.66 41.94 -28.90
C ASN F 270 14.71 40.84 -28.80
N ASN F 271 15.95 41.21 -29.11
CA ASN F 271 17.09 40.29 -29.00
C ASN F 271 17.60 40.38 -27.57
N ASN F 272 17.02 39.55 -26.70
CA ASN F 272 17.30 39.60 -25.28
C ASN F 272 18.67 39.01 -24.97
N THR F 273 19.27 39.50 -23.89
CA THR F 273 20.54 39.01 -23.39
C THR F 273 20.37 38.57 -21.94
N ARG F 274 20.83 37.37 -21.62
CA ARG F 274 20.73 36.85 -20.27
C ARG F 274 22.03 37.08 -19.52
N LYS F 275 21.89 37.30 -18.21
CA LYS F 275 23.02 37.62 -17.34
C LYS F 275 22.89 36.82 -16.06
N SER F 276 23.94 36.09 -15.70
CA SER F 276 23.94 35.27 -14.50
C SER F 276 24.57 36.04 -13.35
N ILE F 277 23.85 36.12 -12.23
CA ILE F 277 24.31 36.80 -11.04
C ILE F 277 24.30 35.80 -9.90
N ARG F 278 25.43 35.67 -9.21
CA ARG F 278 25.58 34.68 -8.15
C ARG F 278 24.92 35.21 -6.89
N ILE F 279 23.79 34.61 -6.52
CA ILE F 279 23.04 35.07 -5.36
C ILE F 279 23.61 34.48 -4.08
N GLY F 280 24.20 33.29 -4.16
CA GLY F 280 24.74 32.61 -3.01
C GLY F 280 25.48 31.36 -3.42
N PRO F 281 25.82 30.51 -2.46
CA PRO F 281 26.48 29.25 -2.81
C PRO F 281 25.60 28.36 -3.66
N GLY F 282 25.96 28.19 -4.92
CA GLY F 282 25.16 27.40 -5.83
C GLY F 282 23.85 28.04 -6.25
N GLN F 283 23.66 29.33 -5.96
CA GLN F 283 22.44 30.04 -6.32
C GLN F 283 22.76 31.10 -7.36
N ALA F 284 22.03 31.08 -8.46
CA ALA F 284 22.22 32.02 -9.55
C ALA F 284 20.89 32.68 -9.91
N PHE F 285 20.93 33.99 -10.09
CA PHE F 285 19.78 34.76 -10.56
C PHE F 285 20.05 35.21 -11.99
N TYR F 286 19.15 34.87 -12.90
CA TYR F 286 19.33 35.15 -14.32
C TYR F 286 18.64 36.47 -14.64
N ALA F 287 19.44 37.52 -14.75
CA ALA F 287 18.95 38.86 -15.03
C ALA F 287 18.89 39.10 -16.53
N THR F 288 18.28 40.22 -16.91
CA THR F 288 18.18 40.63 -18.30
C THR F 288 19.18 41.75 -18.56
N GLY F 289 20.12 41.49 -19.45
CA GLY F 289 21.11 42.49 -19.83
C GLY F 289 20.57 43.42 -20.91
N ASP F 290 21.48 44.16 -21.52
CA ASP F 290 21.10 45.09 -22.57
C ASP F 290 20.49 44.34 -23.75
N ILE F 291 19.48 44.96 -24.36
CA ILE F 291 18.83 44.42 -25.54
C ILE F 291 19.65 44.82 -26.76
N ILE F 292 20.02 43.84 -27.57
CA ILE F 292 20.84 44.09 -28.74
C ILE F 292 19.94 44.55 -29.88
N GLY F 293 20.06 45.81 -30.25
CA GLY F 293 19.28 46.37 -31.34
C GLY F 293 18.11 47.21 -30.85
N ASP F 294 17.12 47.34 -31.72
CA ASP F 294 15.94 48.12 -31.42
C ASP F 294 15.04 47.38 -30.43
N ILE F 295 14.24 48.15 -29.71
CA ILE F 295 13.27 47.62 -28.75
C ILE F 295 11.88 47.85 -29.34
N ARG F 296 11.15 46.75 -29.53
CA ARG F 296 9.84 46.80 -30.18
C ARG F 296 8.86 45.94 -29.41
N GLN F 297 7.57 46.24 -29.60
CA GLN F 297 6.52 45.56 -28.86
C GLN F 297 6.33 44.14 -29.36
N ALA F 298 6.08 43.22 -28.42
CA ALA F 298 5.65 41.88 -28.77
C ALA F 298 4.21 41.91 -29.27
N HIS F 299 3.90 41.00 -30.17
CA HIS F 299 2.59 41.00 -30.82
C HIS F 299 2.30 39.61 -31.38
N CYS F 300 1.03 39.40 -31.73
CA CYS F 300 0.58 38.19 -32.39
C CYS F 300 -0.20 38.56 -33.65
N ASN F 301 -0.09 37.72 -34.68
CA ASN F 301 -0.75 37.94 -35.95
C ASN F 301 -1.69 36.79 -36.25
N VAL F 302 -2.89 37.12 -36.72
CA VAL F 302 -3.81 36.14 -37.28
C VAL F 302 -4.36 36.71 -38.59
N SER F 303 -4.74 35.82 -39.49
CA SER F 303 -5.28 36.23 -40.78
C SER F 303 -6.65 36.87 -40.59
N LYS F 304 -6.83 38.04 -41.19
CA LYS F 304 -8.11 38.75 -41.07
C LYS F 304 -9.24 37.93 -41.70
N ALA F 305 -9.03 37.43 -42.91
CA ALA F 305 -10.07 36.68 -43.61
C ALA F 305 -10.41 35.39 -42.88
N THR F 306 -9.39 34.66 -42.42
CA THR F 306 -9.63 33.41 -41.71
C THR F 306 -10.41 33.65 -40.43
N TRP F 307 -10.03 34.68 -39.67
CA TRP F 307 -10.74 34.99 -38.43
C TRP F 307 -12.19 35.40 -38.73
N ASN F 308 -12.40 36.19 -39.78
CA ASN F 308 -13.75 36.59 -40.13
C ASN F 308 -14.60 35.37 -40.50
N GLU F 309 -14.03 34.45 -41.28
CA GLU F 309 -14.77 33.25 -41.67
C GLU F 309 -15.11 32.42 -40.44
N THR F 310 -14.14 32.24 -39.53
CA THR F 310 -14.40 31.45 -38.33
C THR F 310 -15.46 32.10 -37.47
N LEU F 311 -15.41 33.43 -37.33
CA LEU F 311 -16.43 34.12 -36.54
C LEU F 311 -17.80 33.99 -37.19
N GLY F 312 -17.87 34.05 -38.52
CA GLY F 312 -19.13 33.81 -39.19
C GLY F 312 -19.67 32.43 -38.90
N LYS F 313 -18.80 31.43 -38.90
CA LYS F 313 -19.23 30.06 -38.62
C LYS F 313 -19.75 29.93 -37.19
N VAL F 314 -19.00 30.45 -36.21
CA VAL F 314 -19.46 30.34 -34.82
C VAL F 314 -20.76 31.11 -34.64
N VAL F 315 -20.92 32.24 -35.33
CA VAL F 315 -22.17 32.98 -35.26
C VAL F 315 -23.31 32.14 -35.83
N LYS F 316 -23.06 31.46 -36.94
CA LYS F 316 -24.06 30.58 -37.52
C LYS F 316 -24.49 29.51 -36.52
N GLN F 317 -23.53 28.94 -35.79
CA GLN F 317 -23.88 27.89 -34.84
C GLN F 317 -24.54 28.45 -33.59
N LEU F 318 -24.24 29.70 -33.22
CA LEU F 318 -24.84 30.29 -32.03
C LEU F 318 -26.29 30.68 -32.28
N ARG F 319 -26.63 31.07 -33.51
CA ARG F 319 -27.98 31.45 -33.83
C ARG F 319 -28.97 30.30 -33.65
N LYS F 320 -28.47 29.06 -33.70
CA LYS F 320 -29.34 27.91 -33.42
C LYS F 320 -29.83 27.92 -31.98
N HIS F 321 -29.11 28.56 -31.07
CA HIS F 321 -29.50 28.65 -29.67
C HIS F 321 -30.16 29.97 -29.32
N PHE F 322 -29.97 31.03 -30.11
CA PHE F 322 -30.52 32.34 -29.77
C PHE F 322 -31.43 32.89 -30.86
N GLY F 323 -31.97 32.05 -31.72
CA GLY F 323 -32.93 32.52 -32.71
C GLY F 323 -32.26 33.06 -33.95
N ASN F 324 -32.99 32.95 -35.08
CA ASN F 324 -32.40 33.30 -36.36
C ASN F 324 -32.24 34.82 -36.51
N ASN F 325 -33.26 35.59 -36.13
CA ASN F 325 -33.27 37.04 -36.31
C ASN F 325 -32.69 37.75 -35.09
N THR F 326 -31.49 37.34 -34.70
CA THR F 326 -30.82 37.89 -33.52
C THR F 326 -29.51 38.52 -33.92
N ILE F 327 -29.21 39.67 -33.32
CA ILE F 327 -27.95 40.37 -33.52
C ILE F 327 -26.93 39.78 -32.56
N ILE F 328 -25.87 39.18 -33.10
CA ILE F 328 -24.80 38.60 -32.31
C ILE F 328 -23.62 39.55 -32.34
N ARG F 329 -23.21 40.01 -31.16
CA ARG F 329 -22.13 40.97 -31.01
C ARG F 329 -20.94 40.34 -30.31
N PHE F 330 -19.74 40.74 -30.70
CA PHE F 330 -18.51 40.33 -30.06
C PHE F 330 -17.82 41.56 -29.48
N ALA F 331 -17.47 41.48 -28.20
CA ALA F 331 -16.82 42.58 -27.49
C ALA F 331 -15.69 42.02 -26.65
N ASN F 332 -14.74 42.90 -26.31
CA ASN F 332 -13.60 42.49 -25.52
C ASN F 332 -13.99 42.31 -24.06
N SER F 333 -13.04 41.82 -23.28
CA SER F 333 -13.33 41.47 -21.88
C SER F 333 -13.80 42.69 -21.11
N SER F 334 -14.77 42.47 -20.21
CA SER F 334 -15.28 43.55 -19.39
C SER F 334 -14.20 44.09 -18.47
N GLY F 335 -13.43 43.21 -17.85
CA GLY F 335 -12.38 43.63 -16.94
C GLY F 335 -11.96 42.49 -16.03
N GLY F 336 -11.01 42.81 -15.16
CA GLY F 336 -10.44 41.86 -14.22
C GLY F 336 -8.94 41.95 -14.24
N ASP F 337 -8.30 40.91 -13.69
CA ASP F 337 -6.85 40.86 -13.70
C ASP F 337 -6.32 40.63 -15.11
N LEU F 338 -5.04 40.94 -15.31
CA LEU F 338 -4.46 40.87 -16.64
C LEU F 338 -4.58 39.48 -17.24
N GLU F 339 -4.61 38.45 -16.40
CA GLU F 339 -4.66 37.08 -16.93
C GLU F 339 -5.94 36.81 -17.69
N VAL F 340 -7.07 37.30 -17.19
CA VAL F 340 -8.36 36.96 -17.78
C VAL F 340 -8.77 37.96 -18.87
N THR F 341 -8.37 39.22 -18.74
CA THR F 341 -8.72 40.24 -19.74
C THR F 341 -7.87 40.16 -20.99
N THR F 342 -6.85 39.31 -21.01
CA THR F 342 -5.96 39.17 -22.14
C THR F 342 -5.78 37.70 -22.48
N HIS F 343 -5.39 37.44 -23.72
CA HIS F 343 -5.09 36.08 -24.16
C HIS F 343 -3.72 35.71 -23.59
N SER F 344 -3.72 35.02 -22.45
CA SER F 344 -2.49 34.60 -21.81
C SER F 344 -2.02 33.28 -22.40
N PHE F 345 -0.70 33.11 -22.46
CA PHE F 345 -0.11 31.87 -22.94
C PHE F 345 1.41 31.97 -22.76
N ASN F 346 2.07 30.83 -22.90
CA ASN F 346 3.52 30.74 -22.83
C ASN F 346 4.06 30.40 -24.21
N CYS F 347 4.99 31.21 -24.70
CA CYS F 347 5.55 31.06 -26.04
C CYS F 347 7.05 30.87 -25.91
N GLY F 348 7.47 29.60 -25.94
CA GLY F 348 8.89 29.29 -25.86
C GLY F 348 9.54 29.70 -24.55
N GLY F 349 8.80 29.59 -23.44
CA GLY F 349 9.31 29.96 -22.15
C GLY F 349 9.03 31.39 -21.73
N GLU F 350 8.57 32.24 -22.66
CA GLU F 350 8.16 33.60 -22.34
C GLU F 350 6.64 33.66 -22.22
N PHE F 351 6.17 34.40 -21.23
CA PHE F 351 4.74 34.48 -20.93
C PHE F 351 4.17 35.73 -21.57
N PHE F 352 3.16 35.55 -22.42
CA PHE F 352 2.54 36.63 -23.16
C PHE F 352 1.19 37.00 -22.55
N TYR F 353 0.80 38.26 -22.72
CA TYR F 353 -0.50 38.77 -22.29
C TYR F 353 -0.99 39.68 -23.40
N CYS F 354 -1.79 39.14 -24.31
CA CYS F 354 -2.14 39.80 -25.55
C CYS F 354 -3.52 40.42 -25.48
N ASN F 355 -3.63 41.63 -26.03
CA ASN F 355 -4.86 42.40 -26.04
C ASN F 355 -5.67 42.00 -27.27
N THR F 356 -6.73 41.20 -27.04
CA THR F 356 -7.53 40.64 -28.12
C THR F 356 -8.73 41.52 -28.49
N SER F 357 -8.64 42.84 -28.26
CA SER F 357 -9.74 43.72 -28.59
C SER F 357 -10.04 43.74 -30.08
N GLY F 358 -9.06 43.41 -30.93
CA GLY F 358 -9.28 43.37 -32.35
C GLY F 358 -9.87 42.07 -32.86
N LEU F 359 -9.81 41.02 -32.05
CA LEU F 359 -10.37 39.72 -32.43
C LEU F 359 -11.86 39.65 -32.18
N PHE F 360 -12.37 40.45 -31.25
CA PHE F 360 -13.74 40.35 -30.77
C PHE F 360 -14.44 41.69 -30.93
N ASN F 361 -14.35 42.26 -32.12
CA ASN F 361 -14.83 43.60 -32.44
C ASN F 361 -15.70 43.48 -33.70
N SER F 362 -16.97 43.14 -33.53
CA SER F 362 -17.84 42.90 -34.67
C SER F 362 -19.27 42.76 -34.19
N THR F 363 -20.20 43.18 -35.07
CA THR F 363 -21.62 42.94 -34.88
C THR F 363 -22.15 42.27 -36.14
N TRP F 364 -22.92 41.20 -35.96
CA TRP F 364 -23.38 40.38 -37.07
C TRP F 364 -24.89 40.53 -37.22
N ILE F 365 -25.33 40.88 -38.43
CA ILE F 365 -26.73 41.14 -38.69
C ILE F 365 -27.41 39.84 -39.09
N SER F 366 -28.74 39.81 -38.95
CA SER F 366 -29.49 38.57 -39.06
C SER F 366 -29.43 37.96 -40.46
N ASN F 367 -29.17 38.76 -41.48
CA ASN F 367 -29.18 38.26 -42.86
C ASN F 367 -28.23 37.07 -43.02
N ASN F 379 -4.89 39.05 -47.79
CA ASN F 379 -3.56 38.80 -47.26
C ASN F 379 -3.29 39.61 -46.00
N ASP F 380 -4.24 40.45 -45.62
CA ASP F 380 -4.09 41.26 -44.42
C ASP F 380 -4.13 40.39 -43.18
N SER F 381 -3.59 40.93 -42.09
CA SER F 381 -3.53 40.23 -40.82
C SER F 381 -3.92 41.19 -39.69
N ILE F 382 -4.40 40.62 -38.61
CA ILE F 382 -4.78 41.36 -37.41
C ILE F 382 -3.62 41.27 -36.43
N THR F 383 -2.97 42.39 -36.17
CA THR F 383 -1.87 42.47 -35.22
C THR F 383 -2.40 42.96 -33.88
N LEU F 384 -2.36 42.10 -32.87
CA LEU F 384 -2.84 42.43 -31.54
C LEU F 384 -1.66 42.53 -30.60
N PRO F 385 -1.42 43.68 -29.96
CA PRO F 385 -0.21 43.84 -29.15
C PRO F 385 -0.22 42.94 -27.93
N CYS F 386 0.97 42.59 -27.47
CA CYS F 386 1.16 41.70 -26.34
C CYS F 386 2.15 42.31 -25.35
N ARG F 387 1.96 41.97 -24.08
CA ARG F 387 2.83 42.42 -23.00
C ARG F 387 3.48 41.21 -22.35
N ILE F 388 4.71 41.39 -21.88
CA ILE F 388 5.49 40.32 -21.29
C ILE F 388 5.58 40.55 -19.79
N LYS F 389 5.54 39.46 -19.03
CA LYS F 389 5.72 39.48 -17.60
C LYS F 389 6.69 38.37 -17.21
N GLN F 390 7.38 38.57 -16.08
CA GLN F 390 8.29 37.59 -15.55
C GLN F 390 7.88 37.02 -14.19
N ILE F 391 6.98 37.70 -13.48
CA ILE F 391 6.42 37.19 -12.24
C ILE F 391 5.06 36.60 -12.58
N ILE F 392 4.91 35.30 -12.39
CA ILE F 392 3.74 34.55 -12.87
C ILE F 392 3.01 33.96 -11.68
N ASN F 393 1.69 34.16 -11.65
CA ASN F 393 0.80 33.57 -10.64
C ASN F 393 -0.11 32.60 -11.37
N MET F 394 0.29 31.33 -11.41
CA MET F 394 -0.43 30.32 -12.15
C MET F 394 -1.57 29.74 -11.31
N TRP F 395 -2.54 29.15 -12.00
CA TRP F 395 -3.63 28.41 -11.38
C TRP F 395 -4.49 29.29 -10.49
N GLN F 396 -4.49 30.59 -10.71
CA GLN F 396 -5.28 31.54 -9.92
C GLN F 396 -4.93 31.48 -8.45
N ARG F 397 -3.74 30.98 -8.11
CA ARG F 397 -3.32 30.89 -6.73
C ARG F 397 -2.69 32.21 -6.28
N ILE F 398 -2.63 32.38 -4.95
CA ILE F 398 -2.02 33.56 -4.33
C ILE F 398 -1.01 33.07 -3.32
N GLY F 399 0.18 33.68 -3.33
CA GLY F 399 1.25 33.33 -2.42
C GLY F 399 2.30 32.40 -3.00
N GLN F 400 2.07 31.87 -4.21
CA GLN F 400 3.02 30.99 -4.88
C GLN F 400 3.28 31.59 -6.27
N CYS F 401 4.25 32.50 -6.34
CA CYS F 401 4.61 33.15 -7.58
C CYS F 401 5.91 32.54 -8.13
N MET F 402 6.03 32.57 -9.45
CA MET F 402 7.18 32.02 -10.14
C MET F 402 7.82 33.11 -11.00
N TYR F 403 9.15 33.17 -10.98
CA TYR F 403 9.90 34.11 -11.79
C TYR F 403 10.41 33.38 -13.02
N ALA F 404 10.05 33.88 -14.20
CA ALA F 404 10.46 33.27 -15.46
C ALA F 404 11.79 33.85 -15.89
N PRO F 405 12.86 33.06 -16.01
CA PRO F 405 14.13 33.62 -16.45
C PRO F 405 14.01 34.16 -17.86
N PRO F 406 14.77 35.20 -18.19
CA PRO F 406 14.78 35.69 -19.57
C PRO F 406 15.37 34.67 -20.52
N ILE F 407 15.01 34.81 -21.79
CA ILE F 407 15.44 33.89 -22.83
C ILE F 407 16.19 34.69 -23.88
N GLN F 408 17.40 34.23 -24.21
CA GLN F 408 18.24 34.95 -25.15
C GLN F 408 17.70 34.83 -26.57
N GLY F 409 17.94 35.88 -27.36
CA GLY F 409 17.53 35.87 -28.75
C GLY F 409 16.09 36.33 -28.94
N VAL F 410 15.57 36.02 -30.12
CA VAL F 410 14.23 36.42 -30.53
C VAL F 410 13.30 35.22 -30.37
N ILE F 411 12.14 35.47 -29.79
CA ILE F 411 11.13 34.43 -29.56
C ILE F 411 10.12 34.47 -30.70
N ARG F 412 9.77 33.29 -31.21
CA ARG F 412 8.75 33.17 -32.24
C ARG F 412 8.09 31.81 -32.12
N CYS F 413 6.76 31.79 -32.13
CA CYS F 413 6.00 30.56 -32.06
C CYS F 413 4.77 30.67 -32.95
N VAL F 414 4.33 29.53 -33.47
CA VAL F 414 3.14 29.43 -34.29
C VAL F 414 2.23 28.37 -33.70
N SER F 415 0.95 28.72 -33.53
CA SER F 415 -0.02 27.84 -32.89
C SER F 415 -1.32 27.87 -33.69
N ASN F 416 -2.21 26.95 -33.35
CA ASN F 416 -3.55 26.88 -33.91
C ASN F 416 -4.56 27.30 -32.85
N ILE F 417 -5.46 28.21 -33.22
CA ILE F 417 -6.60 28.53 -32.36
C ILE F 417 -7.70 27.51 -32.66
N THR F 418 -7.87 26.54 -31.77
CA THR F 418 -8.81 25.44 -31.97
C THR F 418 -10.14 25.66 -31.26
N GLY F 419 -10.32 26.79 -30.57
CA GLY F 419 -11.56 27.02 -29.86
C GLY F 419 -11.52 28.33 -29.11
N LEU F 420 -12.64 28.61 -28.43
CA LEU F 420 -12.80 29.84 -27.67
C LEU F 420 -13.47 29.52 -26.35
N ILE F 421 -13.31 30.44 -25.40
CA ILE F 421 -14.07 30.46 -24.16
C ILE F 421 -14.81 31.79 -24.12
N LEU F 422 -16.12 31.76 -24.22
CA LEU F 422 -16.93 32.96 -24.34
C LEU F 422 -17.84 33.11 -23.13
N THR F 423 -18.33 34.34 -22.95
CA THR F 423 -19.28 34.67 -21.89
C THR F 423 -20.32 35.61 -22.47
N ARG F 424 -21.59 35.31 -22.19
CA ARG F 424 -22.70 36.12 -22.68
C ARG F 424 -23.15 37.10 -21.61
N ASP F 425 -23.51 38.30 -22.04
CA ASP F 425 -23.96 39.34 -21.12
C ASP F 425 -25.46 39.22 -20.88
N GLY F 426 -25.88 39.52 -19.66
CA GLY F 426 -27.28 39.46 -19.31
C GLY F 426 -28.04 40.62 -19.91
N GLY F 427 -28.96 40.33 -20.81
CA GLY F 427 -29.77 41.35 -21.46
C GLY F 427 -31.13 41.48 -20.81
N SER F 428 -31.67 42.70 -20.87
CA SER F 428 -32.98 42.98 -20.30
C SER F 428 -34.06 42.54 -21.27
N THR F 429 -34.94 41.66 -20.81
CA THR F 429 -36.01 41.12 -21.65
C THR F 429 -35.35 40.51 -22.90
N ASN F 430 -36.03 40.58 -24.03
CA ASN F 430 -35.48 40.10 -25.31
C ASN F 430 -35.14 41.33 -26.15
N SER F 431 -33.90 41.77 -26.07
CA SER F 431 -33.42 42.94 -26.81
C SER F 431 -32.92 42.59 -28.20
N THR F 432 -33.28 41.42 -28.73
CA THR F 432 -32.90 40.98 -30.07
C THR F 432 -31.42 41.21 -30.34
N THR F 433 -30.61 41.15 -29.30
CA THR F 433 -29.16 41.29 -29.45
C THR F 433 -28.47 40.53 -28.34
N GLU F 434 -27.47 39.74 -28.70
CA GLU F 434 -26.65 38.99 -27.77
C GLU F 434 -25.19 39.33 -28.00
N THR F 435 -24.50 39.74 -26.94
CA THR F 435 -23.10 40.12 -27.01
C THR F 435 -22.28 39.10 -26.23
N PHE F 436 -21.24 38.57 -26.87
CA PHE F 436 -20.36 37.57 -26.29
C PHE F 436 -18.96 38.14 -26.12
N ARG F 437 -18.34 37.84 -24.98
CA ARG F 437 -17.02 38.34 -24.67
C ARG F 437 -16.10 37.18 -24.31
N PRO F 438 -14.80 37.29 -24.61
CA PRO F 438 -13.87 36.22 -24.26
C PRO F 438 -13.74 36.07 -22.75
N GLY F 439 -13.52 34.82 -22.33
CA GLY F 439 -13.35 34.53 -20.92
C GLY F 439 -12.21 33.59 -20.66
N GLY F 440 -12.21 32.95 -19.49
CA GLY F 440 -11.18 32.01 -19.10
C GLY F 440 -10.70 32.29 -17.70
N GLY F 441 -9.50 31.80 -17.40
CA GLY F 441 -8.92 31.94 -16.08
C GLY F 441 -8.89 30.63 -15.34
N ASP F 442 -9.96 29.85 -15.45
CA ASP F 442 -10.03 28.52 -14.86
C ASP F 442 -9.58 27.50 -15.90
N MET F 443 -8.42 26.89 -15.67
CA MET F 443 -7.89 25.94 -16.64
C MET F 443 -8.71 24.66 -16.73
N ARG F 444 -9.61 24.42 -15.77
CA ARG F 444 -10.46 23.24 -15.85
C ARG F 444 -11.31 23.25 -17.11
N ASP F 445 -11.65 24.45 -17.61
CA ASP F 445 -12.36 24.54 -18.88
C ASP F 445 -11.46 24.16 -20.05
N ASN F 446 -10.15 24.37 -19.92
CA ASN F 446 -9.23 23.98 -20.99
C ASN F 446 -9.14 22.46 -21.08
N TRP F 447 -8.97 21.79 -19.94
CA TRP F 447 -8.98 20.32 -19.95
C TRP F 447 -10.35 19.80 -20.35
N ARG F 448 -11.41 20.46 -19.87
CA ARG F 448 -12.77 20.04 -20.18
C ARG F 448 -13.03 20.04 -21.68
N SER F 449 -12.34 20.89 -22.43
CA SER F 449 -12.50 20.93 -23.87
C SER F 449 -11.90 19.72 -24.58
N GLU F 450 -11.04 18.97 -23.90
CA GLU F 450 -10.41 17.79 -24.46
C GLU F 450 -10.96 16.49 -23.89
N LEU F 451 -11.48 16.51 -22.67
CA LEU F 451 -12.00 15.32 -22.01
C LEU F 451 -13.52 15.21 -22.09
N TYR F 452 -14.15 16.06 -22.91
CA TYR F 452 -15.61 16.06 -22.99
C TYR F 452 -16.16 14.73 -23.48
N LYS F 453 -15.36 13.98 -24.23
CA LYS F 453 -15.81 12.75 -24.88
C LYS F 453 -15.52 11.50 -24.06
N TYR F 454 -15.00 11.65 -22.85
CA TYR F 454 -14.59 10.52 -22.03
C TYR F 454 -15.36 10.48 -20.71
N LYS F 455 -15.52 9.26 -20.19
CA LYS F 455 -16.08 9.06 -18.86
C LYS F 455 -15.48 7.78 -18.29
N VAL F 456 -15.54 7.66 -16.97
CA VAL F 456 -14.99 6.52 -16.24
C VAL F 456 -16.15 5.76 -15.62
N VAL F 457 -16.14 4.44 -15.79
CA VAL F 457 -17.16 3.56 -15.23
C VAL F 457 -16.48 2.43 -14.48
N LYS F 458 -17.17 1.91 -13.48
CA LYS F 458 -16.68 0.79 -12.68
C LYS F 458 -17.42 -0.47 -13.08
N ILE F 459 -16.66 -1.55 -13.29
CA ILE F 459 -17.26 -2.82 -13.68
C ILE F 459 -17.98 -3.43 -12.49
N GLU F 460 -19.09 -4.11 -12.76
CA GLU F 460 -19.88 -4.81 -11.75
C GLU F 460 -19.99 -6.26 -12.21
N PRO F 461 -18.96 -7.07 -11.97
CA PRO F 461 -18.88 -8.38 -12.62
C PRO F 461 -19.89 -9.40 -12.13
N LEU F 462 -20.59 -9.14 -11.03
CA LEU F 462 -21.48 -10.10 -10.43
C LEU F 462 -22.90 -9.91 -10.98
N GLY F 463 -23.47 -11.00 -11.51
CA GLY F 463 -24.80 -10.96 -12.08
C GLY F 463 -25.61 -12.19 -11.76
N VAL F 464 -26.90 -12.01 -11.50
CA VAL F 464 -27.82 -13.10 -11.22
C VAL F 464 -28.96 -13.03 -12.23
N ALA F 465 -29.21 -14.15 -12.91
CA ALA F 465 -30.23 -14.24 -13.92
C ALA F 465 -30.96 -15.56 -13.78
N PRO F 466 -32.21 -15.64 -14.21
CA PRO F 466 -32.90 -16.93 -14.21
C PRO F 466 -32.32 -17.83 -15.29
N THR F 467 -32.00 -19.05 -14.87
CA THR F 467 -31.70 -20.14 -15.79
C THR F 467 -32.46 -21.34 -15.25
N ARG F 468 -32.66 -22.32 -16.15
CA ARG F 468 -33.40 -23.58 -15.86
C ARG F 468 -32.51 -24.61 -15.18
N CYS F 469 -31.47 -24.14 -14.54
CA CYS F 469 -30.58 -24.93 -13.69
C CYS F 469 -31.09 -25.21 -12.30
N LYS F 470 -30.65 -26.34 -11.75
CA LYS F 470 -30.79 -26.60 -10.32
C LYS F 470 -29.56 -27.36 -9.80
N ARG F 471 -29.14 -26.99 -8.59
CA ARG F 471 -27.99 -27.62 -7.95
C ARG F 471 -28.37 -28.95 -7.31
N ARG F 472 -27.37 -29.75 -6.97
CA ARG F 472 -27.62 -31.03 -6.30
C ARG F 472 -27.96 -30.83 -4.83
N VAL F 473 -28.43 -31.91 -4.20
CA VAL F 473 -28.53 -32.01 -2.74
C VAL F 473 -27.48 -33.00 -2.22
N GLN G 1 -54.75 -20.01 16.64
CA GLN G 1 -55.06 -19.85 18.08
C GLN G 1 -53.76 -19.63 18.86
N ALA G 2 -53.12 -18.50 18.62
CA ALA G 2 -51.89 -18.17 19.32
C ALA G 2 -52.21 -17.64 20.71
N GLN G 3 -51.78 -18.38 21.73
CA GLN G 3 -52.02 -17.99 23.11
C GLN G 3 -50.80 -18.34 23.95
N LEU G 4 -50.59 -17.57 25.02
CA LEU G 4 -49.51 -17.79 25.96
C LEU G 4 -50.11 -18.01 27.34
N GLN G 5 -49.79 -19.15 27.95
CA GLN G 5 -50.33 -19.52 29.25
C GLN G 5 -49.19 -19.58 30.27
N GLN G 6 -49.40 -18.93 31.41
CA GLN G 6 -48.43 -18.92 32.50
C GLN G 6 -49.15 -19.16 33.81
N SER G 7 -48.37 -19.53 34.82
CA SER G 7 -48.94 -19.82 36.13
C SER G 7 -49.56 -18.58 36.74
N GLY G 8 -50.60 -18.79 37.55
CA GLY G 8 -51.36 -17.69 38.11
C GLY G 8 -50.68 -16.99 39.27
N THR G 9 -50.42 -17.73 40.35
CA THR G 9 -49.86 -17.14 41.56
C THR G 9 -48.93 -18.13 42.23
N GLU G 10 -47.75 -17.66 42.64
CA GLU G 10 -46.78 -18.47 43.37
C GLU G 10 -46.38 -17.71 44.62
N LEU G 11 -46.52 -18.35 45.78
CA LEU G 11 -46.15 -17.78 47.06
C LEU G 11 -44.94 -18.54 47.59
N VAL G 12 -43.84 -17.82 47.81
CA VAL G 12 -42.60 -18.42 48.28
C VAL G 12 -41.97 -17.50 49.33
N ARG G 13 -40.94 -18.03 50.00
CA ARG G 13 -40.21 -17.32 51.03
C ARG G 13 -39.10 -16.47 50.42
N PRO G 14 -38.72 -15.37 51.06
CA PRO G 14 -37.59 -14.58 50.54
C PRO G 14 -36.29 -15.37 50.56
N GLY G 15 -35.43 -15.08 49.60
CA GLY G 15 -34.18 -15.78 49.47
C GLY G 15 -34.24 -17.09 48.72
N ALA G 16 -35.42 -17.47 48.21
CA ALA G 16 -35.60 -18.70 47.46
C ALA G 16 -35.68 -18.39 45.96
N SER G 17 -35.79 -19.45 45.17
CA SER G 17 -35.88 -19.34 43.72
C SER G 17 -37.20 -19.92 43.24
N VAL G 18 -37.84 -19.21 42.31
CA VAL G 18 -39.13 -19.62 41.75
C VAL G 18 -38.94 -19.90 40.27
N THR G 19 -39.67 -20.91 39.78
CA THR G 19 -39.62 -21.31 38.37
C THR G 19 -40.99 -21.08 37.77
N LEU G 20 -41.11 -20.04 36.94
CA LEU G 20 -42.35 -19.76 36.24
C LEU G 20 -42.36 -20.51 34.92
N SER G 21 -43.36 -20.27 34.09
CA SER G 21 -43.46 -20.92 32.79
C SER G 21 -44.35 -20.08 31.88
N CYS G 22 -44.22 -20.33 30.58
CA CYS G 22 -45.02 -19.63 29.57
C CYS G 22 -45.25 -20.61 28.43
N LYS G 23 -46.40 -21.29 28.46
CA LYS G 23 -46.72 -22.30 27.45
C LYS G 23 -47.10 -21.61 26.15
N ALA G 24 -46.42 -21.99 25.07
CA ALA G 24 -46.72 -21.47 23.73
C ALA G 24 -47.46 -22.56 22.95
N SER G 25 -48.64 -22.22 22.46
CA SER G 25 -49.47 -23.17 21.74
C SER G 25 -50.20 -22.46 20.61
N GLY G 26 -50.58 -23.24 19.60
CA GLY G 26 -51.30 -22.71 18.46
C GLY G 26 -50.47 -22.03 17.41
N TYR G 27 -49.14 -22.02 17.57
CA TYR G 27 -48.27 -21.42 16.56
C TYR G 27 -46.89 -22.05 16.67
N LYS G 28 -46.22 -22.14 15.52
CA LYS G 28 -44.84 -22.62 15.49
C LYS G 28 -44.00 -21.87 16.52
N PHE G 29 -43.41 -22.64 17.44
CA PHE G 29 -42.65 -22.05 18.53
C PHE G 29 -41.40 -21.33 18.04
N ASN G 30 -40.73 -21.90 17.04
CA ASN G 30 -39.41 -21.40 16.66
C ASN G 30 -39.47 -19.96 16.17
N ASP G 31 -40.45 -19.63 15.32
CA ASP G 31 -40.37 -18.40 14.54
C ASP G 31 -40.31 -17.17 15.44
N TYR G 32 -41.08 -17.16 16.53
CA TYR G 32 -41.16 -16.01 17.42
C TYR G 32 -40.24 -16.18 18.62
N GLU G 33 -39.88 -15.05 19.21
CA GLU G 33 -39.06 -15.00 20.42
C GLU G 33 -39.89 -14.44 21.57
N ILE G 34 -39.77 -15.06 22.73
CA ILE G 34 -40.63 -14.77 23.88
C ILE G 34 -39.93 -13.75 24.76
N HIS G 35 -40.61 -12.64 25.02
CA HIS G 35 -40.15 -11.60 25.94
C HIS G 35 -40.99 -11.60 27.20
N TRP G 36 -40.45 -11.00 28.26
CA TRP G 36 -41.13 -10.91 29.54
C TRP G 36 -41.09 -9.48 30.04
N VAL G 37 -42.20 -9.03 30.63
CA VAL G 37 -42.31 -7.69 31.19
C VAL G 37 -43.01 -7.80 32.54
N LYS G 38 -42.49 -7.08 33.53
CA LYS G 38 -43.09 -7.07 34.86
C LYS G 38 -44.10 -5.95 34.97
N GLN G 39 -45.17 -6.21 35.71
CA GLN G 39 -46.25 -5.25 35.93
C GLN G 39 -46.26 -4.88 37.41
N THR G 40 -45.66 -3.74 37.73
CA THR G 40 -45.60 -3.24 39.09
C THR G 40 -46.11 -1.81 39.14
N PRO G 41 -46.73 -1.39 40.25
CA PRO G 41 -47.28 -0.02 40.30
C PRO G 41 -46.27 1.04 40.68
N VAL G 42 -45.11 0.67 41.22
CA VAL G 42 -44.13 1.63 41.70
C VAL G 42 -43.04 1.88 40.66
N HIS G 43 -42.53 0.81 40.02
CA HIS G 43 -41.49 0.94 39.02
C HIS G 43 -42.02 0.95 37.60
N GLY G 44 -43.29 0.60 37.39
CA GLY G 44 -43.85 0.58 36.06
C GLY G 44 -43.45 -0.66 35.28
N LEU G 45 -43.80 -0.64 33.99
CA LEU G 45 -43.48 -1.76 33.12
C LEU G 45 -42.00 -1.74 32.75
N GLU G 46 -41.34 -2.87 32.94
CA GLU G 46 -39.92 -3.01 32.62
C GLU G 46 -39.70 -4.33 31.89
N TRP G 47 -38.74 -4.33 30.96
CA TRP G 47 -38.39 -5.53 30.21
C TRP G 47 -37.27 -6.27 30.94
N ILE G 48 -37.43 -7.58 31.10
CA ILE G 48 -36.46 -8.39 31.83
C ILE G 48 -35.51 -9.07 30.85
N GLY G 49 -36.06 -9.90 29.97
CA GLY G 49 -35.24 -10.64 29.03
C GLY G 49 -36.09 -11.21 27.90
N ALA G 50 -35.40 -11.76 26.91
CA ALA G 50 -36.06 -12.32 25.74
C ALA G 50 -35.20 -13.44 25.18
N ILE G 51 -35.83 -14.57 24.89
CA ILE G 51 -35.14 -15.77 24.41
C ILE G 51 -35.63 -16.10 23.01
N VAL G 52 -34.71 -16.59 22.19
CA VAL G 52 -35.03 -17.18 20.89
C VAL G 52 -34.96 -18.70 21.05
N PRO G 53 -36.09 -19.42 20.89
CA PRO G 53 -36.04 -20.88 21.11
C PRO G 53 -35.08 -21.60 20.17
N GLU G 54 -34.83 -21.06 18.98
CA GLU G 54 -33.99 -21.76 18.01
C GLU G 54 -32.57 -21.93 18.54
N THR G 55 -31.87 -20.82 18.76
CA THR G 55 -30.49 -20.84 19.17
C THR G 55 -30.32 -20.83 20.69
N GLY G 56 -31.39 -20.59 21.44
CA GLY G 56 -31.27 -20.47 22.88
C GLY G 56 -30.65 -19.17 23.35
N PHE G 57 -30.44 -18.22 22.46
CA PHE G 57 -29.84 -16.94 22.84
C PHE G 57 -30.68 -16.27 23.92
N THR G 58 -30.03 -15.80 24.97
CA THR G 58 -30.69 -15.17 26.11
C THR G 58 -30.17 -13.75 26.26
N ALA G 59 -31.06 -12.78 26.04
CA ALA G 59 -30.74 -11.37 26.19
C ALA G 59 -31.42 -10.83 27.45
N TYR G 60 -30.65 -10.12 28.26
CA TYR G 60 -31.13 -9.55 29.51
C TYR G 60 -30.92 -8.04 29.52
N SER G 61 -31.51 -7.41 30.52
CA SER G 61 -31.29 -6.00 30.80
C SER G 61 -30.52 -5.87 32.11
N GLN G 62 -29.68 -4.84 32.18
CA GLN G 62 -28.86 -4.64 33.38
C GLN G 62 -29.69 -4.46 34.63
N LYS G 63 -30.96 -4.08 34.49
CA LYS G 63 -31.82 -3.86 35.65
C LYS G 63 -32.26 -5.16 36.31
N PHE G 64 -32.18 -6.29 35.59
CA PHE G 64 -32.47 -7.58 36.19
C PHE G 64 -31.46 -8.65 35.77
N ARG G 65 -30.27 -8.25 35.33
CA ARG G 65 -29.26 -9.22 34.95
C ARG G 65 -28.79 -10.01 36.17
N GLY G 66 -28.29 -11.22 35.91
CA GLY G 66 -27.81 -12.07 36.98
C GLY G 66 -28.85 -13.07 37.47
N LYS G 67 -29.53 -12.71 38.56
CA LYS G 67 -30.48 -13.64 39.18
C LYS G 67 -31.46 -14.22 38.17
N ALA G 68 -31.93 -13.39 37.23
CA ALA G 68 -32.89 -13.86 36.24
C ALA G 68 -32.23 -14.91 35.34
N LEU G 69 -32.80 -16.11 35.33
CA LEU G 69 -32.32 -17.21 34.50
C LEU G 69 -33.48 -17.72 33.66
N LEU G 70 -33.32 -17.68 32.34
CA LEU G 70 -34.36 -18.05 31.40
C LEU G 70 -33.96 -19.30 30.64
N THR G 71 -34.89 -20.26 30.56
CA THR G 71 -34.65 -21.51 29.85
C THR G 71 -35.91 -21.86 29.06
N ALA G 72 -35.71 -22.62 27.98
CA ALA G 72 -36.80 -23.01 27.10
C ALA G 72 -36.62 -24.45 26.67
N ASP G 73 -37.73 -25.10 26.33
CA ASP G 73 -37.74 -26.45 25.81
C ASP G 73 -38.48 -26.45 24.48
N LYS G 74 -37.76 -26.78 23.41
CA LYS G 74 -38.35 -26.74 22.08
C LYS G 74 -39.42 -27.83 21.91
N SER G 75 -39.19 -29.01 22.48
CA SER G 75 -40.13 -30.11 22.30
C SER G 75 -41.50 -29.77 22.87
N SER G 76 -41.54 -29.21 24.08
CA SER G 76 -42.79 -28.86 24.74
C SER G 76 -43.24 -27.44 24.46
N SER G 77 -42.44 -26.63 23.76
CA SER G 77 -42.77 -25.26 23.45
C SER G 77 -43.05 -24.46 24.74
N THR G 78 -42.01 -24.36 25.56
CA THR G 78 -42.10 -23.71 26.86
C THR G 78 -40.93 -22.77 27.06
N VAL G 79 -41.19 -21.68 27.78
CA VAL G 79 -40.16 -20.74 28.22
C VAL G 79 -40.36 -20.49 29.70
N TYR G 80 -39.28 -20.59 30.48
CA TYR G 80 -39.34 -20.44 31.92
C TYR G 80 -38.42 -19.32 32.37
N MET G 81 -38.77 -18.72 33.51
CA MET G 81 -37.88 -17.82 34.24
C MET G 81 -37.59 -18.40 35.61
N ASP G 82 -36.33 -18.39 36.01
CA ASP G 82 -35.90 -18.84 37.32
C ASP G 82 -35.28 -17.65 38.05
N LEU G 83 -36.08 -17.01 38.91
CA LEU G 83 -35.66 -15.80 39.61
C LEU G 83 -35.25 -16.18 41.02
N ARG G 84 -34.04 -15.78 41.41
CA ARG G 84 -33.45 -16.15 42.68
C ARG G 84 -33.25 -14.91 43.55
N SER G 85 -33.09 -15.16 44.86
CA SER G 85 -32.88 -14.10 45.83
C SER G 85 -34.00 -13.06 45.75
N LEU G 86 -35.22 -13.52 45.97
CA LEU G 86 -36.39 -12.67 45.86
C LEU G 86 -36.55 -11.80 47.10
N THR G 87 -36.99 -10.57 46.87
CA THR G 87 -37.29 -9.62 47.94
C THR G 87 -38.68 -9.04 47.70
N SER G 88 -39.09 -8.13 48.59
CA SER G 88 -40.42 -7.53 48.45
C SER G 88 -40.56 -6.76 47.14
N ALA G 89 -39.45 -6.24 46.61
CA ALA G 89 -39.50 -5.50 45.36
C ALA G 89 -39.83 -6.38 44.17
N ASP G 90 -39.64 -7.69 44.30
CA ASP G 90 -39.89 -8.60 43.19
C ASP G 90 -41.35 -9.03 43.08
N SER G 91 -42.19 -8.67 44.04
CA SER G 91 -43.60 -9.03 44.00
C SER G 91 -44.31 -8.15 42.98
N ALA G 92 -44.75 -8.75 41.88
CA ALA G 92 -45.42 -8.03 40.81
C ALA G 92 -46.07 -9.06 39.90
N VAL G 93 -46.58 -8.60 38.75
CA VAL G 93 -47.22 -9.46 37.76
C VAL G 93 -46.33 -9.52 36.53
N PHE G 94 -45.98 -10.72 36.11
CA PHE G 94 -45.08 -10.96 34.99
C PHE G 94 -45.90 -11.40 33.77
N TYR G 95 -45.76 -10.68 32.67
CA TYR G 95 -46.39 -11.03 31.41
C TYR G 95 -45.35 -11.60 30.46
N CYS G 96 -45.60 -12.80 29.95
CA CYS G 96 -44.77 -13.39 28.91
C CYS G 96 -45.38 -13.09 27.56
N SER G 97 -44.58 -12.53 26.66
CA SER G 97 -45.06 -12.04 25.38
C SER G 97 -44.15 -12.54 24.26
N ARG G 98 -44.73 -12.70 23.07
CA ARG G 98 -44.03 -13.17 21.89
C ARG G 98 -43.72 -11.98 20.97
N LEU G 99 -42.68 -12.14 20.17
CA LEU G 99 -42.28 -11.11 19.23
C LEU G 99 -41.59 -11.75 18.03
N GLN G 100 -41.67 -11.07 16.90
CA GLN G 100 -40.99 -11.48 15.68
C GLN G 100 -39.97 -10.41 15.29
N LEU G 101 -38.97 -10.84 14.53
CA LEU G 101 -37.96 -9.91 14.03
C LEU G 101 -38.63 -8.78 13.25
N PHE G 102 -38.35 -7.54 13.63
CA PHE G 102 -38.99 -6.37 13.03
C PHE G 102 -40.51 -6.48 13.12
N GLY G 103 -40.99 -6.99 14.26
CA GLY G 103 -42.41 -7.19 14.46
C GLY G 103 -42.97 -6.38 15.61
N TYR G 104 -43.88 -6.99 16.37
CA TYR G 104 -44.54 -6.29 17.47
C TYR G 104 -45.08 -7.31 18.46
N PHE G 105 -45.39 -6.84 19.66
CA PHE G 105 -45.93 -7.68 20.72
C PHE G 105 -47.44 -7.86 20.50
N ASP G 106 -47.76 -8.64 19.47
CA ASP G 106 -49.15 -8.82 19.07
C ASP G 106 -49.97 -9.50 20.17
N VAL G 107 -49.42 -10.53 20.80
CA VAL G 107 -50.14 -11.34 21.77
C VAL G 107 -49.33 -11.39 23.06
N TRP G 108 -50.04 -11.27 24.19
CA TRP G 108 -49.45 -11.32 25.52
C TRP G 108 -50.09 -12.45 26.32
N GLY G 109 -49.58 -12.65 27.53
CA GLY G 109 -50.11 -13.63 28.45
C GLY G 109 -51.08 -13.02 29.45
N THR G 110 -51.57 -13.89 30.34
CA THR G 110 -52.53 -13.48 31.36
C THR G 110 -51.88 -12.86 32.59
N GLY G 111 -50.57 -12.99 32.74
CA GLY G 111 -49.87 -12.46 33.88
C GLY G 111 -49.68 -13.50 34.97
N THR G 112 -48.71 -13.23 35.85
CA THR G 112 -48.38 -14.13 36.95
C THR G 112 -48.04 -13.27 38.17
N THR G 113 -48.97 -13.19 39.12
CA THR G 113 -48.76 -12.40 40.33
C THR G 113 -47.93 -13.22 41.31
N VAL G 114 -46.72 -12.76 41.60
CA VAL G 114 -45.81 -13.44 42.51
C VAL G 114 -45.73 -12.66 43.81
N ILE G 115 -45.81 -13.38 44.93
CA ILE G 115 -45.74 -12.79 46.27
C ILE G 115 -44.55 -13.39 46.99
N VAL G 116 -43.70 -12.53 47.54
CA VAL G 116 -42.52 -12.95 48.30
C VAL G 116 -42.84 -12.73 49.78
N SER G 117 -43.16 -13.81 50.49
CA SER G 117 -43.51 -13.71 51.89
C SER G 117 -43.20 -15.04 52.57
N SER G 118 -42.87 -14.97 53.86
CA SER G 118 -42.54 -16.16 54.64
C SER G 118 -43.80 -16.74 55.30
N ASP H 1 -31.17 2.82 29.47
CA ASP H 1 -30.44 3.98 28.90
C ASP H 1 -31.44 4.89 28.19
N VAL H 2 -32.32 4.27 27.40
CA VAL H 2 -33.32 5.01 26.63
C VAL H 2 -34.47 5.32 27.57
N LEU H 3 -34.45 6.53 28.13
CA LEU H 3 -35.51 6.97 29.04
C LEU H 3 -36.74 7.36 28.21
N MET H 4 -37.87 6.72 28.51
CA MET H 4 -39.12 6.97 27.79
C MET H 4 -40.01 7.82 28.69
N THR H 5 -40.08 9.11 28.38
CA THR H 5 -40.87 10.05 29.17
C THR H 5 -42.26 10.20 28.57
N GLN H 6 -43.28 10.00 29.40
CA GLN H 6 -44.68 10.10 28.98
C GLN H 6 -45.38 11.16 29.83
N ASN H 7 -46.10 12.05 29.16
CA ASN H 7 -46.87 13.09 29.83
C ASN H 7 -48.21 13.23 29.12
N PRO H 8 -49.26 13.64 29.85
CA PRO H 8 -49.32 13.90 31.29
C PRO H 8 -49.53 12.61 32.09
N LEU H 9 -49.30 12.64 33.41
CA LEU H 9 -49.56 11.45 34.22
C LEU H 9 -51.03 11.06 34.17
N SER H 10 -51.92 12.04 34.27
CA SER H 10 -53.35 11.83 34.15
C SER H 10 -53.89 12.76 33.07
N LEU H 11 -54.81 12.23 32.25
CA LEU H 11 -55.34 12.94 31.09
C LEU H 11 -56.86 12.88 31.12
N PRO H 12 -57.50 13.72 31.94
CA PRO H 12 -58.96 13.76 31.96
C PRO H 12 -59.52 14.14 30.59
N VAL H 13 -60.64 13.53 30.24
CA VAL H 13 -61.29 13.80 28.95
C VAL H 13 -62.76 13.44 29.08
N SER H 14 -63.61 14.18 28.38
CA SER H 14 -65.03 13.91 28.36
C SER H 14 -65.36 12.95 27.22
N LEU H 15 -66.48 12.23 27.38
CA LEU H 15 -66.90 11.28 26.35
C LEU H 15 -67.14 12.00 25.03
N GLY H 16 -66.59 11.43 23.96
CA GLY H 16 -66.73 12.01 22.63
C GLY H 16 -65.72 13.08 22.30
N ASP H 17 -64.84 13.44 23.23
CA ASP H 17 -63.83 14.46 22.99
C ASP H 17 -62.55 13.82 22.47
N GLN H 18 -61.52 14.63 22.30
CA GLN H 18 -60.22 14.18 21.82
C GLN H 18 -59.19 14.33 22.94
N ALA H 19 -58.44 13.27 23.19
CA ALA H 19 -57.38 13.27 24.19
C ALA H 19 -56.05 13.03 23.50
N SER H 20 -55.04 13.84 23.85
CA SER H 20 -53.72 13.77 23.25
C SER H 20 -52.72 13.34 24.31
N ILE H 21 -51.89 12.35 23.97
CA ILE H 21 -50.84 11.84 24.85
C ILE H 21 -49.50 12.11 24.19
N SER H 22 -48.60 12.78 24.92
CA SER H 22 -47.27 13.11 24.43
C SER H 22 -46.24 12.24 25.11
N CYS H 23 -45.30 11.73 24.32
CA CYS H 23 -44.25 10.83 24.83
C CYS H 23 -42.95 11.18 24.13
N ARG H 24 -41.94 11.58 24.91
CA ARG H 24 -40.68 12.08 24.38
C ARG H 24 -39.54 11.14 24.74
N SER H 25 -38.66 10.87 23.77
CA SER H 25 -37.52 9.99 23.96
C SER H 25 -36.29 10.81 24.32
N SER H 26 -35.43 10.24 25.16
CA SER H 26 -34.20 10.92 25.54
C SER H 26 -33.29 11.13 24.34
N GLN H 27 -33.18 10.12 23.48
CA GLN H 27 -32.33 10.18 22.29
C GLN H 27 -33.14 9.69 21.09
N SER H 28 -32.47 9.63 19.94
CA SER H 28 -33.12 9.20 18.71
C SER H 28 -33.49 7.71 18.80
N VAL H 29 -34.64 7.36 18.24
CA VAL H 29 -35.11 5.99 18.22
C VAL H 29 -34.99 5.36 16.84
N VAL H 30 -34.70 6.13 15.80
CA VAL H 30 -34.63 5.59 14.45
C VAL H 30 -33.50 4.58 14.37
N TYR H 31 -33.83 3.37 13.91
CA TYR H 31 -32.84 2.32 13.77
C TYR H 31 -32.06 2.48 12.48
N SER H 32 -30.97 1.70 12.37
CA SER H 32 -30.15 1.77 11.16
C SER H 32 -30.95 1.42 9.91
N ASP H 33 -31.95 0.54 10.03
CA ASP H 33 -32.76 0.17 8.89
C ASP H 33 -33.62 1.32 8.38
N GLY H 34 -33.77 2.38 9.16
CA GLY H 34 -34.53 3.55 8.77
C GLY H 34 -35.92 3.64 9.39
N ASN H 35 -36.35 2.62 10.10
CA ASN H 35 -37.67 2.60 10.72
C ASN H 35 -37.55 2.90 12.21
N ALA H 36 -38.55 3.59 12.74
CA ALA H 36 -38.62 3.93 14.16
C ALA H 36 -39.66 3.00 14.80
N TYR H 37 -39.19 2.11 15.69
CA TYR H 37 -40.06 1.12 16.33
C TYR H 37 -40.48 1.66 17.69
N LEU H 38 -41.51 2.52 17.67
CA LEU H 38 -42.14 3.01 18.88
C LEU H 38 -43.60 2.58 18.87
N GLU H 39 -44.02 1.90 19.92
CA GLU H 39 -45.35 1.31 20.01
C GLU H 39 -46.10 1.88 21.21
N TRP H 40 -47.42 1.97 21.05
CA TRP H 40 -48.32 2.41 22.12
C TRP H 40 -49.13 1.21 22.61
N TYR H 41 -49.17 1.02 23.93
CA TYR H 41 -49.86 -0.11 24.54
C TYR H 41 -50.84 0.40 25.59
N LEU H 42 -51.99 -0.27 25.66
CA LEU H 42 -53.05 0.08 26.59
C LEU H 42 -53.33 -1.10 27.52
N GLN H 43 -53.45 -0.81 28.81
CA GLN H 43 -53.75 -1.82 29.83
C GLN H 43 -55.06 -1.45 30.52
N LYS H 44 -56.06 -2.31 30.37
CA LYS H 44 -57.31 -2.10 31.07
C LYS H 44 -57.22 -2.68 32.48
N PRO H 45 -58.02 -2.17 33.42
CA PRO H 45 -58.04 -2.76 34.77
C PRO H 45 -58.41 -4.24 34.69
N GLY H 46 -57.51 -5.09 35.15
CA GLY H 46 -57.73 -6.52 35.14
C GLY H 46 -57.48 -7.21 33.82
N GLN H 47 -56.80 -6.55 32.88
CA GLN H 47 -56.48 -7.13 31.59
C GLN H 47 -55.03 -6.86 31.25
N SER H 48 -54.45 -7.76 30.44
CA SER H 48 -53.06 -7.63 30.05
C SER H 48 -52.90 -6.50 29.03
N PRO H 49 -51.69 -5.96 28.89
CA PRO H 49 -51.47 -4.89 27.89
C PRO H 49 -51.83 -5.36 26.49
N LYS H 50 -52.37 -4.44 25.70
CA LYS H 50 -52.83 -4.72 24.35
C LYS H 50 -52.15 -3.76 23.38
N LEU H 51 -51.62 -4.30 22.28
CA LEU H 51 -51.02 -3.46 21.26
C LEU H 51 -52.08 -2.65 20.53
N LEU H 52 -51.77 -1.39 20.26
CA LEU H 52 -52.67 -0.49 19.55
C LEU H 52 -52.11 -0.09 18.19
N ILE H 53 -50.92 0.51 18.16
CA ILE H 53 -50.28 0.96 16.93
C ILE H 53 -48.84 0.46 16.93
N TYR H 54 -48.37 0.01 15.76
CA TYR H 54 -46.97 -0.37 15.59
C TYR H 54 -46.33 0.49 14.53
N LYS H 55 -45.04 0.79 14.72
CA LYS H 55 -44.26 1.73 13.92
C LYS H 55 -44.62 3.18 14.20
N ALA H 56 -45.50 3.43 15.17
CA ALA H 56 -45.86 4.78 15.59
C ALA H 56 -46.76 5.47 14.57
N SER H 57 -47.03 4.80 13.45
CA SER H 57 -47.92 5.34 12.43
C SER H 57 -48.92 4.30 11.93
N ASN H 58 -48.53 3.04 11.86
CA ASN H 58 -49.40 1.99 11.32
C ASN H 58 -50.36 1.48 12.38
N ARG H 59 -51.57 1.15 11.95
CA ARG H 59 -52.60 0.63 12.85
C ARG H 59 -52.41 -0.86 13.03
N PHE H 60 -52.58 -1.34 14.28
CA PHE H 60 -52.26 -2.72 14.61
C PHE H 60 -53.05 -3.69 13.74
N SER H 61 -54.38 -3.70 13.87
CA SER H 61 -55.22 -4.57 13.06
C SER H 61 -56.66 -4.05 13.17
N GLY H 62 -57.07 -3.24 12.20
CA GLY H 62 -58.43 -2.72 12.17
C GLY H 62 -58.84 -2.01 13.43
N VAL H 63 -57.88 -1.42 14.14
CA VAL H 63 -58.17 -0.63 15.33
C VAL H 63 -58.86 0.65 14.84
N PRO H 64 -59.63 1.33 15.67
CA PRO H 64 -60.48 2.41 15.13
C PRO H 64 -59.65 3.54 14.52
N ASP H 65 -60.24 4.18 13.51
CA ASP H 65 -59.63 5.38 12.95
C ASP H 65 -59.47 6.47 14.00
N ARG H 66 -60.24 6.37 15.09
CA ARG H 66 -60.04 7.28 16.22
C ARG H 66 -58.61 7.22 16.73
N PHE H 67 -58.08 6.00 16.86
CA PHE H 67 -56.71 5.79 17.35
C PHE H 67 -55.75 6.12 16.20
N SER H 68 -55.12 7.29 16.28
CA SER H 68 -54.15 7.72 15.28
C SER H 68 -52.92 8.28 15.99
N ALA H 69 -51.75 7.84 15.57
CA ALA H 69 -50.48 8.24 16.17
C ALA H 69 -49.63 8.97 15.15
N SER H 70 -48.79 9.87 15.64
CA SER H 70 -47.90 10.65 14.78
C SER H 70 -46.75 11.17 15.63
N GLY H 71 -45.73 11.69 14.94
CA GLY H 71 -44.56 12.24 15.58
C GLY H 71 -43.32 11.86 14.80
N SER H 72 -42.16 12.19 15.37
CA SER H 72 -40.90 11.89 14.72
C SER H 72 -39.73 12.04 15.68
N GLY H 73 -38.85 11.03 15.71
CA GLY H 73 -37.63 11.11 16.50
C GLY H 73 -37.87 11.35 17.98
N THR H 74 -37.43 12.51 18.47
CA THR H 74 -37.52 12.79 19.90
C THR H 74 -38.95 12.83 20.39
N ASP H 75 -39.85 13.43 19.61
CA ASP H 75 -41.23 13.67 20.02
C ASP H 75 -42.15 12.69 19.32
N PHE H 76 -43.03 12.05 20.09
CA PHE H 76 -44.07 11.18 19.56
C PHE H 76 -45.35 11.43 20.32
N THR H 77 -46.47 11.48 19.58
CA THR H 77 -47.77 11.79 20.16
C THR H 77 -48.80 10.78 19.67
N LEU H 78 -49.68 10.36 20.57
CA LEU H 78 -50.81 9.50 20.25
C LEU H 78 -52.10 10.27 20.48
N ARG H 79 -52.96 10.29 19.47
CA ARG H 79 -54.24 10.99 19.54
C ARG H 79 -55.38 9.98 19.50
N ILE H 80 -56.37 10.19 20.37
CA ILE H 80 -57.57 9.37 20.42
C ILE H 80 -58.77 10.29 20.27
N SER H 81 -59.54 10.09 19.20
CA SER H 81 -60.72 10.88 18.92
C SER H 81 -61.97 10.15 19.40
N ARG H 82 -63.04 10.91 19.60
CA ARG H 82 -64.34 10.36 20.00
C ARG H 82 -64.17 9.33 21.12
N VAL H 83 -63.66 9.81 22.25
CA VAL H 83 -63.35 8.93 23.36
C VAL H 83 -64.59 8.15 23.75
N GLU H 84 -64.41 6.85 23.97
CA GLU H 84 -65.49 5.95 24.36
C GLU H 84 -65.19 5.34 25.72
N THR H 85 -66.20 4.71 26.30
CA THR H 85 -66.04 4.11 27.62
C THR H 85 -65.03 2.96 27.61
N GLU H 86 -64.92 2.26 26.47
CA GLU H 86 -64.00 1.14 26.36
C GLU H 86 -62.54 1.58 26.29
N ASP H 87 -62.29 2.89 26.15
CA ASP H 87 -60.93 3.41 26.07
C ASP H 87 -60.30 3.65 27.43
N LEU H 88 -61.04 3.44 28.51
CA LEU H 88 -60.49 3.63 29.86
C LEU H 88 -59.34 2.66 30.10
N GLY H 89 -58.27 3.16 30.68
CA GLY H 89 -57.12 2.35 31.00
C GLY H 89 -55.86 3.19 31.02
N LEU H 90 -54.72 2.50 31.11
CA LEU H 90 -53.41 3.13 31.15
C LEU H 90 -52.75 3.01 29.79
N TYR H 91 -52.35 4.13 29.21
CA TYR H 91 -51.66 4.17 27.93
C TYR H 91 -50.15 4.21 28.16
N TYR H 92 -49.42 3.35 27.48
CA TYR H 92 -47.97 3.27 27.63
C TYR H 92 -47.32 3.32 26.26
N CYS H 93 -46.34 4.21 26.11
CA CYS H 93 -45.51 4.27 24.92
C CYS H 93 -44.24 3.45 25.13
N PHE H 94 -43.78 2.82 24.04
CA PHE H 94 -42.67 1.88 24.14
C PHE H 94 -41.83 1.94 22.88
N GLN H 95 -40.52 2.06 23.04
CA GLN H 95 -39.58 2.03 21.93
C GLN H 95 -38.89 0.68 21.88
N GLY H 96 -38.66 0.18 20.67
CA GLY H 96 -38.13 -1.16 20.50
C GLY H 96 -36.95 -1.27 19.55
N THR H 97 -36.06 -0.28 19.56
CA THR H 97 -34.89 -0.27 18.68
C THR H 97 -33.58 -0.45 19.41
N HIS H 98 -33.43 0.14 20.60
CA HIS H 98 -32.18 0.09 21.35
C HIS H 98 -32.37 -0.79 22.59
N ILE H 99 -31.47 -1.75 22.78
CA ILE H 99 -31.53 -2.68 23.89
C ILE H 99 -30.75 -2.09 25.07
N PRO H 100 -31.29 -2.12 26.29
CA PRO H 100 -32.61 -2.63 26.69
C PRO H 100 -33.75 -1.71 26.28
N TYR H 101 -34.88 -2.27 25.87
CA TYR H 101 -36.05 -1.46 25.59
C TYR H 101 -36.67 -0.96 26.89
N THR H 102 -37.44 0.13 26.78
CA THR H 102 -38.06 0.75 27.93
C THR H 102 -39.50 1.11 27.61
N PHE H 103 -40.32 1.18 28.65
CA PHE H 103 -41.71 1.56 28.54
C PHE H 103 -41.91 3.00 29.00
N GLY H 104 -43.00 3.61 28.53
CA GLY H 104 -43.30 4.97 28.92
C GLY H 104 -43.69 5.08 30.38
N GLY H 105 -43.65 6.31 30.88
CA GLY H 105 -44.05 6.54 32.27
C GLY H 105 -45.48 6.12 32.54
N GLY H 106 -46.36 6.33 31.57
CA GLY H 106 -47.74 5.92 31.68
C GLY H 106 -48.66 7.13 31.82
N THR H 107 -49.76 7.09 31.07
CA THR H 107 -50.79 8.12 31.12
C THR H 107 -52.11 7.46 31.47
N LYS H 108 -52.75 7.96 32.53
CA LYS H 108 -54.00 7.39 33.01
C LYS H 108 -55.17 8.18 32.40
N LEU H 109 -55.86 7.57 31.43
CA LEU H 109 -57.01 8.21 30.84
C LEU H 109 -58.17 8.22 31.83
N GLU H 110 -58.79 9.38 32.01
CA GLU H 110 -59.90 9.55 32.93
C GLU H 110 -61.08 10.13 32.17
N MET H 111 -62.19 9.40 32.15
CA MET H 111 -63.42 9.90 31.55
C MET H 111 -64.15 10.83 32.51
N LYS H 112 -64.89 11.78 31.96
CA LYS H 112 -65.55 12.81 32.74
C LYS H 112 -67.06 12.63 32.67
N ARG H 113 -67.72 12.78 33.82
CA ARG H 113 -69.17 12.72 33.89
C ARG H 113 -69.75 14.09 34.26
N GLN I 1 13.56 -57.04 15.33
CA GLN I 1 14.94 -57.48 14.96
C GLN I 1 15.49 -56.54 13.90
N ALA I 2 15.73 -55.29 14.29
CA ALA I 2 16.29 -54.31 13.36
C ALA I 2 17.79 -54.51 13.25
N GLN I 3 18.25 -54.87 12.06
CA GLN I 3 19.66 -55.09 11.80
C GLN I 3 20.01 -54.58 10.42
N LEU I 4 21.27 -54.18 10.26
CA LEU I 4 21.80 -53.70 8.99
C LEU I 4 22.98 -54.59 8.60
N GLN I 5 22.90 -55.19 7.42
CA GLN I 5 23.93 -56.10 6.93
C GLN I 5 24.59 -55.51 5.71
N GLN I 6 25.92 -55.49 5.70
CA GLN I 6 26.70 -54.99 4.57
C GLN I 6 27.84 -55.97 4.28
N SER I 7 28.40 -55.83 3.08
CA SER I 7 29.48 -56.72 2.66
C SER I 7 30.70 -56.53 3.55
N GLY I 8 31.46 -57.60 3.71
CA GLY I 8 32.61 -57.60 4.61
C GLY I 8 33.83 -56.90 4.05
N THR I 9 34.35 -57.39 2.94
CA THR I 9 35.59 -56.86 2.37
C THR I 9 35.54 -56.94 0.85
N GLU I 10 35.92 -55.85 0.20
CA GLU I 10 36.00 -55.78 -1.26
C GLU I 10 37.38 -55.27 -1.64
N LEU I 11 38.09 -56.03 -2.47
CA LEU I 11 39.41 -55.66 -2.96
C LEU I 11 39.31 -55.35 -4.44
N VAL I 12 39.66 -54.12 -4.82
CA VAL I 12 39.57 -53.67 -6.21
C VAL I 12 40.81 -52.85 -6.53
N ARG I 13 40.96 -52.55 -7.83
CA ARG I 13 42.08 -51.77 -8.34
C ARG I 13 41.78 -50.28 -8.26
N PRO I 14 42.80 -49.43 -8.13
CA PRO I 14 42.56 -47.99 -8.13
C PRO I 14 41.98 -47.53 -9.46
N GLY I 15 41.15 -46.49 -9.39
CA GLY I 15 40.50 -45.96 -10.56
C GLY I 15 39.23 -46.69 -10.97
N ALA I 16 38.80 -47.68 -10.21
CA ALA I 16 37.59 -48.43 -10.50
C ALA I 16 36.47 -48.00 -9.56
N SER I 17 35.28 -48.57 -9.76
CA SER I 17 34.11 -48.25 -8.98
C SER I 17 33.62 -49.50 -8.25
N VAL I 18 33.28 -49.34 -6.97
CA VAL I 18 32.81 -50.44 -6.14
C VAL I 18 31.37 -50.16 -5.75
N THR I 19 30.57 -51.23 -5.66
CA THR I 19 29.17 -51.16 -5.28
C THR I 19 28.99 -51.91 -3.97
N LEU I 20 28.79 -51.17 -2.89
CA LEU I 20 28.53 -51.77 -1.59
C LEU I 20 27.02 -51.97 -1.43
N SER I 21 26.60 -52.39 -0.24
CA SER I 21 25.18 -52.61 0.02
C SER I 21 24.95 -52.54 1.52
N CYS I 22 23.68 -52.32 1.89
CA CYS I 22 23.29 -52.27 3.30
C CYS I 22 21.87 -52.82 3.38
N LYS I 23 21.76 -54.11 3.69
CA LYS I 23 20.45 -54.77 3.75
C LYS I 23 19.73 -54.34 5.02
N ALA I 24 18.50 -53.85 4.86
CA ALA I 24 17.64 -53.46 5.98
C ALA I 24 16.58 -54.53 6.16
N SER I 25 16.51 -55.09 7.36
CA SER I 25 15.56 -56.16 7.65
C SER I 25 15.06 -56.02 9.07
N GLY I 26 13.87 -56.58 9.31
CA GLY I 26 13.27 -56.55 10.62
C GLY I 26 12.56 -55.27 10.98
N TYR I 27 12.47 -54.31 10.07
CA TYR I 27 11.77 -53.07 10.34
C TYR I 27 11.33 -52.46 9.02
N LYS I 28 10.19 -51.76 9.06
CA LYS I 28 9.71 -51.03 7.90
C LYS I 28 10.81 -50.15 7.33
N PHE I 29 11.13 -50.39 6.05
CA PHE I 29 12.24 -49.68 5.42
C PHE I 29 11.95 -48.19 5.29
N ASN I 30 10.71 -47.83 4.97
CA ASN I 30 10.40 -46.45 4.61
C ASN I 30 10.69 -45.48 5.75
N ASP I 31 10.28 -45.83 6.96
CA ASP I 31 10.19 -44.83 8.02
C ASP I 31 11.56 -44.21 8.31
N TYR I 32 12.62 -45.00 8.31
CA TYR I 32 13.95 -44.53 8.66
C TYR I 32 14.75 -44.20 7.40
N GLU I 33 15.75 -43.35 7.58
CA GLU I 33 16.68 -42.96 6.52
C GLU I 33 18.07 -43.48 6.88
N ILE I 34 18.75 -44.02 5.87
CA ILE I 34 20.02 -44.73 6.07
C ILE I 34 21.16 -43.74 5.83
N HIS I 35 22.04 -43.61 6.83
CA HIS I 35 23.24 -42.79 6.73
C HIS I 35 24.47 -43.70 6.69
N TRP I 36 25.58 -43.14 6.22
CA TRP I 36 26.84 -43.87 6.12
C TRP I 36 27.96 -43.04 6.73
N VAL I 37 28.86 -43.71 7.44
CA VAL I 37 30.00 -43.08 8.07
C VAL I 37 31.23 -43.96 7.83
N LYS I 38 32.34 -43.32 7.47
CA LYS I 38 33.59 -44.04 7.24
C LYS I 38 34.39 -44.11 8.53
N GLN I 39 35.08 -45.24 8.72
CA GLN I 39 35.91 -45.48 9.90
C GLN I 39 37.35 -45.57 9.44
N THR I 40 38.09 -44.47 9.61
CA THR I 40 39.49 -44.41 9.23
C THR I 40 40.31 -43.89 10.41
N PRO I 41 41.57 -44.33 10.54
CA PRO I 41 42.36 -43.89 11.71
C PRO I 41 43.04 -42.55 11.53
N VAL I 42 43.14 -42.03 10.31
CA VAL I 42 43.85 -40.79 10.04
C VAL I 42 42.90 -39.60 9.96
N HIS I 43 41.76 -39.76 9.30
CA HIS I 43 40.78 -38.69 9.15
C HIS I 43 39.65 -38.77 10.16
N GLY I 44 39.51 -39.90 10.87
CA GLY I 44 38.45 -40.05 11.83
C GLY I 44 37.11 -40.36 11.18
N LEU I 45 36.07 -40.34 12.02
CA LEU I 45 34.72 -40.62 11.53
C LEU I 45 34.18 -39.42 10.77
N GLU I 46 33.67 -39.68 9.56
CA GLU I 46 33.10 -38.64 8.71
C GLU I 46 31.80 -39.15 8.10
N TRP I 47 30.85 -38.25 7.92
CA TRP I 47 29.58 -38.57 7.31
C TRP I 47 29.66 -38.35 5.80
N ILE I 48 29.18 -39.33 5.03
CA ILE I 48 29.27 -39.27 3.58
C ILE I 48 27.94 -38.78 3.01
N GLY I 49 26.87 -39.55 3.26
CA GLY I 49 25.57 -39.18 2.73
C GLY I 49 24.47 -39.94 3.45
N ALA I 50 23.23 -39.56 3.13
CA ALA I 50 22.06 -40.16 3.75
C ALA I 50 20.90 -40.10 2.77
N ILE I 51 20.20 -41.23 2.64
CA ILE I 51 19.10 -41.36 1.68
C ILE I 51 17.82 -41.63 2.44
N VAL I 52 16.72 -41.08 1.93
CA VAL I 52 15.38 -41.42 2.38
C VAL I 52 14.77 -42.36 1.35
N PRO I 53 14.47 -43.62 1.69
CA PRO I 53 13.94 -44.55 0.69
C PRO I 53 12.63 -44.08 0.06
N GLU I 54 11.82 -43.30 0.78
CA GLU I 54 10.52 -42.92 0.26
C GLU I 54 10.66 -42.08 -1.00
N THR I 55 11.26 -40.90 -0.87
CA THR I 55 11.39 -39.97 -1.98
C THR I 55 12.67 -40.16 -2.78
N GLY I 56 13.62 -40.96 -2.29
CA GLY I 56 14.88 -41.10 -2.96
C GLY I 56 15.82 -39.92 -2.79
N PHE I 57 15.48 -38.97 -1.93
CA PHE I 57 16.33 -37.81 -1.72
C PHE I 57 17.71 -38.24 -1.26
N THR I 58 18.74 -37.67 -1.89
CA THR I 58 20.13 -38.02 -1.62
C THR I 58 20.86 -36.77 -1.15
N ALA I 59 21.29 -36.78 0.11
CA ALA I 59 22.05 -35.68 0.70
C ALA I 59 23.49 -36.11 0.87
N TYR I 60 24.42 -35.27 0.44
CA TYR I 60 25.84 -35.52 0.51
C TYR I 60 26.54 -34.42 1.29
N SER I 61 27.81 -34.68 1.60
CA SER I 61 28.69 -33.69 2.18
C SER I 61 29.76 -33.31 1.16
N GLN I 62 30.18 -32.05 1.20
CA GLN I 62 31.17 -31.56 0.24
C GLN I 62 32.48 -32.33 0.31
N LYS I 63 32.74 -33.02 1.42
CA LYS I 63 33.99 -33.76 1.58
C LYS I 63 34.00 -35.05 0.76
N PHE I 64 32.83 -35.55 0.35
CA PHE I 64 32.76 -36.72 -0.52
C PHE I 64 31.72 -36.54 -1.63
N ARG I 65 31.34 -35.31 -1.95
CA ARG I 65 30.38 -35.08 -3.01
C ARG I 65 30.97 -35.48 -4.36
N GLY I 66 30.08 -35.81 -5.29
CA GLY I 66 30.50 -36.22 -6.62
C GLY I 66 30.62 -37.72 -6.79
N LYS I 67 31.84 -38.24 -6.63
CA LYS I 67 32.08 -39.67 -6.88
C LYS I 67 31.08 -40.55 -6.12
N ALA I 68 30.76 -40.19 -4.88
CA ALA I 68 29.83 -40.98 -4.10
C ALA I 68 28.45 -40.96 -4.74
N LEU I 69 27.95 -42.15 -5.10
CA LEU I 69 26.62 -42.30 -5.69
C LEU I 69 25.85 -43.31 -4.86
N LEU I 70 24.71 -42.89 -4.34
CA LEU I 70 23.89 -43.70 -3.45
C LEU I 70 22.56 -44.02 -4.11
N THR I 71 22.19 -45.30 -4.06
CA THR I 71 20.93 -45.76 -4.65
C THR I 71 20.28 -46.75 -3.68
N ALA I 72 18.96 -46.86 -3.78
CA ALA I 72 18.19 -47.73 -2.90
C ALA I 72 17.09 -48.41 -3.70
N ASP I 73 16.67 -49.58 -3.22
CA ASP I 73 15.57 -50.33 -3.80
C ASP I 73 14.55 -50.60 -2.70
N LYS I 74 13.34 -50.04 -2.87
CA LYS I 74 12.32 -50.18 -1.84
C LYS I 74 11.83 -51.62 -1.74
N SER I 75 11.70 -52.31 -2.87
CA SER I 75 11.18 -53.68 -2.85
C SER I 75 12.06 -54.60 -2.02
N SER I 76 13.37 -54.53 -2.22
CA SER I 76 14.30 -55.40 -1.51
C SER I 76 14.83 -54.77 -0.22
N SER I 77 14.48 -53.52 0.07
CA SER I 77 14.94 -52.84 1.27
C SER I 77 16.47 -52.81 1.34
N THR I 78 17.06 -52.15 0.34
CA THR I 78 18.51 -52.09 0.19
C THR I 78 18.95 -50.66 -0.08
N VAL I 79 20.13 -50.32 0.42
CA VAL I 79 20.80 -49.05 0.12
C VAL I 79 22.24 -49.36 -0.29
N TYR I 80 22.67 -48.78 -1.39
CA TYR I 80 24.00 -49.04 -1.94
C TYR I 80 24.78 -47.74 -2.06
N MET I 81 26.10 -47.86 -2.00
CA MET I 81 27.02 -46.78 -2.36
C MET I 81 27.87 -47.24 -3.54
N ASP I 82 28.01 -46.36 -4.52
CA ASP I 82 28.84 -46.61 -5.69
C ASP I 82 29.94 -45.55 -5.70
N LEU I 83 31.12 -45.92 -5.19
CA LEU I 83 32.25 -45.00 -5.05
C LEU I 83 33.21 -45.22 -6.21
N ARG I 84 33.53 -44.15 -6.92
CA ARG I 84 34.36 -44.21 -8.12
C ARG I 84 35.68 -43.47 -7.89
N SER I 85 36.65 -43.78 -8.75
CA SER I 85 37.97 -43.18 -8.69
C SER I 85 38.59 -43.33 -7.30
N LEU I 86 38.74 -44.59 -6.90
CA LEU I 86 39.26 -44.91 -5.57
C LEU I 86 40.76 -44.72 -5.52
N THR I 87 41.24 -44.24 -4.37
CA THR I 87 42.66 -44.08 -4.10
C THR I 87 42.97 -44.72 -2.75
N SER I 88 44.24 -44.64 -2.34
CA SER I 88 44.63 -45.22 -1.06
C SER I 88 43.89 -44.56 0.11
N ALA I 89 43.50 -43.29 -0.05
CA ALA I 89 42.81 -42.60 1.02
C ALA I 89 41.40 -43.14 1.24
N ASP I 90 40.84 -43.86 0.27
CA ASP I 90 39.49 -44.39 0.39
C ASP I 90 39.43 -45.72 1.12
N SER I 91 40.57 -46.32 1.43
CA SER I 91 40.59 -47.60 2.14
C SER I 91 40.25 -47.36 3.61
N ALA I 92 39.09 -47.83 4.03
CA ALA I 92 38.62 -47.64 5.40
C ALA I 92 37.44 -48.59 5.62
N VAL I 93 36.76 -48.44 6.76
CA VAL I 93 35.61 -49.26 7.11
C VAL I 93 34.38 -48.36 7.06
N PHE I 94 33.37 -48.77 6.31
CA PHE I 94 32.14 -48.00 6.11
C PHE I 94 31.02 -48.64 6.92
N TYR I 95 30.40 -47.85 7.78
CA TYR I 95 29.25 -48.28 8.56
C TYR I 95 27.99 -47.64 7.99
N CYS I 96 27.01 -48.48 7.66
CA CYS I 96 25.70 -48.02 7.24
C CYS I 96 24.78 -47.99 8.45
N SER I 97 24.14 -46.85 8.69
CA SER I 97 23.35 -46.62 9.89
C SER I 97 22.00 -46.04 9.51
N ARG I 98 21.01 -46.32 10.35
CA ARG I 98 19.65 -45.83 10.16
C ARG I 98 19.38 -44.66 11.11
N LEU I 99 18.44 -43.80 10.71
CA LEU I 99 18.06 -42.65 11.51
C LEU I 99 16.61 -42.31 11.24
N GLN I 100 15.97 -41.69 12.23
CA GLN I 100 14.62 -41.18 12.11
C GLN I 100 14.62 -39.67 12.28
N LEU I 101 13.60 -39.02 11.73
CA LEU I 101 13.47 -37.58 11.87
C LEU I 101 13.46 -37.21 13.35
N PHE I 102 14.33 -36.29 13.75
CA PHE I 102 14.48 -35.91 15.14
C PHE I 102 14.76 -37.13 16.02
N GLY I 103 15.56 -38.05 15.50
CA GLY I 103 15.87 -39.29 16.19
C GLY I 103 17.34 -39.44 16.51
N TYR I 104 17.86 -40.66 16.38
CA TYR I 104 19.24 -40.94 16.72
C TYR I 104 19.68 -42.19 15.99
N PHE I 105 21.01 -42.39 15.92
CA PHE I 105 21.60 -43.56 15.26
C PHE I 105 21.57 -44.74 16.23
N ASP I 106 20.35 -45.26 16.43
CA ASP I 106 20.15 -46.33 17.41
C ASP I 106 20.90 -47.60 17.02
N VAL I 107 20.86 -47.96 15.74
CA VAL I 107 21.42 -49.22 15.26
C VAL I 107 22.38 -48.92 14.12
N TRP I 108 23.51 -49.62 14.11
CA TRP I 108 24.54 -49.49 13.09
C TRP I 108 24.78 -50.85 12.43
N GLY I 109 25.66 -50.85 11.42
CA GLY I 109 26.05 -52.06 10.74
C GLY I 109 27.37 -52.62 11.27
N THR I 110 27.79 -53.72 10.66
CA THR I 110 29.02 -54.39 11.06
C THR I 110 30.26 -53.77 10.44
N GLY I 111 30.12 -52.91 9.45
CA GLY I 111 31.26 -52.30 8.79
C GLY I 111 31.65 -53.04 7.53
N THR I 112 32.38 -52.34 6.66
CA THR I 112 32.84 -52.89 5.39
C THR I 112 34.24 -52.35 5.13
N THR I 113 35.25 -53.19 5.33
CA THR I 113 36.65 -52.80 5.11
C THR I 113 36.95 -52.91 3.63
N VAL I 114 37.23 -51.77 2.99
CA VAL I 114 37.53 -51.71 1.57
C VAL I 114 39.02 -51.44 1.40
N ILE I 115 39.64 -52.19 0.49
CA ILE I 115 41.06 -52.04 0.19
C ILE I 115 41.20 -51.69 -1.28
N VAL I 116 41.96 -50.63 -1.57
CA VAL I 116 42.22 -50.18 -2.93
C VAL I 116 43.64 -50.58 -3.27
N SER I 117 43.78 -51.65 -4.05
CA SER I 117 45.10 -52.15 -4.42
C SER I 117 45.00 -52.90 -5.75
N SER I 118 46.08 -52.88 -6.51
CA SER I 118 46.12 -53.56 -7.80
C SER I 118 46.63 -54.99 -7.66
N ASP J 1 31.85 -27.66 8.14
CA ASP J 1 31.79 -26.27 8.66
C ASP J 1 31.77 -26.31 10.18
N VAL J 2 30.93 -27.20 10.73
CA VAL J 2 30.77 -27.33 12.17
C VAL J 2 31.94 -28.19 12.66
N LEU J 3 32.98 -27.53 13.15
CA LEU J 3 34.15 -28.24 13.68
C LEU J 3 33.82 -28.75 15.08
N MET J 4 33.96 -30.06 15.27
CA MET J 4 33.66 -30.71 16.55
C MET J 4 34.98 -31.01 17.24
N THR J 5 35.34 -30.19 18.23
CA THR J 5 36.59 -30.36 18.95
C THR J 5 36.36 -31.19 20.20
N GLN J 6 37.16 -32.25 20.35
CA GLN J 6 37.07 -33.15 21.50
C GLN J 6 38.42 -33.18 22.21
N ASN J 7 38.39 -33.03 23.53
CA ASN J 7 39.58 -33.10 24.37
C ASN J 7 39.25 -33.87 25.63
N PRO J 8 40.24 -34.56 26.23
CA PRO J 8 41.63 -34.73 25.76
C PRO J 8 41.74 -35.85 24.73
N LEU J 9 42.86 -35.93 24.01
CA LEU J 9 43.04 -37.03 23.06
C LEU J 9 43.05 -38.37 23.78
N SER J 10 43.75 -38.44 24.91
CA SER J 10 43.78 -39.63 25.76
C SER J 10 43.37 -39.24 27.17
N LEU J 11 42.55 -40.09 27.79
CA LEU J 11 41.97 -39.81 29.11
C LEU J 11 42.23 -41.00 30.02
N PRO J 12 43.44 -41.12 30.58
CA PRO J 12 43.70 -42.21 31.53
C PRO J 12 42.79 -42.09 32.74
N VAL J 13 42.38 -43.26 33.25
CA VAL J 13 41.51 -43.32 34.41
C VAL J 13 41.69 -44.68 35.07
N SER J 14 41.57 -44.71 36.40
CA SER J 14 41.63 -45.95 37.15
C SER J 14 40.25 -46.57 37.28
N LEU J 15 40.24 -47.88 37.49
CA LEU J 15 38.98 -48.59 37.63
C LEU J 15 38.20 -48.06 38.82
N GLY J 16 36.91 -47.79 38.63
CA GLY J 16 36.06 -47.26 39.67
C GLY J 16 36.12 -45.76 39.84
N ASP J 17 36.95 -45.06 39.07
CA ASP J 17 37.06 -43.61 39.18
C ASP J 17 36.10 -42.95 38.20
N GLN J 18 36.16 -41.62 38.12
CA GLN J 18 35.32 -40.84 37.22
C GLN J 18 36.20 -40.19 36.16
N ALA J 19 35.79 -40.35 34.90
CA ALA J 19 36.48 -39.75 33.76
C ALA J 19 35.56 -38.76 33.08
N SER J 20 36.08 -37.58 32.78
CA SER J 20 35.31 -36.51 32.17
C SER J 20 35.86 -36.22 30.78
N ILE J 21 34.97 -36.16 29.79
CA ILE J 21 35.33 -35.86 28.41
C ILE J 21 34.65 -34.55 28.01
N SER J 22 35.45 -33.62 27.52
CA SER J 22 34.97 -32.30 27.10
C SER J 22 34.98 -32.21 25.59
N CYS J 23 33.90 -31.65 25.03
CA CYS J 23 33.75 -31.53 23.58
C CYS J 23 33.09 -30.20 23.28
N ARG J 24 33.79 -29.35 22.52
CA ARG J 24 33.36 -27.98 22.28
C ARG J 24 33.05 -27.78 20.79
N SER J 25 31.94 -27.11 20.52
CA SER J 25 31.51 -26.83 19.15
C SER J 25 32.00 -25.46 18.71
N SER J 26 32.33 -25.35 17.43
CA SER J 26 32.78 -24.07 16.88
C SER J 26 31.68 -23.02 16.99
N GLN J 27 30.44 -23.39 16.69
CA GLN J 27 29.30 -22.49 16.73
C GLN J 27 28.16 -23.15 17.48
N SER J 28 27.03 -22.45 17.54
CA SER J 28 25.87 -22.97 18.25
C SER J 28 25.29 -24.19 17.52
N VAL J 29 24.85 -25.17 18.31
CA VAL J 29 24.25 -26.38 17.77
C VAL J 29 22.74 -26.42 17.93
N VAL J 30 22.16 -25.50 18.70
CA VAL J 30 20.71 -25.51 18.94
C VAL J 30 19.99 -25.28 17.63
N TYR J 31 19.07 -26.20 17.29
CA TYR J 31 18.29 -26.09 16.08
C TYR J 31 17.13 -25.13 16.27
N SER J 32 16.48 -24.79 15.15
CA SER J 32 15.33 -23.89 15.21
C SER J 32 14.21 -24.45 16.08
N ASP J 33 14.06 -25.78 16.11
CA ASP J 33 13.04 -26.40 16.93
C ASP J 33 13.28 -26.21 18.42
N GLY J 34 14.49 -25.81 18.81
CA GLY J 34 14.81 -25.58 20.21
C GLY J 34 15.62 -26.68 20.86
N ASN J 35 15.82 -27.80 20.18
CA ASN J 35 16.57 -28.93 20.73
C ASN J 35 17.98 -28.95 20.16
N ALA J 36 18.94 -29.37 20.98
CA ALA J 36 20.33 -29.51 20.59
C ALA J 36 20.62 -31.00 20.38
N TYR J 37 20.89 -31.37 19.13
CA TYR J 37 21.12 -32.77 18.78
C TYR J 37 22.62 -33.03 18.77
N LEU J 38 23.18 -33.26 19.95
CA LEU J 38 24.56 -33.67 20.12
C LEU J 38 24.58 -35.04 20.79
N GLU J 39 25.25 -35.99 20.15
CA GLU J 39 25.26 -37.38 20.58
C GLU J 39 26.68 -37.82 20.88
N TRP J 40 26.81 -38.73 21.84
CA TRP J 40 28.08 -39.35 22.19
C TRP J 40 28.07 -40.80 21.75
N TYR J 41 29.13 -41.22 21.07
CA TYR J 41 29.24 -42.57 20.53
C TYR J 41 30.55 -43.20 20.98
N LEU J 42 30.50 -44.50 21.27
CA LEU J 42 31.64 -45.26 21.74
C LEU J 42 31.93 -46.40 20.78
N GLN J 43 33.20 -46.56 20.43
CA GLN J 43 33.66 -47.62 19.53
C GLN J 43 34.64 -48.52 20.28
N LYS J 44 34.26 -49.79 20.46
CA LYS J 44 35.19 -50.73 21.07
C LYS J 44 36.11 -51.31 20.01
N PRO J 45 37.31 -51.78 20.40
CA PRO J 45 38.19 -52.45 19.43
C PRO J 45 37.49 -53.64 18.80
N GLY J 46 37.34 -53.58 17.48
CA GLY J 46 36.69 -54.65 16.74
C GLY J 46 35.18 -54.62 16.76
N GLN J 47 34.56 -53.51 17.16
CA GLN J 47 33.12 -53.38 17.18
C GLN J 47 32.71 -52.05 16.58
N SER J 48 31.50 -52.01 16.03
CA SER J 48 30.99 -50.80 15.40
C SER J 48 30.61 -49.77 16.46
N PRO J 49 30.55 -48.49 16.08
CA PRO J 49 30.16 -47.47 17.06
C PRO J 49 28.77 -47.74 17.64
N LYS J 50 28.62 -47.41 18.92
CA LYS J 50 27.39 -47.65 19.66
C LYS J 50 26.90 -46.35 20.26
N LEU J 51 25.60 -46.07 20.09
CA LEU J 51 25.01 -44.88 20.69
C LEU J 51 24.94 -45.03 22.21
N LEU J 52 25.25 -43.94 22.91
CA LEU J 52 25.20 -43.92 24.37
C LEU J 52 24.12 -42.97 24.88
N ILE J 53 24.18 -41.70 24.50
CA ILE J 53 23.23 -40.67 24.94
C ILE J 53 22.76 -39.92 23.71
N TYR J 54 21.47 -39.61 23.66
CA TYR J 54 20.91 -38.77 22.61
C TYR J 54 20.28 -37.52 23.22
N LYS J 55 20.39 -36.41 22.49
CA LYS J 55 20.00 -35.08 22.93
C LYS J 55 20.98 -34.49 23.94
N ALA J 56 22.10 -35.18 24.21
CA ALA J 56 23.16 -34.69 25.09
C ALA J 56 22.74 -34.74 26.56
N SER J 57 21.51 -35.13 26.83
CA SER J 57 21.01 -35.26 28.20
C SER J 57 20.25 -36.56 28.42
N ASN J 58 19.53 -37.05 27.42
CA ASN J 58 18.72 -38.25 27.57
C ASN J 58 19.56 -39.50 27.39
N ARG J 59 19.22 -40.54 28.16
CA ARG J 59 19.92 -41.82 28.09
C ARG J 59 19.34 -42.65 26.95
N PHE J 60 20.21 -43.33 26.19
CA PHE J 60 19.79 -44.02 24.98
C PHE J 60 18.71 -45.05 25.29
N SER J 61 19.05 -46.07 26.08
CA SER J 61 18.07 -47.10 26.44
C SER J 61 18.64 -47.87 27.63
N GLY J 62 18.26 -47.47 28.84
CA GLY J 62 18.68 -48.16 30.04
C GLY J 62 20.19 -48.29 30.16
N VAL J 63 20.92 -47.33 29.59
CA VAL J 63 22.38 -47.29 29.73
C VAL J 63 22.66 -46.91 31.17
N PRO J 64 23.83 -47.23 31.72
CA PRO J 64 24.03 -47.08 33.16
C PRO J 64 23.89 -45.63 33.62
N ASP J 65 23.41 -45.46 34.85
CA ASP J 65 23.39 -44.14 35.46
C ASP J 65 24.79 -43.56 35.55
N ARG J 66 25.81 -44.40 35.49
CA ARG J 66 27.18 -43.92 35.41
C ARG J 66 27.36 -42.99 34.22
N PHE J 67 26.82 -43.36 33.07
CA PHE J 67 26.91 -42.57 31.85
C PHE J 67 25.93 -41.42 31.96
N SER J 68 26.44 -40.22 32.24
CA SER J 68 25.62 -39.01 32.34
C SER J 68 26.30 -37.89 31.59
N ALA J 69 25.53 -37.20 30.74
CA ALA J 69 26.05 -36.12 29.92
C ALA J 69 25.35 -34.81 30.28
N SER J 70 26.07 -33.71 30.08
CA SER J 70 25.55 -32.39 30.39
C SER J 70 26.35 -31.36 29.60
N GLY J 71 25.83 -30.14 29.57
CA GLY J 71 26.45 -29.04 28.88
C GLY J 71 25.40 -28.18 28.21
N SER J 72 25.85 -27.22 27.41
CA SER J 72 24.94 -26.32 26.71
C SER J 72 25.66 -25.54 25.62
N GLY J 73 25.07 -25.52 24.42
CA GLY J 73 25.59 -24.72 23.33
C GLY J 73 27.02 -25.05 22.94
N THR J 74 27.93 -24.08 23.17
CA THR J 74 29.31 -24.25 22.74
C THR J 74 29.99 -25.42 23.46
N ASP J 75 29.74 -25.55 24.77
CA ASP J 75 30.43 -26.52 25.60
C ASP J 75 29.52 -27.69 25.91
N PHE J 76 30.02 -28.91 25.71
CA PHE J 76 29.31 -30.12 26.09
C PHE J 76 30.31 -31.09 26.71
N THR J 77 29.88 -31.75 27.79
CA THR J 77 30.73 -32.65 28.55
C THR J 77 30.00 -33.96 28.82
N LEU J 78 30.73 -35.06 28.71
CA LEU J 78 30.21 -36.38 29.04
C LEU J 78 30.99 -36.91 30.23
N ARG J 79 30.27 -37.35 31.27
CA ARG J 79 30.87 -37.89 32.48
C ARG J 79 30.55 -39.37 32.61
N ILE J 80 31.56 -40.16 32.96
CA ILE J 80 31.40 -41.59 33.20
C ILE J 80 31.90 -41.88 34.60
N SER J 81 31.02 -42.38 35.45
CA SER J 81 31.34 -42.71 36.83
C SER J 81 31.60 -44.21 36.97
N ARG J 82 32.32 -44.57 38.03
CA ARG J 82 32.61 -45.97 38.33
C ARG J 82 33.07 -46.71 37.07
N VAL J 83 34.19 -46.25 36.53
CA VAL J 83 34.69 -46.80 35.27
C VAL J 83 34.87 -48.30 35.41
N GLU J 84 34.41 -49.04 34.39
CA GLU J 84 34.50 -50.48 34.34
C GLU J 84 35.34 -50.91 33.14
N THR J 85 35.71 -52.19 33.14
CA THR J 85 36.55 -52.71 32.06
C THR J 85 35.83 -52.67 30.72
N GLU J 86 34.49 -52.80 30.73
CA GLU J 86 33.73 -52.78 29.49
C GLU J 86 33.63 -51.39 28.88
N ASP J 87 34.08 -50.35 29.58
CA ASP J 87 34.03 -48.98 29.08
C ASP J 87 35.23 -48.64 28.20
N LEU J 88 36.19 -49.55 28.05
CA LEU J 88 37.34 -49.28 27.21
C LEU J 88 36.92 -49.08 25.75
N GLY J 89 37.47 -48.07 25.11
CA GLY J 89 37.19 -47.78 23.73
C GLY J 89 37.39 -46.31 23.44
N LEU J 90 36.96 -45.91 22.25
CA LEU J 90 37.08 -44.53 21.79
C LEU J 90 35.73 -43.84 21.90
N TYR J 91 35.70 -42.72 22.61
CA TYR J 91 34.49 -41.92 22.78
C TYR J 91 34.48 -40.80 21.73
N TYR J 92 33.36 -40.66 21.04
CA TYR J 92 33.21 -39.66 20.00
C TYR J 92 31.95 -38.85 20.23
N CYS J 93 32.08 -37.53 20.22
CA CYS J 93 30.94 -36.63 20.28
C CYS J 93 30.52 -36.23 18.87
N PHE J 94 29.22 -36.05 18.67
CA PHE J 94 28.67 -35.84 17.34
C PHE J 94 27.47 -34.90 17.44
N GLN J 95 27.45 -33.88 16.59
CA GLN J 95 26.32 -32.97 16.48
C GLN J 95 25.54 -33.30 15.22
N GLY J 96 24.21 -33.19 15.31
CA GLY J 96 23.34 -33.60 14.23
C GLY J 96 22.28 -32.59 13.85
N THR J 97 22.61 -31.29 13.88
CA THR J 97 21.66 -30.25 13.55
C THR J 97 21.99 -29.51 12.25
N HIS J 98 23.27 -29.27 11.98
CA HIS J 98 23.70 -28.51 10.81
C HIS J 98 24.39 -29.46 9.83
N ILE J 99 23.94 -29.42 8.57
CA ILE J 99 24.49 -30.28 7.52
C ILE J 99 25.65 -29.55 6.85
N PRO J 100 26.79 -30.21 6.61
CA PRO J 100 27.12 -31.62 6.96
C PRO J 100 27.37 -31.81 8.44
N TYR J 101 26.94 -32.93 9.01
CA TYR J 101 27.27 -33.24 10.39
C TYR J 101 28.74 -33.65 10.49
N THR J 102 29.28 -33.53 11.71
CA THR J 102 30.67 -33.83 11.96
C THR J 102 30.80 -34.63 13.26
N PHE J 103 31.87 -35.41 13.35
CA PHE J 103 32.17 -36.20 14.53
C PHE J 103 33.28 -35.53 15.33
N GLY J 104 33.34 -35.87 16.61
CA GLY J 104 34.37 -35.33 17.47
C GLY J 104 35.75 -35.85 17.13
N GLY J 105 36.76 -35.15 17.63
CA GLY J 105 38.13 -35.58 17.39
C GLY J 105 38.40 -36.97 17.92
N GLY J 106 37.81 -37.30 19.06
CA GLY J 106 37.94 -38.62 19.64
C GLY J 106 38.78 -38.59 20.91
N THR J 107 38.29 -39.29 21.94
CA THR J 107 38.99 -39.42 23.21
C THR J 107 39.20 -40.90 23.49
N LYS J 108 40.44 -41.29 23.71
CA LYS J 108 40.80 -42.69 23.94
C LYS J 108 40.84 -42.94 25.44
N LEU J 109 39.83 -43.64 25.95
CA LEU J 109 39.80 -43.99 27.36
C LEU J 109 40.85 -45.05 27.65
N GLU J 110 41.66 -44.82 28.68
CA GLU J 110 42.72 -45.74 29.08
C GLU J 110 42.52 -46.11 30.54
N MET J 111 42.34 -47.41 30.80
CA MET J 111 42.25 -47.89 32.17
C MET J 111 43.65 -48.05 32.77
N LYS J 112 43.74 -47.89 34.09
CA LYS J 112 45.01 -47.91 34.80
C LYS J 112 45.11 -49.14 35.68
N ARG J 113 46.28 -49.76 35.67
CA ARG J 113 46.56 -50.91 36.53
C ARG J 113 47.62 -50.56 37.57
N GLN K 1 -16.67 -28.96 -50.58
CA GLN K 1 -17.43 -28.13 -51.55
C GLN K 1 -17.98 -26.90 -50.84
N ALA K 2 -17.08 -26.02 -50.42
CA ALA K 2 -17.49 -24.78 -49.76
C ALA K 2 -17.94 -23.76 -50.78
N GLN K 3 -19.22 -23.40 -50.74
CA GLN K 3 -19.77 -22.43 -51.66
C GLN K 3 -20.78 -21.55 -50.93
N LEU K 4 -20.93 -20.32 -51.42
CA LEU K 4 -21.87 -19.36 -50.87
C LEU K 4 -22.82 -18.95 -51.99
N GLN K 5 -24.12 -19.14 -51.76
CA GLN K 5 -25.15 -18.85 -52.75
C GLN K 5 -26.03 -17.71 -52.23
N GLN K 6 -26.25 -16.71 -53.08
CA GLN K 6 -27.10 -15.58 -52.75
C GLN K 6 -28.01 -15.27 -53.93
N SER K 7 -29.07 -14.51 -53.66
CA SER K 7 -30.03 -14.18 -54.68
C SER K 7 -29.38 -13.33 -55.77
N GLY K 8 -29.90 -13.47 -56.99
CA GLY K 8 -29.31 -12.80 -58.14
C GLY K 8 -29.66 -11.33 -58.25
N THR K 9 -30.94 -11.02 -58.35
CA THR K 9 -31.37 -9.64 -58.57
C THR K 9 -32.70 -9.41 -57.87
N GLU K 10 -32.80 -8.29 -57.14
CA GLU K 10 -34.03 -7.88 -56.47
C GLU K 10 -34.34 -6.45 -56.87
N LEU K 11 -35.54 -6.22 -57.40
CA LEU K 11 -35.99 -4.89 -57.80
C LEU K 11 -37.10 -4.47 -56.85
N VAL K 12 -36.90 -3.36 -56.15
CA VAL K 12 -37.84 -2.84 -55.17
C VAL K 12 -37.94 -1.33 -55.32
N ARG K 13 -38.93 -0.76 -54.63
CA ARG K 13 -39.18 0.68 -54.64
C ARG K 13 -38.34 1.37 -53.57
N PRO K 14 -37.98 2.64 -53.78
CA PRO K 14 -37.25 3.37 -52.74
C PRO K 14 -38.07 3.50 -51.47
N GLY K 15 -37.37 3.53 -50.34
CA GLY K 15 -38.01 3.61 -49.05
C GLY K 15 -38.51 2.30 -48.48
N ALA K 16 -38.26 1.19 -49.17
CA ALA K 16 -38.67 -0.13 -48.72
C ALA K 16 -37.46 -0.89 -48.16
N SER K 17 -37.72 -2.09 -47.67
CA SER K 17 -36.70 -2.95 -47.08
C SER K 17 -36.60 -4.24 -47.86
N VAL K 18 -35.37 -4.67 -48.14
CA VAL K 18 -35.11 -5.89 -48.90
C VAL K 18 -34.40 -6.88 -47.99
N THR K 19 -34.71 -8.16 -48.17
CA THR K 19 -34.11 -9.25 -47.40
C THR K 19 -33.32 -10.13 -48.34
N LEU K 20 -32.00 -10.04 -48.28
CA LEU K 20 -31.13 -10.89 -49.08
C LEU K 20 -30.84 -12.17 -48.31
N SER K 21 -29.95 -13.01 -48.85
CA SER K 21 -29.60 -14.25 -48.20
C SER K 21 -28.23 -14.71 -48.71
N CYS K 22 -27.61 -15.59 -47.93
CA CYS K 22 -26.31 -16.15 -48.31
C CYS K 22 -26.26 -17.57 -47.77
N LYS K 23 -26.61 -18.54 -48.62
CA LYS K 23 -26.66 -19.94 -48.22
C LYS K 23 -25.25 -20.48 -48.09
N ALA K 24 -24.94 -21.05 -46.91
CA ALA K 24 -23.65 -21.68 -46.66
C ALA K 24 -23.84 -23.19 -46.71
N SER K 25 -23.06 -23.86 -47.56
CA SER K 25 -23.18 -25.29 -47.74
C SER K 25 -21.80 -25.89 -47.99
N GLY K 26 -21.67 -27.18 -47.68
CA GLY K 26 -20.43 -27.89 -47.89
C GLY K 26 -19.38 -27.69 -46.83
N TYR K 27 -19.69 -26.95 -45.76
CA TYR K 27 -18.74 -26.76 -44.68
C TYR K 27 -19.50 -26.43 -43.41
N LYS K 28 -18.93 -26.84 -42.28
CA LYS K 28 -19.49 -26.50 -40.97
C LYS K 28 -19.75 -25.00 -40.89
N PHE K 29 -21.00 -24.64 -40.64
CA PHE K 29 -21.39 -23.23 -40.63
C PHE K 29 -20.73 -22.48 -39.48
N ASN K 30 -20.64 -23.12 -38.31
CA ASN K 30 -20.23 -22.40 -37.11
C ASN K 30 -18.82 -21.82 -37.23
N ASP K 31 -17.87 -22.60 -37.75
CA ASP K 31 -16.47 -22.26 -37.59
C ASP K 31 -16.14 -20.90 -38.22
N TYR K 32 -16.71 -20.62 -39.39
CA TYR K 32 -16.40 -19.39 -40.11
C TYR K 32 -17.45 -18.33 -39.84
N GLU K 33 -17.05 -17.07 -40.04
CA GLU K 33 -17.92 -15.91 -39.92
C GLU K 33 -18.11 -15.27 -41.28
N ILE K 34 -19.34 -14.89 -41.59
CA ILE K 34 -19.72 -14.43 -42.92
C ILE K 34 -19.64 -12.91 -42.95
N HIS K 35 -18.87 -12.37 -43.89
CA HIS K 35 -18.76 -10.95 -44.13
C HIS K 35 -19.44 -10.59 -45.44
N TRP K 36 -19.76 -9.30 -45.59
CA TRP K 36 -20.40 -8.80 -46.80
C TRP K 36 -19.66 -7.57 -47.30
N VAL K 37 -19.53 -7.47 -48.62
CA VAL K 37 -18.87 -6.34 -49.27
C VAL K 37 -19.70 -5.92 -50.47
N LYS K 38 -19.89 -4.63 -50.64
CA LYS K 38 -20.64 -4.10 -51.77
C LYS K 38 -19.71 -3.81 -52.93
N GLN K 39 -20.20 -4.05 -54.15
CA GLN K 39 -19.45 -3.83 -55.37
C GLN K 39 -20.13 -2.70 -56.15
N THR K 40 -19.57 -1.50 -56.02
CA THR K 40 -20.09 -0.33 -56.71
C THR K 40 -18.96 0.36 -57.47
N PRO K 41 -19.27 1.00 -58.61
CA PRO K 41 -18.19 1.62 -59.40
C PRO K 41 -17.81 3.01 -58.94
N VAL K 42 -18.63 3.67 -58.11
CA VAL K 42 -18.37 5.03 -57.68
C VAL K 42 -17.70 5.09 -56.33
N HIS K 43 -18.16 4.28 -55.37
CA HIS K 43 -17.60 4.25 -54.03
C HIS K 43 -16.58 3.14 -53.82
N GLY K 44 -16.50 2.17 -54.74
CA GLY K 44 -15.57 1.08 -54.61
C GLY K 44 -16.06 0.02 -53.64
N LEU K 45 -15.16 -0.91 -53.35
CA LEU K 45 -15.49 -2.00 -52.43
C LEU K 45 -15.47 -1.49 -50.99
N GLU K 46 -16.55 -1.77 -50.26
CA GLU K 46 -16.67 -1.37 -48.86
C GLU K 46 -17.23 -2.53 -48.06
N TRP K 47 -16.79 -2.63 -46.80
CA TRP K 47 -17.27 -3.68 -45.90
C TRP K 47 -18.46 -3.15 -45.12
N ILE K 48 -19.52 -3.97 -45.04
CA ILE K 48 -20.76 -3.56 -44.39
C ILE K 48 -20.79 -4.12 -42.97
N GLY K 49 -20.77 -5.45 -42.85
CA GLY K 49 -20.83 -6.09 -41.55
C GLY K 49 -20.40 -7.54 -41.64
N ALA K 50 -20.28 -8.16 -40.47
CA ALA K 50 -19.84 -9.54 -40.37
C ALA K 50 -20.46 -10.17 -39.14
N ILE K 51 -21.01 -11.37 -39.30
CA ILE K 51 -21.71 -12.07 -38.24
C ILE K 51 -20.97 -13.37 -37.93
N VAL K 52 -20.97 -13.73 -36.65
CA VAL K 52 -20.52 -15.04 -36.20
C VAL K 52 -21.77 -15.88 -35.91
N PRO K 53 -22.02 -16.96 -36.64
CA PRO K 53 -23.25 -17.73 -36.39
C PRO K 53 -23.35 -18.30 -34.97
N GLU K 54 -22.21 -18.56 -34.32
CA GLU K 54 -22.25 -19.18 -33.00
C GLU K 54 -22.96 -18.28 -31.99
N THR K 55 -22.38 -17.11 -31.73
CA THR K 55 -22.90 -16.20 -30.72
C THR K 55 -23.89 -15.19 -31.28
N GLY K 56 -24.02 -15.10 -32.61
CA GLY K 56 -24.87 -14.09 -33.20
C GLY K 56 -24.31 -12.68 -33.17
N PHE K 57 -23.06 -12.53 -32.77
CA PHE K 57 -22.45 -11.20 -32.70
C PHE K 57 -22.50 -10.54 -34.07
N THR K 58 -22.93 -9.28 -34.09
CA THR K 58 -23.10 -8.51 -35.33
C THR K 58 -22.20 -7.28 -35.25
N ALA K 59 -21.20 -7.22 -36.12
CA ALA K 59 -20.29 -6.10 -36.21
C ALA K 59 -20.58 -5.32 -37.49
N TYR K 60 -20.70 -4.00 -37.36
CA TYR K 60 -21.01 -3.12 -38.48
C TYR K 60 -19.93 -2.06 -38.61
N SER K 61 -19.99 -1.34 -39.73
CA SER K 61 -19.16 -0.17 -39.96
C SER K 61 -20.02 1.07 -39.95
N GLN K 62 -19.44 2.18 -39.47
CA GLN K 62 -20.19 3.42 -39.36
C GLN K 62 -20.74 3.90 -40.70
N LYS K 63 -20.15 3.42 -41.81
CA LYS K 63 -20.59 3.86 -43.13
C LYS K 63 -21.91 3.23 -43.54
N PHE K 64 -22.31 2.12 -42.90
CA PHE K 64 -23.61 1.53 -43.15
C PHE K 64 -24.31 1.09 -41.86
N ARG K 65 -23.92 1.65 -40.73
CA ARG K 65 -24.57 1.31 -39.47
C ARG K 65 -26.02 1.77 -39.46
N GLY K 66 -26.84 1.09 -38.66
CA GLY K 66 -28.24 1.43 -38.55
C GLY K 66 -29.13 0.61 -39.46
N LYS K 67 -29.46 1.16 -40.63
CA LYS K 67 -30.39 0.50 -41.53
C LYS K 67 -30.01 -0.95 -41.79
N ALA K 68 -28.71 -1.23 -41.94
CA ALA K 68 -28.27 -2.59 -42.19
C ALA K 68 -28.59 -3.48 -40.99
N LEU K 69 -29.38 -4.53 -41.23
CA LEU K 69 -29.75 -5.49 -40.19
C LEU K 69 -29.40 -6.87 -40.69
N LEU K 70 -28.55 -7.58 -39.95
CA LEU K 70 -28.05 -8.88 -40.33
C LEU K 70 -28.56 -9.95 -39.36
N THR K 71 -29.07 -11.05 -39.92
CA THR K 71 -29.58 -12.15 -39.12
C THR K 71 -29.12 -13.45 -39.76
N ALA K 72 -29.04 -14.49 -38.93
CA ALA K 72 -28.58 -15.80 -39.38
C ALA K 72 -29.41 -16.88 -38.71
N ASP K 73 -29.49 -18.03 -39.38
CA ASP K 73 -30.17 -19.21 -38.85
C ASP K 73 -29.19 -20.37 -38.86
N LYS K 74 -28.87 -20.88 -37.69
CA LYS K 74 -27.89 -21.97 -37.58
C LYS K 74 -28.41 -23.26 -38.20
N SER K 75 -29.70 -23.54 -38.01
CA SER K 75 -30.26 -24.80 -38.51
C SER K 75 -30.14 -24.90 -40.02
N SER K 76 -30.49 -23.83 -40.73
CA SER K 76 -30.45 -23.83 -42.18
C SER K 76 -29.13 -23.31 -42.75
N SER K 77 -28.23 -22.84 -41.90
CA SER K 77 -26.93 -22.32 -42.34
C SER K 77 -27.13 -21.17 -43.34
N THR K 78 -27.76 -20.11 -42.85
CA THR K 78 -28.08 -18.96 -43.68
C THR K 78 -27.71 -17.67 -42.96
N VAL K 79 -27.31 -16.67 -43.74
CA VAL K 79 -27.06 -15.32 -43.26
C VAL K 79 -27.79 -14.36 -44.18
N TYR K 80 -28.54 -13.43 -43.60
CA TYR K 80 -29.35 -12.48 -44.34
C TYR K 80 -28.95 -11.05 -44.01
N MET K 81 -29.18 -10.15 -44.96
CA MET K 81 -29.13 -8.72 -44.73
C MET K 81 -30.49 -8.11 -44.99
N ASP K 82 -30.94 -7.24 -44.09
CA ASP K 82 -32.20 -6.53 -44.23
C ASP K 82 -31.87 -5.04 -44.29
N LEU K 83 -31.82 -4.50 -45.50
CA LEU K 83 -31.44 -3.11 -45.74
C LEU K 83 -32.70 -2.29 -45.96
N ARG K 84 -32.85 -1.22 -45.18
CA ARG K 84 -34.05 -0.39 -45.19
C ARG K 84 -33.71 1.01 -45.69
N SER K 85 -34.76 1.73 -46.10
CA SER K 85 -34.63 3.09 -46.60
C SER K 85 -33.61 3.15 -47.74
N LEU K 86 -33.91 2.40 -48.80
CA LEU K 86 -33.01 2.30 -49.94
C LEU K 86 -33.12 3.53 -50.83
N THR K 87 -31.98 3.96 -51.37
CA THR K 87 -31.91 5.05 -52.32
C THR K 87 -31.11 4.60 -53.53
N SER K 88 -30.93 5.51 -54.49
CA SER K 88 -30.17 5.17 -55.70
C SER K 88 -28.73 4.79 -55.37
N ALA K 89 -28.19 5.34 -54.28
CA ALA K 89 -26.82 5.02 -53.90
C ALA K 89 -26.65 3.58 -53.44
N ASP K 90 -27.74 2.91 -53.05
CA ASP K 90 -27.67 1.54 -52.56
C ASP K 90 -27.68 0.51 -53.68
N SER K 91 -27.90 0.92 -54.93
CA SER K 91 -27.91 -0.02 -56.05
C SER K 91 -26.48 -0.43 -56.37
N ALA K 92 -26.15 -1.69 -56.11
CA ALA K 92 -24.80 -2.21 -56.32
C ALA K 92 -24.89 -3.73 -56.25
N VAL K 93 -23.72 -4.39 -56.26
CA VAL K 93 -23.62 -5.83 -56.16
C VAL K 93 -23.01 -6.18 -54.81
N PHE K 94 -23.71 -7.04 -54.06
CA PHE K 94 -23.29 -7.43 -52.72
C PHE K 94 -22.73 -8.84 -52.76
N TYR K 95 -21.49 -8.98 -52.28
CA TYR K 95 -20.84 -10.28 -52.17
C TYR K 95 -20.81 -10.72 -50.71
N CYS K 96 -21.34 -11.90 -50.43
CA CYS K 96 -21.26 -12.50 -49.11
C CYS K 96 -20.05 -13.43 -49.07
N SER K 97 -19.20 -13.23 -48.08
CA SER K 97 -17.93 -13.94 -47.99
C SER K 97 -17.73 -14.50 -46.59
N ARG K 98 -16.99 -15.60 -46.51
CA ARG K 98 -16.68 -16.26 -45.26
C ARG K 98 -15.27 -15.94 -44.82
N LEU K 99 -15.03 -16.02 -43.51
CA LEU K 99 -13.72 -15.74 -42.95
C LEU K 99 -13.55 -16.55 -41.68
N GLN K 100 -12.29 -16.84 -41.35
CA GLN K 100 -11.92 -17.51 -40.12
C GLN K 100 -11.05 -16.59 -39.29
N LEU K 101 -11.04 -16.84 -37.98
CA LEU K 101 -10.19 -16.05 -37.09
C LEU K 101 -8.73 -16.15 -37.54
N PHE K 102 -8.10 -14.99 -37.73
CA PHE K 102 -6.74 -14.94 -38.25
C PHE K 102 -6.63 -15.69 -39.58
N GLY K 103 -7.66 -15.55 -40.40
CA GLY K 103 -7.70 -16.24 -41.68
C GLY K 103 -7.75 -15.31 -42.86
N TYR K 104 -8.54 -15.66 -43.88
CA TYR K 104 -8.62 -14.88 -45.10
C TYR K 104 -9.93 -15.18 -45.80
N PHE K 105 -10.31 -14.29 -46.73
CA PHE K 105 -11.54 -14.45 -47.52
C PHE K 105 -11.27 -15.43 -48.66
N ASP K 106 -11.14 -16.70 -48.30
CA ASP K 106 -10.78 -17.72 -49.28
C ASP K 106 -11.86 -17.88 -50.35
N VAL K 107 -13.13 -17.88 -49.94
CA VAL K 107 -14.25 -18.14 -50.84
C VAL K 107 -15.25 -17.00 -50.74
N TRP K 108 -15.77 -16.60 -51.89
CA TRP K 108 -16.77 -15.53 -52.00
C TRP K 108 -18.02 -16.07 -52.67
N GLY K 109 -19.03 -15.20 -52.76
CA GLY K 109 -20.27 -15.52 -53.44
C GLY K 109 -20.31 -14.99 -54.87
N THR K 110 -21.44 -15.25 -55.52
CA THR K 110 -21.63 -14.83 -56.90
C THR K 110 -22.06 -13.38 -57.04
N GLY K 111 -22.47 -12.73 -55.95
CA GLY K 111 -22.93 -11.37 -56.00
C GLY K 111 -24.44 -11.27 -56.13
N THR K 112 -24.96 -10.10 -55.75
CA THR K 112 -26.40 -9.83 -55.79
C THR K 112 -26.59 -8.38 -56.24
N THR K 113 -26.99 -8.20 -57.51
CA THR K 113 -27.22 -6.87 -58.06
C THR K 113 -28.60 -6.40 -57.63
N VAL K 114 -28.64 -5.33 -56.82
CA VAL K 114 -29.89 -4.78 -56.30
C VAL K 114 -30.16 -3.46 -57.02
N ILE K 115 -31.39 -3.26 -57.45
CA ILE K 115 -31.82 -2.04 -58.13
C ILE K 115 -32.94 -1.41 -57.32
N VAL K 116 -32.79 -0.12 -57.03
CA VAL K 116 -33.79 0.64 -56.28
C VAL K 116 -34.51 1.53 -57.28
N SER K 117 -35.72 1.13 -57.66
CA SER K 117 -36.50 1.87 -58.64
C SER K 117 -37.98 1.61 -58.41
N SER K 118 -38.81 2.59 -58.73
CA SER K 118 -40.25 2.46 -58.57
C SER K 118 -40.91 1.91 -59.82
N ASP L 1 -11.63 4.72 -41.10
CA ASP L 1 -10.50 5.44 -40.46
C ASP L 1 -9.21 5.07 -41.17
N VAL L 2 -9.03 3.78 -41.43
CA VAL L 2 -7.83 3.26 -42.09
C VAL L 2 -8.02 3.49 -43.59
N LEU L 3 -7.46 4.59 -44.10
CA LEU L 3 -7.54 4.90 -45.52
C LEU L 3 -6.53 4.04 -46.27
N MET L 4 -7.02 3.29 -47.25
CA MET L 4 -6.19 2.39 -48.04
C MET L 4 -5.97 3.03 -49.40
N THR L 5 -4.78 3.61 -49.60
CA THR L 5 -4.46 4.29 -50.83
C THR L 5 -3.75 3.33 -51.78
N GLN L 6 -4.27 3.23 -53.01
CA GLN L 6 -3.72 2.36 -54.04
C GLN L 6 -3.35 3.19 -55.25
N ASN L 7 -2.13 2.99 -55.76
CA ASN L 7 -1.64 3.67 -56.95
C ASN L 7 -0.88 2.67 -57.81
N PRO L 8 -0.86 2.86 -59.14
CA PRO L 8 -1.58 3.88 -59.92
C PRO L 8 -3.03 3.48 -60.19
N LEU L 9 -3.87 4.42 -60.61
CA LEU L 9 -5.25 4.06 -60.94
C LEU L 9 -5.28 3.08 -62.11
N SER L 10 -4.46 3.32 -63.13
CA SER L 10 -4.33 2.42 -64.27
C SER L 10 -2.86 2.05 -64.43
N LEU L 11 -2.59 0.78 -64.72
CA LEU L 11 -1.23 0.25 -64.79
C LEU L 11 -1.07 -0.51 -66.11
N PRO L 12 -0.86 0.20 -67.21
CA PRO L 12 -0.61 -0.48 -68.49
C PRO L 12 0.64 -1.35 -68.41
N VAL L 13 0.58 -2.49 -69.08
CA VAL L 13 1.69 -3.43 -69.11
C VAL L 13 1.56 -4.29 -70.35
N SER L 14 2.71 -4.68 -70.92
CA SER L 14 2.74 -5.56 -72.07
C SER L 14 2.79 -7.02 -71.62
N LEU L 15 2.32 -7.90 -72.50
CA LEU L 15 2.31 -9.32 -72.19
C LEU L 15 3.72 -9.81 -71.93
N GLY L 16 3.89 -10.56 -70.85
CA GLY L 16 5.19 -11.08 -70.48
C GLY L 16 6.06 -10.14 -69.68
N ASP L 17 5.60 -8.91 -69.43
CA ASP L 17 6.38 -7.95 -68.67
C ASP L 17 6.01 -8.04 -67.18
N GLN L 18 6.59 -7.15 -66.38
CA GLN L 18 6.34 -7.09 -64.96
C GLN L 18 5.59 -5.81 -64.62
N ALA L 19 4.51 -5.94 -63.86
CA ALA L 19 3.70 -4.80 -63.42
C ALA L 19 3.76 -4.73 -61.90
N SER L 20 3.98 -3.53 -61.37
CA SER L 20 4.10 -3.31 -59.94
C SER L 20 2.96 -2.43 -59.47
N ILE L 21 2.30 -2.85 -58.39
CA ILE L 21 1.19 -2.10 -57.80
C ILE L 21 1.60 -1.70 -56.39
N SER L 22 1.50 -0.41 -56.10
CA SER L 22 1.87 0.15 -54.80
C SER L 22 0.61 0.52 -54.04
N CYS L 23 0.57 0.18 -52.75
CA CYS L 23 -0.58 0.45 -51.90
C CYS L 23 -0.08 0.86 -50.54
N ARG L 24 -0.43 2.07 -50.10
CA ARG L 24 0.09 2.67 -48.88
C ARG L 24 -1.04 2.87 -47.87
N SER L 25 -0.76 2.52 -46.62
CA SER L 25 -1.72 2.66 -45.53
C SER L 25 -1.51 3.99 -44.81
N SER L 26 -2.62 4.57 -44.34
CA SER L 26 -2.54 5.82 -43.60
C SER L 26 -1.75 5.65 -42.30
N GLN L 27 -1.98 4.55 -41.60
CA GLN L 27 -1.32 4.26 -40.34
C GLN L 27 -0.81 2.83 -40.36
N SER L 28 -0.22 2.39 -39.24
CA SER L 28 0.32 1.05 -39.15
C SER L 28 -0.79 0.02 -39.18
N VAL L 29 -0.53 -1.10 -39.85
CA VAL L 29 -1.48 -2.20 -39.96
C VAL L 29 -1.10 -3.38 -39.08
N VAL L 30 0.10 -3.40 -38.51
CA VAL L 30 0.54 -4.54 -37.70
C VAL L 30 -0.35 -4.67 -36.49
N TYR L 31 -0.93 -5.85 -36.29
CA TYR L 31 -1.80 -6.12 -35.17
C TYR L 31 -0.97 -6.43 -33.92
N SER L 32 -1.65 -6.46 -32.76
CA SER L 32 -0.97 -6.76 -31.52
C SER L 32 -0.31 -8.14 -31.55
N ASP L 33 -0.91 -9.09 -32.28
CA ASP L 33 -0.34 -10.42 -32.38
C ASP L 33 1.00 -10.45 -33.12
N GLY L 34 1.33 -9.37 -33.83
CA GLY L 34 2.58 -9.27 -34.56
C GLY L 34 2.47 -9.50 -36.04
N ASN L 35 1.31 -9.91 -36.54
CA ASN L 35 1.11 -10.16 -37.96
C ASN L 35 0.36 -9.00 -38.60
N ALA L 36 0.71 -8.74 -39.86
CA ALA L 36 0.08 -7.69 -40.66
C ALA L 36 -0.87 -8.36 -41.64
N TYR L 37 -2.17 -8.14 -41.46
CA TYR L 37 -3.19 -8.77 -42.30
C TYR L 37 -3.59 -7.81 -43.41
N LEU L 38 -2.76 -7.78 -44.46
CA LEU L 38 -3.06 -7.03 -45.68
C LEU L 38 -3.15 -8.02 -46.83
N GLU L 39 -4.27 -7.99 -47.54
CA GLU L 39 -4.57 -8.95 -48.59
C GLU L 39 -4.77 -8.22 -49.92
N TRP L 40 -4.42 -8.90 -51.00
CA TRP L 40 -4.62 -8.41 -52.36
C TRP L 40 -5.70 -9.23 -53.03
N TYR L 41 -6.67 -8.56 -53.64
CA TYR L 41 -7.81 -9.22 -54.27
C TYR L 41 -7.95 -8.74 -55.71
N LEU L 42 -8.33 -9.64 -56.60
CA LEU L 42 -8.48 -9.37 -58.02
C LEU L 42 -9.91 -9.67 -58.45
N GLN L 43 -10.50 -8.75 -59.20
CA GLN L 43 -11.85 -8.88 -59.71
C GLN L 43 -11.81 -8.87 -61.23
N LYS L 44 -12.21 -9.98 -61.85
CA LYS L 44 -12.30 -10.02 -63.29
C LYS L 44 -13.65 -9.46 -63.76
N PRO L 45 -13.74 -8.95 -64.98
CA PRO L 45 -15.04 -8.50 -65.49
C PRO L 45 -16.05 -9.64 -65.47
N GLY L 46 -17.12 -9.44 -64.72
CA GLY L 46 -18.17 -10.44 -64.61
C GLY L 46 -17.89 -11.56 -63.63
N GLN L 47 -16.90 -11.40 -62.75
CA GLN L 47 -16.57 -12.41 -61.76
C GLN L 47 -16.38 -11.75 -60.40
N SER L 48 -16.63 -12.52 -59.34
CA SER L 48 -16.50 -12.01 -58.00
C SER L 48 -15.03 -11.86 -57.61
N PRO L 49 -14.72 -11.03 -56.63
CA PRO L 49 -13.31 -10.88 -56.21
C PRO L 49 -12.72 -12.21 -55.76
N LYS L 50 -11.44 -12.39 -56.06
CA LYS L 50 -10.72 -13.62 -55.77
C LYS L 50 -9.48 -13.29 -54.94
N LEU L 51 -9.28 -14.05 -53.87
CA LEU L 51 -8.09 -13.88 -53.04
C LEU L 51 -6.85 -14.34 -53.79
N LEU L 52 -5.76 -13.57 -53.67
CA LEU L 52 -4.49 -13.90 -54.29
C LEU L 52 -3.42 -14.22 -53.27
N ILE L 53 -3.13 -13.30 -52.36
CA ILE L 53 -2.10 -13.45 -51.34
C ILE L 53 -2.71 -13.08 -50.00
N TYR L 54 -2.38 -13.83 -48.95
CA TYR L 54 -2.78 -13.51 -47.60
C TYR L 54 -1.55 -13.33 -46.73
N LYS L 55 -1.65 -12.39 -45.77
CA LYS L 55 -0.56 -11.93 -44.92
C LYS L 55 0.42 -11.04 -45.68
N ALA L 56 0.13 -10.69 -46.94
CA ALA L 56 0.95 -9.78 -47.73
C ALA L 56 2.25 -10.43 -48.18
N SER L 57 2.50 -11.66 -47.74
CA SER L 57 3.69 -12.41 -48.15
C SER L 57 3.38 -13.83 -48.56
N ASN L 58 2.41 -14.47 -47.92
CA ASN L 58 2.09 -15.86 -48.20
C ASN L 58 1.18 -16.00 -49.42
N ARG L 59 1.39 -17.06 -50.18
CA ARG L 59 0.59 -17.31 -51.38
C ARG L 59 -0.69 -18.03 -50.98
N PHE L 60 -1.81 -17.64 -51.60
CA PHE L 60 -3.12 -18.14 -51.19
C PHE L 60 -3.18 -19.66 -51.26
N SER L 61 -3.05 -20.22 -52.46
CA SER L 61 -3.07 -21.67 -52.64
C SER L 61 -2.53 -21.98 -54.02
N GLY L 62 -1.22 -22.27 -54.10
CA GLY L 62 -0.61 -22.64 -55.36
C GLY L 62 -0.80 -21.62 -56.45
N VAL L 63 -0.96 -20.35 -56.07
CA VAL L 63 -1.06 -19.26 -57.05
C VAL L 63 0.31 -19.11 -57.68
N PRO L 64 0.43 -18.54 -58.88
CA PRO L 64 1.71 -18.61 -59.59
C PRO L 64 2.82 -17.91 -58.84
N ASP L 65 4.04 -18.42 -59.00
CA ASP L 65 5.22 -17.73 -58.47
C ASP L 65 5.35 -16.33 -59.06
N ARG L 66 4.71 -16.08 -60.20
CA ARG L 66 4.65 -14.74 -60.75
C ARG L 66 4.05 -13.76 -59.74
N PHE L 67 2.96 -14.17 -59.09
CA PHE L 67 2.29 -13.34 -58.09
C PHE L 67 3.11 -13.38 -56.81
N SER L 68 3.84 -12.30 -56.54
CA SER L 68 4.66 -12.18 -55.33
C SER L 68 4.43 -10.81 -54.73
N ALA L 69 4.18 -10.77 -53.42
CA ALA L 69 3.91 -9.54 -52.71
C ALA L 69 4.98 -9.31 -51.64
N SER L 70 5.22 -8.03 -51.34
CA SER L 70 6.22 -7.65 -50.35
C SER L 70 5.90 -6.25 -49.86
N GLY L 71 6.57 -5.86 -48.79
CA GLY L 71 6.40 -4.56 -48.18
C GLY L 71 6.41 -4.67 -46.67
N SER L 72 6.12 -3.55 -46.01
CA SER L 72 6.11 -3.53 -44.55
C SER L 72 5.43 -2.27 -44.03
N GLY L 73 4.51 -2.44 -43.08
CA GLY L 73 3.88 -1.32 -42.41
C GLY L 73 3.15 -0.36 -43.34
N THR L 74 3.66 0.86 -43.45
CA THR L 74 2.97 1.88 -44.23
C THR L 74 2.92 1.51 -45.72
N ASP L 75 4.01 0.97 -46.25
CA ASP L 75 4.14 0.70 -47.67
C ASP L 75 4.00 -0.79 -47.94
N PHE L 76 3.15 -1.14 -48.91
CA PHE L 76 2.99 -2.50 -49.37
C PHE L 76 2.90 -2.51 -50.89
N THR L 77 3.57 -3.47 -51.51
CA THR L 77 3.64 -3.55 -52.97
C THR L 77 3.36 -4.98 -53.42
N LEU L 78 2.60 -5.11 -54.50
CA LEU L 78 2.34 -6.39 -55.14
C LEU L 78 2.97 -6.40 -56.52
N ARG L 79 3.76 -7.43 -56.80
CA ARG L 79 4.45 -7.57 -58.08
C ARG L 79 3.88 -8.77 -58.83
N ILE L 80 3.64 -8.59 -60.13
CA ILE L 80 3.17 -9.65 -61.01
C ILE L 80 4.15 -9.75 -62.16
N SER L 81 4.79 -10.91 -62.30
CA SER L 81 5.76 -11.17 -63.35
C SER L 81 5.10 -11.93 -64.48
N ARG L 82 5.71 -11.85 -65.67
CA ARG L 82 5.25 -12.58 -66.84
C ARG L 82 3.73 -12.44 -67.00
N VAL L 83 3.30 -11.20 -67.18
CA VAL L 83 1.87 -10.89 -67.25
C VAL L 83 1.23 -11.74 -68.34
N GLU L 84 0.08 -12.33 -68.01
CA GLU L 84 -0.68 -13.17 -68.93
C GLU L 84 -2.05 -12.55 -69.16
N THR L 85 -2.75 -13.08 -70.18
CA THR L 85 -4.06 -12.55 -70.52
C THR L 85 -5.07 -12.79 -69.41
N GLU L 86 -4.91 -13.87 -68.63
CA GLU L 86 -5.83 -14.17 -67.55
C GLU L 86 -5.66 -13.23 -66.36
N ASP L 87 -4.63 -12.40 -66.35
CA ASP L 87 -4.39 -11.47 -65.26
C ASP L 87 -5.18 -10.16 -65.40
N LEU L 88 -5.91 -9.99 -66.49
CA LEU L 88 -6.70 -8.77 -66.68
C LEU L 88 -7.77 -8.67 -65.60
N GLY L 89 -7.92 -7.47 -65.05
CA GLY L 89 -8.92 -7.22 -64.04
C GLY L 89 -8.49 -6.08 -63.14
N LEU L 90 -9.25 -5.90 -62.06
CA LEU L 90 -9.00 -4.85 -61.09
C LEU L 90 -8.34 -5.45 -59.85
N TYR L 91 -7.18 -4.91 -59.49
CA TYR L 91 -6.44 -5.35 -58.30
C TYR L 91 -6.79 -4.44 -57.14
N TYR L 92 -7.14 -5.05 -55.99
CA TYR L 92 -7.51 -4.31 -54.81
C TYR L 92 -6.71 -4.79 -53.62
N CYS L 93 -6.09 -3.86 -52.89
CA CYS L 93 -5.42 -4.16 -51.64
C CYS L 93 -6.37 -3.93 -50.48
N PHE L 94 -6.23 -4.75 -49.44
CA PHE L 94 -7.17 -4.74 -48.32
C PHE L 94 -6.44 -5.08 -47.03
N GLN L 95 -6.67 -4.27 -46.00
CA GLN L 95 -6.14 -4.52 -44.68
C GLN L 95 -7.24 -5.04 -43.78
N GLY L 96 -6.88 -5.99 -42.90
CA GLY L 96 -7.87 -6.67 -42.09
C GLY L 96 -7.53 -6.75 -40.62
N THR L 97 -6.93 -5.70 -40.06
CA THR L 97 -6.55 -5.67 -38.66
C THR L 97 -7.36 -4.70 -37.83
N HIS L 98 -7.68 -3.53 -38.36
CA HIS L 98 -8.41 -2.49 -37.63
C HIS L 98 -9.82 -2.36 -38.19
N ILE L 99 -10.80 -2.40 -37.29
CA ILE L 99 -12.21 -2.31 -37.67
C ILE L 99 -12.62 -0.84 -37.66
N PRO L 100 -13.34 -0.35 -38.69
CA PRO L 100 -13.77 -1.07 -39.90
C PRO L 100 -12.64 -1.31 -40.88
N TYR L 101 -12.63 -2.46 -41.54
CA TYR L 101 -11.65 -2.69 -42.60
C TYR L 101 -11.99 -1.88 -43.83
N THR L 102 -10.99 -1.65 -44.68
CA THR L 102 -11.15 -0.86 -45.88
C THR L 102 -10.45 -1.54 -47.04
N PHE L 103 -10.92 -1.25 -48.25
CA PHE L 103 -10.35 -1.76 -49.48
C PHE L 103 -9.53 -0.68 -50.17
N GLY L 104 -8.60 -1.12 -51.01
CA GLY L 104 -7.77 -0.19 -51.74
C GLY L 104 -8.55 0.59 -52.78
N GLY L 105 -7.94 1.69 -53.23
CA GLY L 105 -8.59 2.49 -54.26
C GLY L 105 -8.86 1.71 -55.53
N GLY L 106 -7.94 0.82 -55.89
CA GLY L 106 -8.11 -0.04 -57.05
C GLY L 106 -7.13 0.34 -58.14
N THR L 107 -6.52 -0.68 -58.75
CA THR L 107 -5.61 -0.51 -59.87
C THR L 107 -6.13 -1.34 -61.03
N LYS L 108 -6.33 -0.69 -62.18
CA LYS L 108 -6.87 -1.36 -63.36
C LYS L 108 -5.70 -1.80 -64.24
N LEU L 109 -5.44 -3.10 -64.26
CA LEU L 109 -4.40 -3.65 -65.12
C LEU L 109 -4.85 -3.59 -66.57
N GLU L 110 -3.98 -3.06 -67.43
CA GLU L 110 -4.27 -2.93 -68.86
C GLU L 110 -3.16 -3.61 -69.64
N MET L 111 -3.53 -4.61 -70.43
CA MET L 111 -2.57 -5.28 -71.31
C MET L 111 -2.38 -4.45 -72.59
N LYS L 112 -1.19 -4.56 -73.17
CA LYS L 112 -0.79 -3.77 -74.32
C LYS L 112 -0.66 -4.66 -75.54
N ARG L 113 -1.16 -4.17 -76.68
CA ARG L 113 -1.02 -4.87 -77.94
C ARG L 113 -0.13 -4.07 -78.91
#